data_2XBT
# 
_entry.id   2XBT 
# 
_audit_conform.dict_name       mmcif_pdbx.dic 
_audit_conform.dict_version    5.383 
_audit_conform.dict_location   http://mmcif.pdb.org/dictionaries/ascii/mmcif_pdbx.dic 
# 
loop_
_database_2.database_id 
_database_2.database_code 
_database_2.pdbx_database_accession 
_database_2.pdbx_DOI 
PDB   2XBT         pdb_00002xbt 10.2210/pdb2xbt/pdb 
PDBE  EBI-43646    ?            ?                   
WWPDB D_1290043646 ?            ?                   
# 
loop_
_pdbx_database_related.db_name 
_pdbx_database_related.db_id 
_pdbx_database_related.content_type 
_pdbx_database_related.details 
PDB 1TYJ unspecified 'CRYSTAL STRUCTURE ANALYSIS OF TYPE II COHESIN A11 FROMBACTEROIDES CELLULOSOLVENS' 
PDB 2Y3N unspecified 'TYPE II COHESIN-DOCKERIN DOMAIN FROM BACTEROIDES CELLOLOSOLVENS'                  
# 
_pdbx_database_status.status_code                     REL 
_pdbx_database_status.entry_id                        2XBT 
_pdbx_database_status.deposit_site                    PDBE 
_pdbx_database_status.process_site                    PDBE 
_pdbx_database_status.SG_entry                        . 
_pdbx_database_status.recvd_initial_deposition_date   2010-04-15 
_pdbx_database_status.pdb_format_compatible           Y 
_pdbx_database_status.status_code_sf                  REL 
_pdbx_database_status.status_code_mr                  ? 
_pdbx_database_status.status_code_cs                  ? 
_pdbx_database_status.methods_development_category    ? 
_pdbx_database_status.status_code_nmr_data            ? 
# 
loop_
_audit_author.name 
_audit_author.pdbx_ordinal 
'Yaniv, O.'      1 
'Shimon, L.J.W.' 2 
'Bayer, E.A.'    3 
'Lamed, R.'      4 
'Frolow, F.'     5 
# 
_citation.id                        primary 
_citation.title                     
;Scaffoldin-Borne Family 3B Carbohydrate-Binding Module from the Cellulosome of Bacteroides Cellulosolvens: Structural Diversity and Significance of Calcium for Carbohydrate Binding
;
_citation.journal_abbrev            'Acta Crystallogr.,Sect.D' 
_citation.journal_volume            67 
_citation.page_first                506 
_citation.page_last                 ? 
_citation.year                      2011 
_citation.journal_id_ASTM           ABCRE6 
_citation.country                   DK 
_citation.journal_id_ISSN           0907-4449 
_citation.journal_id_CSD            0766 
_citation.book_publisher            ? 
_citation.pdbx_database_id_PubMed   21636890 
_citation.pdbx_database_id_DOI      10.1107/S0907444911011322 
# 
loop_
_citation_author.citation_id 
_citation_author.name 
_citation_author.ordinal 
_citation_author.identifier_ORCID 
primary 'Yaniv, O.'      1 ? 
primary 'Shimon, L.J.W.' 2 ? 
primary 'Bayer, E.A.'    3 ? 
primary 'Lamed, R.'      4 ? 
primary 'Frolow, F.'     5 ? 
# 
_cell.entry_id           2XBT 
_cell.length_a           83.193 
_cell.length_b           83.193 
_cell.length_c           96.139 
_cell.angle_alpha        90.00 
_cell.angle_beta         90.00 
_cell.angle_gamma        90.00 
_cell.Z_PDB              16 
_cell.pdbx_unique_axis   ? 
# 
_symmetry.entry_id                         2XBT 
_symmetry.space_group_name_H-M             'I 41 2 2' 
_symmetry.pdbx_full_space_group_name_H-M   ? 
_symmetry.cell_setting                     ? 
_symmetry.Int_Tables_number                98 
# 
loop_
_entity.id 
_entity.type 
_entity.src_method 
_entity.pdbx_description 
_entity.formula_weight 
_entity.pdbx_number_of_molecules 
_entity.pdbx_ec 
_entity.pdbx_mutation 
_entity.pdbx_fragment 
_entity.details 
1 polymer     man 'CELLULOSOMAL SCAFFOLDIN' 17357.129 1   ? ? 'RESIDUES 958-1115' ? 
2 non-polymer syn 'NITRATE ION'             62.005    1   ? ? ?                   ? 
3 water       nat water                     18.015    135 ? ? ?                   ? 
# 
_entity_name_com.entity_id   1 
_entity_name_com.name        'SCAFFOLDIN PROTEIN' 
# 
_entity_poly.entity_id                      1 
_entity_poly.type                           'polypeptide(L)' 
_entity_poly.nstd_linkage                   no 
_entity_poly.nstd_monomer                   no 
_entity_poly.pdbx_seq_one_letter_code       
;MGPVQVNSDLKLLFSNNGAAASSNQIYMNMKLQNTGSSTYDLSKITIRYFYTSDDDKALTYYSDYVSIGSASATFNNLSP
VHAKANKYIEIKLASGTLGAAGAQWPSQSEVTIQGRVAKADWTNVDQSNDYSYPGSMSQFGENKLVAVYYNGALVYGTPP
;
_entity_poly.pdbx_seq_one_letter_code_can   
;MGPVQVNSDLKLLFSNNGAAASSNQIYMNMKLQNTGSSTYDLSKITIRYFYTSDDDKALTYYSDYVSIGSASATFNNLSP
VHAKANKYIEIKLASGTLGAAGAQWPSQSEVTIQGRVAKADWTNVDQSNDYSYPGSMSQFGENKLVAVYYNGALVYGTPP
;
_entity_poly.pdbx_strand_id                 A 
_entity_poly.pdbx_target_identifier         ? 
# 
loop_
_entity_poly_seq.entity_id 
_entity_poly_seq.num 
_entity_poly_seq.mon_id 
_entity_poly_seq.hetero 
1 1   MET n 
1 2   GLY n 
1 3   PRO n 
1 4   VAL n 
1 5   GLN n 
1 6   VAL n 
1 7   ASN n 
1 8   SER n 
1 9   ASP n 
1 10  LEU n 
1 11  LYS n 
1 12  LEU n 
1 13  LEU n 
1 14  PHE n 
1 15  SER n 
1 16  ASN n 
1 17  ASN n 
1 18  GLY n 
1 19  ALA n 
1 20  ALA n 
1 21  ALA n 
1 22  SER n 
1 23  SER n 
1 24  ASN n 
1 25  GLN n 
1 26  ILE n 
1 27  TYR n 
1 28  MET n 
1 29  ASN n 
1 30  MET n 
1 31  LYS n 
1 32  LEU n 
1 33  GLN n 
1 34  ASN n 
1 35  THR n 
1 36  GLY n 
1 37  SER n 
1 38  SER n 
1 39  THR n 
1 40  TYR n 
1 41  ASP n 
1 42  LEU n 
1 43  SER n 
1 44  LYS n 
1 45  ILE n 
1 46  THR n 
1 47  ILE n 
1 48  ARG n 
1 49  TYR n 
1 50  PHE n 
1 51  TYR n 
1 52  THR n 
1 53  SER n 
1 54  ASP n 
1 55  ASP n 
1 56  ASP n 
1 57  LYS n 
1 58  ALA n 
1 59  LEU n 
1 60  THR n 
1 61  TYR n 
1 62  TYR n 
1 63  SER n 
1 64  ASP n 
1 65  TYR n 
1 66  VAL n 
1 67  SER n 
1 68  ILE n 
1 69  GLY n 
1 70  SER n 
1 71  ALA n 
1 72  SER n 
1 73  ALA n 
1 74  THR n 
1 75  PHE n 
1 76  ASN n 
1 77  ASN n 
1 78  LEU n 
1 79  SER n 
1 80  PRO n 
1 81  VAL n 
1 82  HIS n 
1 83  ALA n 
1 84  LYS n 
1 85  ALA n 
1 86  ASN n 
1 87  LYS n 
1 88  TYR n 
1 89  ILE n 
1 90  GLU n 
1 91  ILE n 
1 92  LYS n 
1 93  LEU n 
1 94  ALA n 
1 95  SER n 
1 96  GLY n 
1 97  THR n 
1 98  LEU n 
1 99  GLY n 
1 100 ALA n 
1 101 ALA n 
1 102 GLY n 
1 103 ALA n 
1 104 GLN n 
1 105 TRP n 
1 106 PRO n 
1 107 SER n 
1 108 GLN n 
1 109 SER n 
1 110 GLU n 
1 111 VAL n 
1 112 THR n 
1 113 ILE n 
1 114 GLN n 
1 115 GLY n 
1 116 ARG n 
1 117 VAL n 
1 118 ALA n 
1 119 LYS n 
1 120 ALA n 
1 121 ASP n 
1 122 TRP n 
1 123 THR n 
1 124 ASN n 
1 125 VAL n 
1 126 ASP n 
1 127 GLN n 
1 128 SER n 
1 129 ASN n 
1 130 ASP n 
1 131 TYR n 
1 132 SER n 
1 133 TYR n 
1 134 PRO n 
1 135 GLY n 
1 136 SER n 
1 137 MET n 
1 138 SER n 
1 139 GLN n 
1 140 PHE n 
1 141 GLY n 
1 142 GLU n 
1 143 ASN n 
1 144 LYS n 
1 145 LEU n 
1 146 VAL n 
1 147 ALA n 
1 148 VAL n 
1 149 TYR n 
1 150 TYR n 
1 151 ASN n 
1 152 GLY n 
1 153 ALA n 
1 154 LEU n 
1 155 VAL n 
1 156 TYR n 
1 157 GLY n 
1 158 THR n 
1 159 PRO n 
1 160 PRO n 
# 
_entity_src_gen.entity_id                          1 
_entity_src_gen.pdbx_src_id                        1 
_entity_src_gen.pdbx_alt_source_flag               sample 
_entity_src_gen.pdbx_seq_type                      ? 
_entity_src_gen.pdbx_beg_seq_num                   ? 
_entity_src_gen.pdbx_end_seq_num                   ? 
_entity_src_gen.gene_src_common_name               ? 
_entity_src_gen.gene_src_genus                     ? 
_entity_src_gen.pdbx_gene_src_gene                 ? 
_entity_src_gen.gene_src_species                   ? 
_entity_src_gen.gene_src_strain                    ? 
_entity_src_gen.gene_src_tissue                    ? 
_entity_src_gen.gene_src_tissue_fraction           ? 
_entity_src_gen.gene_src_details                   ? 
_entity_src_gen.pdbx_gene_src_fragment             ? 
_entity_src_gen.pdbx_gene_src_scientific_name      'BACTEROIDES CELLULOSOLVENS' 
_entity_src_gen.pdbx_gene_src_ncbi_taxonomy_id     35825 
_entity_src_gen.pdbx_gene_src_variant              ? 
_entity_src_gen.pdbx_gene_src_cell_line            ? 
_entity_src_gen.pdbx_gene_src_atcc                 35603 
_entity_src_gen.pdbx_gene_src_organ                ? 
_entity_src_gen.pdbx_gene_src_organelle            ? 
_entity_src_gen.pdbx_gene_src_cell                 ? 
_entity_src_gen.pdbx_gene_src_cellular_location    ? 
_entity_src_gen.host_org_common_name               ? 
_entity_src_gen.pdbx_host_org_scientific_name      'ESCHERICHIA COLI' 
_entity_src_gen.pdbx_host_org_ncbi_taxonomy_id     469008 
_entity_src_gen.host_org_genus                     ? 
_entity_src_gen.pdbx_host_org_gene                 ? 
_entity_src_gen.pdbx_host_org_organ                ? 
_entity_src_gen.host_org_species                   ? 
_entity_src_gen.pdbx_host_org_tissue               ? 
_entity_src_gen.pdbx_host_org_tissue_fraction      ? 
_entity_src_gen.pdbx_host_org_strain               'BL21(DE3)' 
_entity_src_gen.pdbx_host_org_variant              ? 
_entity_src_gen.pdbx_host_org_cell_line            ? 
_entity_src_gen.pdbx_host_org_atcc                 ? 
_entity_src_gen.pdbx_host_org_culture_collection   ? 
_entity_src_gen.pdbx_host_org_cell                 ? 
_entity_src_gen.pdbx_host_org_organelle            ? 
_entity_src_gen.pdbx_host_org_cellular_location    ? 
_entity_src_gen.pdbx_host_org_vector_type          PLASMID 
_entity_src_gen.pdbx_host_org_vector               PET28A 
_entity_src_gen.host_org_details                   ? 
_entity_src_gen.expression_system_id               ? 
_entity_src_gen.plasmid_name                       ? 
_entity_src_gen.plasmid_details                    ? 
_entity_src_gen.pdbx_description                   'GERMAN COLLECTION OF MICROORGANISMS (DSMZ)' 
# 
_struct_ref.id                         1 
_struct_ref.db_name                    UNP 
_struct_ref.db_code                    Q9FDJ9_9FIRM 
_struct_ref.entity_id                  1 
_struct_ref.pdbx_seq_one_letter_code   ? 
_struct_ref.pdbx_align_begin           ? 
_struct_ref.pdbx_db_accession          Q9FDJ9 
_struct_ref.pdbx_db_isoform            ? 
# 
_struct_ref_seq.align_id                      1 
_struct_ref_seq.ref_id                        1 
_struct_ref_seq.pdbx_PDB_id_code              2XBT 
_struct_ref_seq.pdbx_strand_id                A 
_struct_ref_seq.seq_align_beg                 3 
_struct_ref_seq.pdbx_seq_align_beg_ins_code   ? 
_struct_ref_seq.seq_align_end                 160 
_struct_ref_seq.pdbx_seq_align_end_ins_code   ? 
_struct_ref_seq.pdbx_db_accession             Q9FDJ9 
_struct_ref_seq.db_align_beg                  958 
_struct_ref_seq.pdbx_db_align_beg_ins_code    ? 
_struct_ref_seq.db_align_end                  1115 
_struct_ref_seq.pdbx_db_align_end_ins_code    ? 
_struct_ref_seq.pdbx_auth_seq_align_beg       3 
_struct_ref_seq.pdbx_auth_seq_align_end       160 
# 
loop_
_struct_ref_seq_dif.align_id 
_struct_ref_seq_dif.pdbx_pdb_id_code 
_struct_ref_seq_dif.mon_id 
_struct_ref_seq_dif.pdbx_pdb_strand_id 
_struct_ref_seq_dif.seq_num 
_struct_ref_seq_dif.pdbx_pdb_ins_code 
_struct_ref_seq_dif.pdbx_seq_db_name 
_struct_ref_seq_dif.pdbx_seq_db_accession_code 
_struct_ref_seq_dif.db_mon_id 
_struct_ref_seq_dif.pdbx_seq_db_seq_num 
_struct_ref_seq_dif.details 
_struct_ref_seq_dif.pdbx_auth_seq_num 
_struct_ref_seq_dif.pdbx_ordinal 
1 2XBT MET A 1  ? UNP Q9FDJ9 ?   ?   'expression tag' 1  1 
1 2XBT GLY A 2  ? UNP Q9FDJ9 ?   ?   'expression tag' 2  2 
1 2XBT TYR A 27 ? UNP Q9FDJ9 CYS 982 conflict         27 3 
# 
loop_
_chem_comp.id 
_chem_comp.type 
_chem_comp.mon_nstd_flag 
_chem_comp.name 
_chem_comp.pdbx_synonyms 
_chem_comp.formula 
_chem_comp.formula_weight 
ALA 'L-peptide linking' y ALANINE         ? 'C3 H7 N O2'     89.093  
ARG 'L-peptide linking' y ARGININE        ? 'C6 H15 N4 O2 1' 175.209 
ASN 'L-peptide linking' y ASPARAGINE      ? 'C4 H8 N2 O3'    132.118 
ASP 'L-peptide linking' y 'ASPARTIC ACID' ? 'C4 H7 N O4'     133.103 
CYS 'L-peptide linking' y CYSTEINE        ? 'C3 H7 N O2 S'   121.158 
GLN 'L-peptide linking' y GLUTAMINE       ? 'C5 H10 N2 O3'   146.144 
GLU 'L-peptide linking' y 'GLUTAMIC ACID' ? 'C5 H9 N O4'     147.129 
GLY 'peptide linking'   y GLYCINE         ? 'C2 H5 N O2'     75.067  
HIS 'L-peptide linking' y HISTIDINE       ? 'C6 H10 N3 O2 1' 156.162 
HOH non-polymer         . WATER           ? 'H2 O'           18.015  
ILE 'L-peptide linking' y ISOLEUCINE      ? 'C6 H13 N O2'    131.173 
LEU 'L-peptide linking' y LEUCINE         ? 'C6 H13 N O2'    131.173 
LYS 'L-peptide linking' y LYSINE          ? 'C6 H15 N2 O2 1' 147.195 
MET 'L-peptide linking' y METHIONINE      ? 'C5 H11 N O2 S'  149.211 
NO3 non-polymer         . 'NITRATE ION'   ? 'N O3 -1'        62.005  
PHE 'L-peptide linking' y PHENYLALANINE   ? 'C9 H11 N O2'    165.189 
PRO 'L-peptide linking' y PROLINE         ? 'C5 H9 N O2'     115.130 
SER 'L-peptide linking' y SERINE          ? 'C3 H7 N O3'     105.093 
THR 'L-peptide linking' y THREONINE       ? 'C4 H9 N O3'     119.119 
TRP 'L-peptide linking' y TRYPTOPHAN      ? 'C11 H12 N2 O2'  204.225 
TYR 'L-peptide linking' y TYROSINE        ? 'C9 H11 N O3'    181.189 
VAL 'L-peptide linking' y VALINE          ? 'C5 H11 N O2'    117.146 
# 
_exptl.entry_id          2XBT 
_exptl.method            'X-RAY DIFFRACTION' 
_exptl.crystals_number   1 
# 
_exptl_crystal.id                    1 
_exptl_crystal.density_meas          ? 
_exptl_crystal.density_Matthews      2.41 
_exptl_crystal.density_percent_sol   49 
_exptl_crystal.description           NONE 
# 
_exptl_crystal_grow.crystal_id      1 
_exptl_crystal_grow.method          ? 
_exptl_crystal_grow.temp            ? 
_exptl_crystal_grow.temp_details    ? 
_exptl_crystal_grow.pH              7 
_exptl_crystal_grow.pdbx_pH_range   ? 
_exptl_crystal_grow.pdbx_details    '1.0 M AMMONIUM SULFATE, 0.1 M HEPES PH 7.0, 0.5% (W/V) POLYETHYLENE GLYCOL 8000' 
# 
_diffrn.id                     1 
_diffrn.ambient_temp           100 
_diffrn.ambient_temp_details   ? 
_diffrn.crystal_id             1 
# 
_diffrn_detector.diffrn_id              1 
_diffrn_detector.detector               CCD 
_diffrn_detector.type                   'ADSC CCD' 
_diffrn_detector.pdbx_collection_date   2009-09-07 
_diffrn_detector.details                MIRRORS 
# 
_diffrn_radiation.diffrn_id                        1 
_diffrn_radiation.wavelength_id                    1 
_diffrn_radiation.pdbx_monochromatic_or_laue_m_l   M 
_diffrn_radiation.monochromator                    'SAGITALLY FOCUSED SI(111)' 
_diffrn_radiation.pdbx_diffrn_protocol             'SINGLE WAVELENGTH' 
_diffrn_radiation.pdbx_scattering_type             x-ray 
# 
_diffrn_radiation_wavelength.id           1 
_diffrn_radiation_wavelength.wavelength   0.9763 
_diffrn_radiation_wavelength.wt           1.0 
# 
_diffrn_source.diffrn_id                   1 
_diffrn_source.source                      SYNCHROTRON 
_diffrn_source.type                        'ESRF BEAMLINE ID29' 
_diffrn_source.pdbx_synchrotron_site       ESRF 
_diffrn_source.pdbx_synchrotron_beamline   ID29 
_diffrn_source.pdbx_wavelength             0.9763 
_diffrn_source.pdbx_wavelength_list        ? 
# 
_reflns.pdbx_diffrn_id               1 
_reflns.pdbx_ordinal                 1 
_reflns.entry_id                     2XBT 
_reflns.observed_criterion_sigma_I   0.0 
_reflns.observed_criterion_sigma_F   ? 
_reflns.d_resolution_low             50.00 
_reflns.d_resolution_high            1.83 
_reflns.number_obs                   15209 
_reflns.number_all                   ? 
_reflns.percent_possible_obs         98.3 
_reflns.pdbx_Rmerge_I_obs            0.08 
_reflns.pdbx_Rsym_value              0.08 
_reflns.pdbx_netI_over_sigmaI        29.20 
_reflns.B_iso_Wilson_estimate        25.6 
_reflns.pdbx_redundancy              8.64 
# 
_reflns_shell.pdbx_diffrn_id         1 
_reflns_shell.pdbx_ordinal           1 
_reflns_shell.d_res_high             1.83 
_reflns_shell.d_res_low              1.86 
_reflns_shell.percent_possible_all   97.0 
_reflns_shell.Rmerge_I_obs           0.54 
_reflns_shell.pdbx_Rsym_value        0.54 
_reflns_shell.meanI_over_sigI_obs    1.90 
_reflns_shell.pdbx_redundancy        4.5 
# 
_refine.pdbx_refine_id                           'X-RAY DIFFRACTION' 
_refine.entry_id                                 2XBT 
_refine.pdbx_diffrn_id                           1 
_refine.pdbx_TLS_residual_ADP_flag               ? 
_refine.ls_number_reflns_obs                     14099 
_refine.ls_number_reflns_all                     ? 
_refine.pdbx_ls_sigma_I                          ? 
_refine.pdbx_ls_sigma_F                          0.20 
_refine.pdbx_data_cutoff_high_absF               ? 
_refine.pdbx_data_cutoff_low_absF                ? 
_refine.pdbx_data_cutoff_high_rms_absF           ? 
_refine.ls_d_res_low                             34.697 
_refine.ls_d_res_high                            1.832 
_refine.ls_percent_reflns_obs                    92.78 
_refine.ls_R_factor_obs                          0.1963 
_refine.ls_R_factor_all                          ? 
_refine.ls_R_factor_R_work                       0.1913 
_refine.ls_R_factor_R_free                       0.2416 
_refine.ls_R_factor_R_free_error                 ? 
_refine.ls_R_factor_R_free_error_details         ? 
_refine.ls_percent_reflns_R_free                 9.9 
_refine.ls_number_reflns_R_free                  1396 
_refine.ls_number_parameters                     ? 
_refine.ls_number_restraints                     ? 
_refine.occupancy_min                            ? 
_refine.occupancy_max                            ? 
_refine.correlation_coeff_Fo_to_Fc               ? 
_refine.correlation_coeff_Fo_to_Fc_free          ? 
_refine.B_iso_mean                               23.07 
_refine.aniso_B[1][1]                            0.3177 
_refine.aniso_B[2][2]                            0.3177 
_refine.aniso_B[3][3]                            -0.6354 
_refine.aniso_B[1][2]                            0.0000 
_refine.aniso_B[1][3]                            0.0000 
_refine.aniso_B[2][3]                            0.0000 
_refine.solvent_model_details                    'FLAT BULK SOLVENT MODEL' 
_refine.solvent_model_param_ksol                 0.365 
_refine.solvent_model_param_bsol                 43.694 
_refine.pdbx_solvent_vdw_probe_radii             1.11 
_refine.pdbx_solvent_ion_probe_radii             ? 
_refine.pdbx_solvent_shrinkage_radii             0.90 
_refine.pdbx_ls_cross_valid_method               ? 
_refine.details                                  ? 
_refine.pdbx_starting_model                      'PDB ENTRY 1NBC' 
_refine.pdbx_method_to_determine_struct          'MOLECULAR REPLACEMENT' 
_refine.pdbx_isotropic_thermal_model             ? 
_refine.pdbx_stereochemistry_target_values       ML 
_refine.pdbx_stereochem_target_val_spec_case     ? 
_refine.pdbx_R_Free_selection_details            ? 
_refine.pdbx_overall_ESU_R                       ? 
_refine.pdbx_overall_ESU_R_Free                  ? 
_refine.overall_SU_ML                            0.22 
_refine.pdbx_overall_phase_error                 22.67 
_refine.overall_SU_B                             ? 
_refine.overall_SU_R_Cruickshank_DPI             ? 
_refine.pdbx_overall_SU_R_free_Cruickshank_DPI   ? 
_refine.pdbx_overall_SU_R_Blow_DPI               ? 
_refine.pdbx_overall_SU_R_free_Blow_DPI          ? 
# 
_refine_hist.pdbx_refine_id                   'X-RAY DIFFRACTION' 
_refine_hist.cycle_id                         LAST 
_refine_hist.pdbx_number_atoms_protein        1211 
_refine_hist.pdbx_number_atoms_nucleic_acid   0 
_refine_hist.pdbx_number_atoms_ligand         4 
_refine_hist.number_atoms_solvent             135 
_refine_hist.number_atoms_total               1350 
_refine_hist.d_res_high                       1.832 
_refine_hist.d_res_low                        34.697 
# 
loop_
_refine_ls_restr.type 
_refine_ls_restr.dev_ideal 
_refine_ls_restr.dev_ideal_target 
_refine_ls_restr.weight 
_refine_ls_restr.number 
_refine_ls_restr.pdbx_refine_id 
_refine_ls_restr.pdbx_restraint_function 
f_bond_d           0.007  ? ? 1241 'X-RAY DIFFRACTION' ? 
f_angle_d          1.091  ? ? 1688 'X-RAY DIFFRACTION' ? 
f_dihedral_angle_d 14.532 ? ? 437  'X-RAY DIFFRACTION' ? 
f_chiral_restr     0.076  ? ? 185  'X-RAY DIFFRACTION' ? 
f_plane_restr      0.005  ? ? 219  'X-RAY DIFFRACTION' ? 
# 
loop_
_refine_ls_shell.pdbx_refine_id 
_refine_ls_shell.pdbx_total_number_of_bins_used 
_refine_ls_shell.d_res_high 
_refine_ls_shell.d_res_low 
_refine_ls_shell.number_reflns_R_work 
_refine_ls_shell.R_factor_R_work 
_refine_ls_shell.percent_reflns_obs 
_refine_ls_shell.R_factor_R_free 
_refine_ls_shell.R_factor_R_free_error 
_refine_ls_shell.percent_reflns_R_free 
_refine_ls_shell.number_reflns_R_free 
_refine_ls_shell.number_reflns_all 
_refine_ls_shell.R_factor_all 
'X-RAY DIFFRACTION' . 1.8315 1.8970  1110 0.2235 81.00 0.2719 . . 117 . . 
'X-RAY DIFFRACTION' . 1.8970 1.9729  1131 0.2273 85.00 0.3222 . . 126 . . 
'X-RAY DIFFRACTION' . 1.9729 2.0627  1217 0.2231 90.00 0.2648 . . 131 . . 
'X-RAY DIFFRACTION' . 2.0627 2.1714  1245 0.2060 92.00 0.2614 . . 134 . . 
'X-RAY DIFFRACTION' . 2.1714 2.3074  1256 0.2005 93.00 0.2918 . . 139 . . 
'X-RAY DIFFRACTION' . 2.3074 2.4856  1272 0.2029 95.00 0.2339 . . 142 . . 
'X-RAY DIFFRACTION' . 2.4856 2.7356  1317 0.2039 96.00 0.2668 . . 145 . . 
'X-RAY DIFFRACTION' . 2.7356 3.1312  1330 0.2033 97.00 0.2460 . . 147 . . 
'X-RAY DIFFRACTION' . 3.1312 3.9441  1368 0.1666 98.00 0.2285 . . 152 . . 
'X-RAY DIFFRACTION' . 3.9441 34.7037 1457 0.1753 99.00 0.2074 . . 163 . . 
# 
_struct.entry_id                  2XBT 
_struct.title                     
;Structure of a scaffoldin carbohydrate-binding module family 3b from the cellulosome of Bacteroides cellulosolvens: Structural diversity and implications for carbohydrate binding
;
_struct.pdbx_model_details        ? 
_struct.pdbx_CASP_flag            ? 
_struct.pdbx_model_type_details   ? 
# 
_struct_keywords.entry_id        2XBT 
_struct_keywords.pdbx_keywords   'SUGAR BINDING PROTEIN' 
_struct_keywords.text            'SUGAR BINDING PROTEIN' 
# 
loop_
_struct_asym.id 
_struct_asym.pdbx_blank_PDB_chainid_flag 
_struct_asym.pdbx_modified 
_struct_asym.entity_id 
_struct_asym.details 
A N N 1 ? 
B N N 2 ? 
C N N 3 ? 
# 
_struct_biol.id   1 
# 
_struct_conf.conf_type_id            HELX_P 
_struct_conf.id                      HELX_P1 
_struct_conf.pdbx_PDB_helix_id       1 
_struct_conf.beg_label_comp_id       SER 
_struct_conf.beg_label_asym_id       A 
_struct_conf.beg_label_seq_id        128 
_struct_conf.pdbx_beg_PDB_ins_code   ? 
_struct_conf.end_label_comp_id       ASP 
_struct_conf.end_label_asym_id       A 
_struct_conf.end_label_seq_id        130 
_struct_conf.pdbx_end_PDB_ins_code   ? 
_struct_conf.beg_auth_comp_id        SER 
_struct_conf.beg_auth_asym_id        A 
_struct_conf.beg_auth_seq_id         128 
_struct_conf.end_auth_comp_id        ASP 
_struct_conf.end_auth_asym_id        A 
_struct_conf.end_auth_seq_id         130 
_struct_conf.pdbx_PDB_helix_class    5 
_struct_conf.details                 ? 
_struct_conf.pdbx_PDB_helix_length   3 
# 
_struct_conf_type.id          HELX_P 
_struct_conf_type.criteria    ? 
_struct_conf_type.reference   ? 
# 
loop_
_struct_mon_prot_cis.pdbx_id 
_struct_mon_prot_cis.label_comp_id 
_struct_mon_prot_cis.label_seq_id 
_struct_mon_prot_cis.label_asym_id 
_struct_mon_prot_cis.label_alt_id 
_struct_mon_prot_cis.pdbx_PDB_ins_code 
_struct_mon_prot_cis.auth_comp_id 
_struct_mon_prot_cis.auth_seq_id 
_struct_mon_prot_cis.auth_asym_id 
_struct_mon_prot_cis.pdbx_label_comp_id_2 
_struct_mon_prot_cis.pdbx_label_seq_id_2 
_struct_mon_prot_cis.pdbx_label_asym_id_2 
_struct_mon_prot_cis.pdbx_PDB_ins_code_2 
_struct_mon_prot_cis.pdbx_auth_comp_id_2 
_struct_mon_prot_cis.pdbx_auth_seq_id_2 
_struct_mon_prot_cis.pdbx_auth_asym_id_2 
_struct_mon_prot_cis.pdbx_PDB_model_num 
_struct_mon_prot_cis.pdbx_omega_angle 
1 SER 79  A . ? SER 79  A PRO 80  A ? PRO 80  A 1 2.52 
2 TRP 105 A . ? TRP 105 A PRO 106 A ? PRO 106 A 1 6.61 
# 
loop_
_struct_sheet.id 
_struct_sheet.type 
_struct_sheet.number_strands 
_struct_sheet.details 
AA ? 4 ? 
AB ? 2 ? 
AC ? 2 ? 
AD ? 5 ? 
# 
loop_
_struct_sheet_order.sheet_id 
_struct_sheet_order.range_id_1 
_struct_sheet_order.range_id_2 
_struct_sheet_order.offset 
_struct_sheet_order.sense 
AA 1 2 ? anti-parallel 
AA 2 3 ? anti-parallel 
AA 3 4 ? anti-parallel 
AB 1 2 ? anti-parallel 
AC 1 2 ? anti-parallel 
AD 1 2 ? anti-parallel 
AD 2 3 ? anti-parallel 
AD 3 4 ? anti-parallel 
AD 4 5 ? anti-parallel 
# 
loop_
_struct_sheet_range.sheet_id 
_struct_sheet_range.id 
_struct_sheet_range.beg_label_comp_id 
_struct_sheet_range.beg_label_asym_id 
_struct_sheet_range.beg_label_seq_id 
_struct_sheet_range.pdbx_beg_PDB_ins_code 
_struct_sheet_range.end_label_comp_id 
_struct_sheet_range.end_label_asym_id 
_struct_sheet_range.end_label_seq_id 
_struct_sheet_range.pdbx_end_PDB_ins_code 
_struct_sheet_range.beg_auth_comp_id 
_struct_sheet_range.beg_auth_asym_id 
_struct_sheet_range.beg_auth_seq_id 
_struct_sheet_range.end_auth_comp_id 
_struct_sheet_range.end_auth_asym_id 
_struct_sheet_range.end_auth_seq_id 
AA 1 LEU A 10  ? SER A 15  ? LEU A 10  SER A 15  
AA 2 ILE A 26  ? ASN A 34  ? ILE A 26  ASN A 34  
AA 3 GLU A 110 ? LYS A 119 ? GLU A 110 LYS A 119 
AA 4 LEU A 59  ? VAL A 66  ? LEU A 59  VAL A 66  
AB 1 SER A 22  ? SER A 23  ? SER A 22  SER A 23  
AB 2 VAL A 125 ? ASP A 126 ? VAL A 125 ASP A 126 
AC 1 TYR A 40  ? ASP A 41  ? TYR A 40  ASP A 41  
AC 2 THR A 97  ? LEU A 98  ? THR A 97  LEU A 98  
AD 1 ALA A 71  ? HIS A 82  ? ALA A 71  HIS A 82  
AD 2 ALA A 85  ? LEU A 93  ? ALA A 85  LEU A 93  
AD 3 ILE A 45  ? TYR A 51  ? ILE A 45  TYR A 51  
AD 4 ALA A 147 ? TYR A 150 ? ALA A 147 TYR A 150 
AD 5 ALA A 153 ? TYR A 156 ? ALA A 153 TYR A 156 
# 
loop_
_pdbx_struct_sheet_hbond.sheet_id 
_pdbx_struct_sheet_hbond.range_id_1 
_pdbx_struct_sheet_hbond.range_id_2 
_pdbx_struct_sheet_hbond.range_1_label_atom_id 
_pdbx_struct_sheet_hbond.range_1_label_comp_id 
_pdbx_struct_sheet_hbond.range_1_label_asym_id 
_pdbx_struct_sheet_hbond.range_1_label_seq_id 
_pdbx_struct_sheet_hbond.range_1_PDB_ins_code 
_pdbx_struct_sheet_hbond.range_1_auth_atom_id 
_pdbx_struct_sheet_hbond.range_1_auth_comp_id 
_pdbx_struct_sheet_hbond.range_1_auth_asym_id 
_pdbx_struct_sheet_hbond.range_1_auth_seq_id 
_pdbx_struct_sheet_hbond.range_2_label_atom_id 
_pdbx_struct_sheet_hbond.range_2_label_comp_id 
_pdbx_struct_sheet_hbond.range_2_label_asym_id 
_pdbx_struct_sheet_hbond.range_2_label_seq_id 
_pdbx_struct_sheet_hbond.range_2_PDB_ins_code 
_pdbx_struct_sheet_hbond.range_2_auth_atom_id 
_pdbx_struct_sheet_hbond.range_2_auth_comp_id 
_pdbx_struct_sheet_hbond.range_2_auth_asym_id 
_pdbx_struct_sheet_hbond.range_2_auth_seq_id 
AA 1 2 N SER A 15  ? N SER A 15  O ASN A 29  ? O ASN A 29  
AA 2 3 N LEU A 32  ? N LEU A 32  O VAL A 111 ? O VAL A 111 
AA 3 4 N ALA A 118 ? N ALA A 118 O THR A 60  ? O THR A 60  
AB 1 2 N SER A 23  ? N SER A 23  O VAL A 125 ? O VAL A 125 
AC 1 2 N TYR A 40  ? N TYR A 40  O LEU A 98  ? O LEU A 98  
AD 1 2 N HIS A 82  ? N HIS A 82  O ALA A 85  ? O ALA A 85  
AD 2 3 N LEU A 93  ? N LEU A 93  O ILE A 45  ? O ILE A 45  
AD 3 4 N ARG A 48  ? N ARG A 48  O ALA A 147 ? O ALA A 147 
AD 4 5 N TYR A 150 ? N TYR A 150 O ALA A 153 ? O ALA A 153 
# 
_struct_site.id                   AC1 
_struct_site.pdbx_evidence_code   Software 
_struct_site.pdbx_auth_asym_id    A 
_struct_site.pdbx_auth_comp_id    NO3 
_struct_site.pdbx_auth_seq_id     1161 
_struct_site.pdbx_auth_ins_code   ? 
_struct_site.pdbx_num_residues    1 
_struct_site.details              'BINDING SITE FOR RESIDUE NO3 A 1161' 
# 
_struct_site_gen.id                   1 
_struct_site_gen.site_id              AC1 
_struct_site_gen.pdbx_num_res         1 
_struct_site_gen.label_comp_id        ARG 
_struct_site_gen.label_asym_id        A 
_struct_site_gen.label_seq_id         48 
_struct_site_gen.pdbx_auth_ins_code   ? 
_struct_site_gen.auth_comp_id         ARG 
_struct_site_gen.auth_asym_id         A 
_struct_site_gen.auth_seq_id          48 
_struct_site_gen.label_atom_id        . 
_struct_site_gen.label_alt_id         ? 
_struct_site_gen.symmetry             1_555 
_struct_site_gen.details              ? 
# 
_atom_sites.entry_id                    2XBT 
_atom_sites.fract_transf_matrix[1][1]   0.00677340 
_atom_sites.fract_transf_matrix[1][2]   0.00957611 
_atom_sites.fract_transf_matrix[1][3]   -0.00262668 
_atom_sites.fract_transf_matrix[2][1]   -0.00745012 
_atom_sites.fract_transf_matrix[2][2]   0.00700300 
_atom_sites.fract_transf_matrix[2][3]   0.00631934 
_atom_sites.fract_transf_matrix[3][1]   0.00568115 
_atom_sites.fract_transf_matrix[3][2]   -0.00167278 
_atom_sites.fract_transf_matrix[3][3]   0.00855149 
_atom_sites.fract_transf_vector[1]      0.487352 
_atom_sites.fract_transf_vector[2]      0.239048 
_atom_sites.fract_transf_vector[3]      -0.093414 
# 
loop_
_atom_type.symbol 
C 
N 
O 
S 
# 
loop_
_atom_site.group_PDB 
_atom_site.id 
_atom_site.type_symbol 
_atom_site.label_atom_id 
_atom_site.label_alt_id 
_atom_site.label_comp_id 
_atom_site.label_asym_id 
_atom_site.label_entity_id 
_atom_site.label_seq_id 
_atom_site.pdbx_PDB_ins_code 
_atom_site.Cartn_x 
_atom_site.Cartn_y 
_atom_site.Cartn_z 
_atom_site.occupancy 
_atom_site.B_iso_or_equiv 
_atom_site.pdbx_formal_charge 
_atom_site.auth_seq_id 
_atom_site.auth_comp_id 
_atom_site.auth_asym_id 
_atom_site.auth_atom_id 
_atom_site.pdbx_PDB_model_num 
ATOM   1    N N   . PRO A 1 3   ? -10.143 -13.069 -0.300  1.00 52.92 ? 3    PRO A N   1 
ATOM   2    C CA  . PRO A 1 3   ? -9.895  -14.499 -0.107  1.00 52.96 ? 3    PRO A CA  1 
ATOM   3    C C   . PRO A 1 3   ? -9.528  -14.858 1.333   1.00 54.83 ? 3    PRO A C   1 
ATOM   4    O O   . PRO A 1 3   ? -9.811  -14.096 2.267   1.00 52.42 ? 3    PRO A O   1 
ATOM   5    C CB  . PRO A 1 3   ? -8.710  -14.760 -1.039  1.00 50.60 ? 3    PRO A CB  1 
ATOM   6    C CG  . PRO A 1 3   ? -8.958  -13.833 -2.175  1.00 53.12 ? 3    PRO A CG  1 
ATOM   7    C CD  . PRO A 1 3   ? -9.607  -12.594 -1.589  1.00 47.45 ? 3    PRO A CD  1 
ATOM   8    N N   . VAL A 1 4   ? -8.911  -16.025 1.501   1.00 53.16 ? 4    VAL A N   1 
ATOM   9    C CA  . VAL A 1 4   ? -8.452  -16.460 2.813   1.00 53.12 ? 4    VAL A CA  1 
ATOM   10   C C   . VAL A 1 4   ? -7.112  -15.819 3.151   1.00 41.70 ? 4    VAL A C   1 
ATOM   11   O O   . VAL A 1 4   ? -6.186  -15.812 2.338   1.00 41.39 ? 4    VAL A O   1 
ATOM   12   C CB  . VAL A 1 4   ? -8.324  -17.998 2.899   1.00 58.38 ? 4    VAL A CB  1 
ATOM   13   C CG1 . VAL A 1 4   ? -9.666  -18.654 2.654   1.00 58.17 ? 4    VAL A CG1 1 
ATOM   14   C CG2 . VAL A 1 4   ? -7.289  -18.515 1.904   1.00 58.07 ? 4    VAL A CG2 1 
ATOM   15   N N   . GLN A 1 5   ? -7.023  -15.279 4.358   1.00 41.50 ? 5    GLN A N   1 
ATOM   16   C CA  . GLN A 1 5   ? -5.797  -14.664 4.845   1.00 40.08 ? 5    GLN A CA  1 
ATOM   17   C C   . GLN A 1 5   ? -4.911  -15.716 5.509   1.00 42.11 ? 5    GLN A C   1 
ATOM   18   O O   . GLN A 1 5   ? -5.276  -16.279 6.547   1.00 40.40 ? 5    GLN A O   1 
ATOM   19   C CB  . GLN A 1 5   ? -6.160  -13.571 5.844   1.00 39.74 ? 5    GLN A CB  1 
ATOM   20   C CG  . GLN A 1 5   ? -5.002  -12.812 6.455   1.00 32.63 ? 5    GLN A CG  1 
ATOM   21   C CD  . GLN A 1 5   ? -5.467  -11.529 7.106   1.00 34.60 ? 5    GLN A CD  1 
ATOM   22   O OE1 . GLN A 1 5   ? -6.207  -10.745 6.500   1.00 40.24 ? 5    GLN A OE1 1 
ATOM   23   N NE2 . GLN A 1 5   ? -5.055  -11.309 8.343   1.00 35.06 ? 5    GLN A NE2 1 
ATOM   24   N N   . VAL A 1 6   ? -3.755  -15.998 4.913   1.00 30.40 ? 6    VAL A N   1 
ATOM   25   C CA  . VAL A 1 6   ? -2.850  -16.976 5.507   1.00 36.27 ? 6    VAL A CA  1 
ATOM   26   C C   . VAL A 1 6   ? -2.188  -16.357 6.728   1.00 33.47 ? 6    VAL A C   1 
ATOM   27   O O   . VAL A 1 6   ? -2.018  -15.140 6.812   1.00 30.93 ? 6    VAL A O   1 
ATOM   28   C CB  . VAL A 1 6   ? -1.793  -17.482 4.512   1.00 31.67 ? 6    VAL A CB  1 
ATOM   29   C CG1 . VAL A 1 6   ? -2.475  -17.915 3.202   1.00 34.73 ? 6    VAL A CG1 1 
ATOM   30   C CG2 . VAL A 1 6   ? -0.758  -16.406 4.241   1.00 30.32 ? 6    VAL A CG2 1 
ATOM   31   N N   . ASN A 1 7   ? -1.846  -17.193 7.694   1.00 31.73 ? 7    ASN A N   1 
ATOM   32   C CA  . ASN A 1 7   ? -1.213  -16.706 8.897   1.00 29.32 ? 7    ASN A CA  1 
ATOM   33   C C   . ASN A 1 7   ? 0.138   -16.083 8.596   1.00 31.16 ? 7    ASN A C   1 
ATOM   34   O O   . ASN A 1 7   ? 0.861   -16.506 7.690   1.00 29.34 ? 7    ASN A O   1 
ATOM   35   C CB  . ASN A 1 7   ? -1.081  -17.822 9.934   1.00 33.18 ? 7    ASN A CB  1 
ATOM   36   C CG  . ASN A 1 7   ? -2.418  -18.228 10.522  1.00 40.13 ? 7    ASN A CG  1 
ATOM   37   O OD1 . ASN A 1 7   ? -3.427  -17.544 10.333  1.00 46.04 ? 7    ASN A OD1 1 
ATOM   38   N ND2 . ASN A 1 7   ? -2.435  -19.339 11.246  1.00 39.25 ? 7    ASN A ND2 1 
ATOM   39   N N   . SER A 1 8   ? 0.461   -15.054 9.362   1.00 30.88 ? 8    SER A N   1 
ATOM   40   C CA  . SER A 1 8   ? 1.754   -14.432 9.282   1.00 28.09 ? 8    SER A CA  1 
ATOM   41   C C   . SER A 1 8   ? 1.787   -13.549 10.497  1.00 26.88 ? 8    SER A C   1 
ATOM   42   O O   . SER A 1 8   ? 0.782   -13.421 11.200  1.00 33.08 ? 8    SER A O   1 
ATOM   43   C CB  . SER A 1 8   ? 1.868   -13.590 8.007   1.00 27.52 ? 8    SER A CB  1 
ATOM   44   O OG  . SER A 1 8   ? 1.177   -12.354 8.163   1.00 27.00 ? 8    SER A OG  1 
ATOM   45   N N   . ASP A 1 9   ? 2.927   -12.926 10.750  1.00 24.41 ? 9    ASP A N   1 
ATOM   46   C CA  . ASP A 1 9   ? 3.001   -11.963 11.834  1.00 30.98 ? 9    ASP A CA  1 
ATOM   47   C C   . ASP A 1 9   ? 3.101   -10.548 11.240  1.00 28.57 ? 9    ASP A C   1 
ATOM   48   O O   . ASP A 1 9   ? 3.641   -9.631  11.865  1.00 31.03 ? 9    ASP A O   1 
ATOM   49   C CB  . ASP A 1 9   ? 4.208   -12.272 12.730  1.00 30.87 ? 9    ASP A CB  1 
ATOM   50   C CG  . ASP A 1 9   ? 4.093   -13.631 13.436  1.00 36.29 ? 9    ASP A CG  1 
ATOM   51   O OD1 . ASP A 1 9   ? 2.957   -14.046 13.756  1.00 32.86 ? 9    ASP A OD1 1 
ATOM   52   O OD2 . ASP A 1 9   ? 5.144   -14.275 13.679  1.00 39.58 ? 9    ASP A OD2 1 
ATOM   53   N N   . LEU A 1 10  ? 2.588   -10.386 10.027  1.00 26.23 ? 10   LEU A N   1 
ATOM   54   C CA  . LEU A 1 10  ? 2.684   -9.104  9.311   1.00 22.78 ? 10   LEU A CA  1 
ATOM   55   C C   . LEU A 1 10  ? 1.479   -8.208  9.575   1.00 22.86 ? 10   LEU A C   1 
ATOM   56   O O   . LEU A 1 10  ? 0.334   -8.673  9.591   1.00 24.67 ? 10   LEU A O   1 
ATOM   57   C CB  . LEU A 1 10  ? 2.836   -9.348  7.817   1.00 21.53 ? 10   LEU A CB  1 
ATOM   58   C CG  . LEU A 1 10  ? 4.113   -10.034 7.342   1.00 22.85 ? 10   LEU A CG  1 
ATOM   59   C CD1 . LEU A 1 10  ? 4.019   -10.425 5.882   1.00 23.66 ? 10   LEU A CD1 1 
ATOM   60   C CD2 . LEU A 1 10  ? 5.314   -9.137  7.584   1.00 24.90 ? 10   LEU A CD2 1 
ATOM   61   N N   . LYS A 1 11  ? 1.737   -6.924  9.786   1.00 25.38 ? 11   LYS A N   1 
ATOM   62   C CA  . LYS A 1 11  ? 0.675   -5.961  10.052  1.00 23.04 ? 11   LYS A CA  1 
ATOM   63   C C   . LYS A 1 11  ? 0.950   -4.656  9.316   1.00 26.73 ? 11   LYS A C   1 
ATOM   64   O O   . LYS A 1 11  ? 2.091   -4.209  9.261   1.00 24.10 ? 11   LYS A O   1 
ATOM   65   C CB  . LYS A 1 11  ? 0.588   -5.727  11.556  1.00 25.82 ? 11   LYS A CB  1 
ATOM   66   C CG  . LYS A 1 11  ? -0.252  -4.567  11.998  1.00 31.81 ? 11   LYS A CG  1 
ATOM   67   C CD  . LYS A 1 11  ? -0.336  -4.551  13.526  1.00 35.54 ? 11   LYS A CD  1 
ATOM   68   C CE  . LYS A 1 11  ? -0.879  -3.236  14.055  1.00 39.53 ? 11   LYS A CE  1 
ATOM   69   N NZ  . LYS A 1 11  ? -0.954  -3.206  15.548  1.00 34.50 ? 11   LYS A NZ  1 
ATOM   70   N N   . LEU A 1 12  ? -0.094  -4.052  8.742   1.00 23.31 ? 12   LEU A N   1 
ATOM   71   C CA  . LEU A 1 12  ? 0.077   -2.809  8.002   1.00 20.11 ? 12   LEU A CA  1 
ATOM   72   C C   . LEU A 1 12  ? -0.543  -1.649  8.751   1.00 23.75 ? 12   LEU A C   1 
ATOM   73   O O   . LEU A 1 12  ? -1.697  -1.725  9.165   1.00 23.66 ? 12   LEU A O   1 
ATOM   74   C CB  . LEU A 1 12  ? -0.572  -2.911  6.619   1.00 21.89 ? 12   LEU A CB  1 
ATOM   75   C CG  . LEU A 1 12  ? -0.345  -1.753  5.649   1.00 20.55 ? 12   LEU A CG  1 
ATOM   76   C CD1 . LEU A 1 12  ? 1.123   -1.658  5.294   1.00 20.86 ? 12   LEU A CD1 1 
ATOM   77   C CD2 . LEU A 1 12  ? -1.183  -1.914  4.382   1.00 18.94 ? 12   LEU A CD2 1 
ATOM   78   N N   . LEU A 1 13  ? 0.237   -0.586  8.924   1.00 22.07 ? 13   LEU A N   1 
ATOM   79   C CA  . LEU A 1 13  ? -0.274  0.683   9.410   1.00 23.65 ? 13   LEU A CA  1 
ATOM   80   C C   . LEU A 1 13  ? -0.338  1.626   8.215   1.00 20.49 ? 13   LEU A C   1 
ATOM   81   O O   . LEU A 1 13  ? 0.478   1.535   7.300   1.00 19.50 ? 13   LEU A O   1 
ATOM   82   C CB  . LEU A 1 13  ? 0.624   1.255   10.511  1.00 23.93 ? 13   LEU A CB  1 
ATOM   83   C CG  . LEU A 1 13  ? 0.767   0.396   11.778  1.00 30.44 ? 13   LEU A CG  1 
ATOM   84   C CD1 . LEU A 1 13  ? 1.825   0.973   12.713  1.00 36.67 ? 13   LEU A CD1 1 
ATOM   85   C CD2 . LEU A 1 13  ? -0.568  0.272   12.502  1.00 33.36 ? 13   LEU A CD2 1 
ATOM   86   N N   . PHE A 1 14  ? -1.319  2.520   8.208   1.00 20.88 ? 14   PHE A N   1 
ATOM   87   C CA  . PHE A 1 14  ? -1.540  3.349   7.040   1.00 21.00 ? 14   PHE A CA  1 
ATOM   88   C C   . PHE A 1 14  ? -1.838  4.782   7.469   1.00 21.37 ? 14   PHE A C   1 
ATOM   89   O O   . PHE A 1 14  ? -2.512  5.008   8.479   1.00 22.98 ? 14   PHE A O   1 
ATOM   90   C CB  . PHE A 1 14  ? -2.734  2.811   6.233   1.00 20.55 ? 14   PHE A CB  1 
ATOM   91   C CG  . PHE A 1 14  ? -3.012  3.579   4.967   1.00 20.66 ? 14   PHE A CG  1 
ATOM   92   C CD1 . PHE A 1 14  ? -2.449  3.181   3.765   1.00 19.73 ? 14   PHE A CD1 1 
ATOM   93   C CD2 . PHE A 1 14  ? -3.834  4.695   4.987   1.00 23.55 ? 14   PHE A CD2 1 
ATOM   94   C CE1 . PHE A 1 14  ? -2.693  3.879   2.609   1.00 19.66 ? 14   PHE A CE1 1 
ATOM   95   C CE2 . PHE A 1 14  ? -4.083  5.409   3.839   1.00 21.02 ? 14   PHE A CE2 1 
ATOM   96   C CZ  . PHE A 1 14  ? -3.511  5.010   2.644   1.00 19.20 ? 14   PHE A CZ  1 
ATOM   97   N N   . SER A 1 15  ? -1.328  5.739   6.710   1.00 20.04 ? 15   SER A N   1 
ATOM   98   C CA  . SER A 1 15  ? -1.803  7.118   6.812   1.00 22.97 ? 15   SER A CA  1 
ATOM   99   C C   . SER A 1 15  ? -1.706  7.796   5.467   1.00 22.18 ? 15   SER A C   1 
ATOM   100  O O   . SER A 1 15  ? -1.017  7.321   4.576   1.00 25.39 ? 15   SER A O   1 
ATOM   101  C CB  . SER A 1 15  ? -1.008  7.912   7.845   1.00 27.19 ? 15   SER A CB  1 
ATOM   102  O OG  . SER A 1 15  ? 0.122   8.504   7.246   1.00 30.89 ? 15   SER A OG  1 
ATOM   103  N N   . ASN A 1 16  ? -2.398  8.918   5.315   1.00 26.76 ? 16   ASN A N   1 
ATOM   104  C CA  . ASN A 1 16  ? -2.401  9.632   4.044   1.00 22.05 ? 16   ASN A CA  1 
ATOM   105  C C   . ASN A 1 16  ? -2.224  11.138  4.260   1.00 30.03 ? 16   ASN A C   1 
ATOM   106  O O   . ASN A 1 16  ? -2.613  11.942  3.422   1.00 30.37 ? 16   ASN A O   1 
ATOM   107  C CB  . ASN A 1 16  ? -3.677  9.337   3.240   1.00 19.85 ? 16   ASN A CB  1 
ATOM   108  C CG  . ASN A 1 16  ? -4.943  9.588   4.030   1.00 25.40 ? 16   ASN A CG  1 
ATOM   109  O OD1 . ASN A 1 16  ? -4.919  10.235  5.082   1.00 26.99 ? 16   ASN A OD1 1 
ATOM   110  N ND2 . ASN A 1 16  ? -6.064  9.074   3.531   1.00 23.29 ? 16   ASN A ND2 1 
ATOM   111  N N   . ASN A 1 17  ? -1.615  11.501  5.383   1.00 32.68 ? 17   ASN A N   1 
ATOM   112  C CA  . ASN A 1 17  ? -1.362  12.899  5.682   1.00 36.27 ? 17   ASN A CA  1 
ATOM   113  C C   . ASN A 1 17  ? -2.662  13.665  5.898   1.00 36.85 ? 17   ASN A C   1 
ATOM   114  O O   . ASN A 1 17  ? -2.728  14.869  5.650   1.00 44.92 ? 17   ASN A O   1 
ATOM   115  C CB  . ASN A 1 17  ? -0.558  13.542  4.549   1.00 38.61 ? 17   ASN A CB  1 
ATOM   116  C CG  . ASN A 1 17  ? 0.851   12.981  4.440   1.00 47.93 ? 17   ASN A CG  1 
ATOM   117  O OD1 . ASN A 1 17  ? 1.351   12.343  5.371   1.00 46.16 ? 17   ASN A OD1 1 
ATOM   118  N ND2 . ASN A 1 17  ? 1.504   13.226  3.301   1.00 48.16 ? 17   ASN A ND2 1 
ATOM   119  N N   . GLY A 1 18  ? -3.693  12.956  6.346   1.00 33.98 ? 18   GLY A N   1 
ATOM   120  C CA  . GLY A 1 18  ? -5.003  13.550  6.559   1.00 36.71 ? 18   GLY A CA  1 
ATOM   121  C C   . GLY A 1 18  ? -5.724  13.960  5.282   1.00 34.50 ? 18   GLY A C   1 
ATOM   122  O O   . GLY A 1 18  ? -6.728  14.676  5.336   1.00 32.72 ? 18   GLY A O   1 
ATOM   123  N N   . ALA A 1 19  ? -5.225  13.507  4.134   1.00 29.86 ? 19   ALA A N   1 
ATOM   124  C CA  . ALA A 1 19  ? -5.840  13.859  2.854   1.00 27.77 ? 19   ALA A CA  1 
ATOM   125  C C   . ALA A 1 19  ? -7.365  13.733  2.858   1.00 31.19 ? 19   ALA A C   1 
ATOM   126  O O   . ALA A 1 19  ? -7.929  12.770  3.388   1.00 31.97 ? 19   ALA A O   1 
ATOM   127  C CB  . ALA A 1 19  ? -5.251  13.042  1.724   1.00 27.75 ? 19   ALA A CB  1 
ATOM   128  N N   . ALA A 1 20  ? -8.028  14.721  2.259   1.00 29.49 ? 20   ALA A N   1 
ATOM   129  C CA  . ALA A 1 20  ? -9.484  14.715  2.138   1.00 30.93 ? 20   ALA A CA  1 
ATOM   130  C C   . ALA A 1 20  ? -9.920  13.955  0.891   1.00 29.17 ? 20   ALA A C   1 
ATOM   131  O O   . ALA A 1 20  ? -9.107  13.648  0.025   1.00 28.15 ? 20   ALA A O   1 
ATOM   132  C CB  . ALA A 1 20  ? -10.011 16.145  2.082   1.00 36.90 ? 20   ALA A CB  1 
ATOM   133  N N   . ALA A 1 21  ? -11.212 13.678  0.782   1.00 31.53 ? 21   ALA A N   1 
ATOM   134  C CA  . ALA A 1 21  ? -11.726 13.006  -0.403  1.00 30.41 ? 21   ALA A CA  1 
ATOM   135  C C   . ALA A 1 21  ? -11.303 13.741  -1.674  1.00 25.19 ? 21   ALA A C   1 
ATOM   136  O O   . ALA A 1 21  ? -10.942 13.126  -2.665  1.00 27.08 ? 21   ALA A O   1 
ATOM   137  C CB  . ALA A 1 21  ? -13.234 12.891  -0.330  1.00 31.34 ? 21   ALA A CB  1 
ATOM   138  N N   . SER A 1 22  ? -11.366 15.068  -1.645  1.00 27.10 ? 22   SER A N   1 
ATOM   139  C CA  . SER A 1 22  ? -10.910 15.860  -2.765  1.00 24.82 ? 22   SER A CA  1 
ATOM   140  C C   . SER A 1 22  ? -9.447  16.239  -2.543  1.00 30.52 ? 22   SER A C   1 
ATOM   141  O O   . SER A 1 22  ? -9.124  16.934  -1.579  1.00 36.05 ? 22   SER A O   1 
ATOM   142  C CB  . SER A 1 22  ? -11.777 17.118  -2.894  1.00 34.68 ? 22   SER A CB  1 
ATOM   143  O OG  . SER A 1 22  ? -11.720 17.632  -4.208  1.00 38.37 ? 22   SER A OG  1 
ATOM   144  N N   . SER A 1 23  ? -8.565  15.785  -3.426  1.00 29.23 ? 23   SER A N   1 
ATOM   145  C CA  . SER A 1 23  ? -7.126  15.938  -3.215  1.00 28.13 ? 23   SER A CA  1 
ATOM   146  C C   . SER A 1 23  ? -6.410  16.103  -4.550  1.00 27.98 ? 23   SER A C   1 
ATOM   147  O O   . SER A 1 23  ? -6.902  15.646  -5.571  1.00 34.06 ? 23   SER A O   1 
ATOM   148  C CB  . SER A 1 23  ? -6.584  14.700  -2.485  1.00 31.53 ? 23   SER A CB  1 
ATOM   149  O OG  . SER A 1 23  ? -5.235  14.867  -2.063  1.00 31.23 ? 23   SER A OG  1 
ATOM   150  N N   . ASN A 1 24  ? -5.250  16.746  -4.544  1.00 29.75 ? 24   ASN A N   1 
ATOM   151  C CA  . ASN A 1 24  ? -4.450  16.868  -5.764  1.00 30.57 ? 24   ASN A CA  1 
ATOM   152  C C   . ASN A 1 24  ? -3.756  15.562  -6.171  1.00 33.47 ? 24   ASN A C   1 
ATOM   153  O O   . ASN A 1 24  ? -3.378  15.380  -7.327  1.00 31.47 ? 24   ASN A O   1 
ATOM   154  C CB  . ASN A 1 24  ? -3.435  18.007  -5.645  1.00 31.31 ? 24   ASN A CB  1 
ATOM   155  C CG  . ASN A 1 24  ? -2.351  17.740  -4.603  1.00 37.01 ? 24   ASN A CG  1 
ATOM   156  O OD1 . ASN A 1 24  ? -2.596  17.145  -3.546  1.00 35.24 ? 24   ASN A OD1 1 
ATOM   157  N ND2 . ASN A 1 24  ? -1.137  18.204  -4.895  1.00 43.08 ? 24   ASN A ND2 1 
ATOM   158  N N   . GLN A 1 25  ? -3.593  14.657  -5.216  1.00 30.69 ? 25   GLN A N   1 
ATOM   159  C CA  . GLN A 1 25  ? -2.950  13.371  -5.490  1.00 29.20 ? 25   GLN A CA  1 
ATOM   160  C C   . GLN A 1 25  ? -3.319  12.381  -4.405  1.00 25.03 ? 25   GLN A C   1 
ATOM   161  O O   . GLN A 1 25  ? -3.828  12.768  -3.361  1.00 26.11 ? 25   GLN A O   1 
ATOM   162  C CB  . GLN A 1 25  ? -1.429  13.546  -5.549  1.00 32.75 ? 25   GLN A CB  1 
ATOM   163  C CG  . GLN A 1 25  ? -0.843  14.243  -4.331  1.00 33.16 ? 25   GLN A CG  1 
ATOM   164  C CD  . GLN A 1 25  ? 0.561   14.807  -4.591  1.00 34.92 ? 25   GLN A CD  1 
ATOM   165  O OE1 . GLN A 1 25  ? 1.279   14.356  -5.488  1.00 33.02 ? 25   GLN A OE1 1 
ATOM   166  N NE2 . GLN A 1 25  ? 0.939   15.810  -3.813  1.00 37.27 ? 25   GLN A NE2 1 
ATOM   167  N N   . ILE A 1 26  ? -3.081  11.095  -4.653  1.00 20.93 ? 26   ILE A N   1 
ATOM   168  C CA  . ILE A 1 26  ? -3.314  10.096  -3.629  1.00 24.23 ? 26   ILE A CA  1 
ATOM   169  C C   . ILE A 1 26  ? -2.072  9.979   -2.758  1.00 24.90 ? 26   ILE A C   1 
ATOM   170  O O   . ILE A 1 26  ? -0.974  9.806   -3.288  1.00 23.16 ? 26   ILE A O   1 
ATOM   171  C CB  . ILE A 1 26  ? -3.596  8.705   -4.241  1.00 21.41 ? 26   ILE A CB  1 
ATOM   172  C CG1 . ILE A 1 26  ? -4.751  8.779   -5.251  1.00 22.24 ? 26   ILE A CG1 1 
ATOM   173  C CG2 . ILE A 1 26  ? -3.898  7.710   -3.150  1.00 19.37 ? 26   ILE A CG2 1 
ATOM   174  C CD1 . ILE A 1 26  ? -5.053  7.431   -5.921  1.00 20.21 ? 26   ILE A CD1 1 
ATOM   175  N N   . TYR A 1 27  ? -2.246  10.060  -1.438  1.00 22.12 ? 27   TYR A N   1 
ATOM   176  C CA  . TYR A 1 27  ? -1.138  9.852   -0.503  1.00 24.92 ? 27   TYR A CA  1 
ATOM   177  C C   . TYR A 1 27  ? -1.210  8.477   0.132   1.00 22.07 ? 27   TYR A C   1 
ATOM   178  O O   . TYR A 1 27  ? -2.272  8.073   0.622   1.00 22.54 ? 27   TYR A O   1 
ATOM   179  C CB  . TYR A 1 27  ? -1.140  10.897  0.599   1.00 25.51 ? 27   TYR A CB  1 
ATOM   180  C CG  . TYR A 1 27  ? -0.916  12.290  0.094   1.00 30.65 ? 27   TYR A CG  1 
ATOM   181  C CD1 . TYR A 1 27  ? 0.346   12.868  0.129   1.00 31.71 ? 27   TYR A CD1 1 
ATOM   182  C CD2 . TYR A 1 27  ? -1.968  13.024  -0.430  1.00 27.76 ? 27   TYR A CD2 1 
ATOM   183  C CE1 . TYR A 1 27  ? 0.553   14.152  -0.348  1.00 31.27 ? 27   TYR A CE1 1 
ATOM   184  C CE2 . TYR A 1 27  ? -1.777  14.308  -0.899  1.00 32.85 ? 27   TYR A CE2 1 
ATOM   185  C CZ  . TYR A 1 27  ? -0.517  14.864  -0.863  1.00 35.99 ? 27   TYR A CZ  1 
ATOM   186  O OH  . TYR A 1 27  ? -0.332  16.138  -1.335  1.00 39.67 ? 27   TYR A OH  1 
ATOM   187  N N   . MET A 1 28  ? -0.081  7.777   0.140   1.00 20.38 ? 28   MET A N   1 
ATOM   188  C CA  . MET A 1 28  ? 0.020   6.462   0.754   1.00 22.24 ? 28   MET A CA  1 
ATOM   189  C C   . MET A 1 28  ? 1.264   6.392   1.615   1.00 23.12 ? 28   MET A C   1 
ATOM   190  O O   . MET A 1 28  ? 2.363   6.273   1.093   1.00 24.68 ? 28   MET A O   1 
ATOM   191  C CB  . MET A 1 28  ? 0.160   5.381   -0.318  1.00 24.82 ? 28   MET A CB  1 
ATOM   192  C CG  . MET A 1 28  ? -1.106  5.025   -1.060  1.00 30.71 ? 28   MET A CG  1 
ATOM   193  S SD  . MET A 1 28  ? -0.646  4.217   -2.615  1.00 34.32 ? 28   MET A SD  1 
ATOM   194  C CE  . MET A 1 28  ? 0.068   5.623   -3.430  1.00 29.86 ? 28   MET A CE  1 
ATOM   195  N N   . ASN A 1 29  ? 1.093   6.447   2.925   1.00 23.08 ? 29   ASN A N   1 
ATOM   196  C CA  . ASN A 1 29  ? 2.216   6.275   3.826   1.00 26.40 ? 29   ASN A CA  1 
ATOM   197  C C   . ASN A 1 29  ? 1.969   5.029   4.633   1.00 26.30 ? 29   ASN A C   1 
ATOM   198  O O   . ASN A 1 29  ? 0.962   4.920   5.339   1.00 26.00 ? 29   ASN A O   1 
ATOM   199  C CB  . ASN A 1 29  ? 2.349   7.463   4.760   1.00 25.72 ? 29   ASN A CB  1 
ATOM   200  C CG  . ASN A 1 29  ? 2.473   8.767   4.023   1.00 28.74 ? 29   ASN A CG  1 
ATOM   201  O OD1 . ASN A 1 29  ? 3.282   8.907   3.106   1.00 32.29 ? 29   ASN A OD1 1 
ATOM   202  N ND2 . ASN A 1 29  ? 1.664   9.741   4.422   1.00 33.16 ? 29   ASN A ND2 1 
ATOM   203  N N   . MET A 1 30  ? 2.888   4.082   4.532   1.00 23.74 ? 30   MET A N   1 
ATOM   204  C CA  . MET A 1 30  ? 2.647   2.770   5.099   1.00 21.43 ? 30   MET A CA  1 
ATOM   205  C C   . MET A 1 30  ? 3.810   2.285   5.926   1.00 25.68 ? 30   MET A C   1 
ATOM   206  O O   . MET A 1 30  ? 4.966   2.539   5.596   1.00 28.04 ? 30   MET A O   1 
ATOM   207  C CB  . MET A 1 30  ? 2.346   1.785   3.992   1.00 21.03 ? 30   MET A CB  1 
ATOM   208  C CG  . MET A 1 30  ? 0.987   2.086   3.376   1.00 29.75 ? 30   MET A CG  1 
ATOM   209  S SD  . MET A 1 30  ? 0.685   1.241   1.845   1.00 31.39 ? 30   MET A SD  1 
ATOM   210  C CE  . MET A 1 30  ? 1.988   1.844   0.790   1.00 24.33 ? 30   MET A CE  1 
ATOM   211  N N   . LYS A 1 31  ? 3.488   1.595   7.008   1.00 21.56 ? 31   LYS A N   1 
ATOM   212  C CA  . LYS A 1 31  ? 4.488   0.896   7.785   1.00 23.78 ? 31   LYS A CA  1 
ATOM   213  C C   . LYS A 1 31  ? 4.067   -0.540  7.839   1.00 21.49 ? 31   LYS A C   1 
ATOM   214  O O   . LYS A 1 31  ? 3.004   -0.861  8.368   1.00 21.69 ? 31   LYS A O   1 
ATOM   215  C CB  . LYS A 1 31  ? 4.520   1.404   9.223   1.00 24.80 ? 31   LYS A CB  1 
ATOM   216  C CG  . LYS A 1 31  ? 5.500   2.496   9.505   1.00 36.36 ? 31   LYS A CG  1 
ATOM   217  C CD  . LYS A 1 31  ? 5.769   2.553   11.010  1.00 39.25 ? 31   LYS A CD  1 
ATOM   218  C CE  . LYS A 1 31  ? 6.539   3.798   11.416  1.00 44.07 ? 31   LYS A CE  1 
ATOM   219  N NZ  . LYS A 1 31  ? 6.794   3.811   12.895  1.00 44.18 ? 31   LYS A NZ  1 
ATOM   220  N N   . LEU A 1 32  ? 4.899   -1.413  7.303   1.00 18.84 ? 32   LEU A N   1 
ATOM   221  C CA  . LEU A 1 32  ? 4.637   -2.830  7.382   1.00 19.15 ? 32   LEU A CA  1 
ATOM   222  C C   . LEU A 1 32  ? 5.487   -3.375  8.518   1.00 22.21 ? 32   LEU A C   1 
ATOM   223  O O   . LEU A 1 32  ? 6.709   -3.227  8.496   1.00 21.39 ? 32   LEU A O   1 
ATOM   224  C CB  . LEU A 1 32  ? 4.954   -3.497  6.044   1.00 19.44 ? 32   LEU A CB  1 
ATOM   225  C CG  . LEU A 1 32  ? 4.853   -5.028  5.955   1.00 22.47 ? 32   LEU A CG  1 
ATOM   226  C CD1 . LEU A 1 32  ? 3.457   -5.556  6.297   1.00 23.19 ? 32   LEU A CD1 1 
ATOM   227  C CD2 . LEU A 1 32  ? 5.283   -5.496  4.565   1.00 23.46 ? 32   LEU A CD2 1 
ATOM   228  N N   . GLN A 1 33  ? 4.840   -3.981  9.513   1.00 21.45 ? 33   GLN A N   1 
ATOM   229  C CA  . GLN A 1 33  ? 5.539   -4.482  10.697  1.00 26.51 ? 33   GLN A CA  1 
ATOM   230  C C   . GLN A 1 33  ? 5.536   -6.003  10.763  1.00 28.09 ? 33   GLN A C   1 
ATOM   231  O O   . GLN A 1 33  ? 4.596   -6.661  10.321  1.00 26.77 ? 33   GLN A O   1 
ATOM   232  C CB  . GLN A 1 33  ? 4.890   -3.947  11.975  1.00 26.81 ? 33   GLN A CB  1 
ATOM   233  C CG  . GLN A 1 33  ? 5.073   -2.475  12.211  1.00 31.83 ? 33   GLN A CG  1 
ATOM   234  C CD  . GLN A 1 33  ? 4.358   -1.993  13.468  1.00 39.20 ? 33   GLN A CD  1 
ATOM   235  O OE1 . GLN A 1 33  ? 3.330   -2.548  13.863  1.00 37.03 ? 33   GLN A OE1 1 
ATOM   236  N NE2 . GLN A 1 33  ? 4.896   -0.954  14.096  1.00 34.44 ? 33   GLN A NE2 1 
ATOM   237  N N   . ASN A 1 34  ? 6.596   -6.562  11.332  1.00 25.62 ? 34   ASN A N   1 
ATOM   238  C CA  . ASN A 1 34  ? 6.628   -7.983  11.634  1.00 25.10 ? 34   ASN A CA  1 
ATOM   239  C C   . ASN A 1 34  ? 6.580   -8.078  13.151  1.00 29.79 ? 34   ASN A C   1 
ATOM   240  O O   . ASN A 1 34  ? 7.463   -7.572  13.828  1.00 24.40 ? 34   ASN A O   1 
ATOM   241  C CB  . ASN A 1 34  ? 7.899   -8.608  11.058  1.00 25.41 ? 34   ASN A CB  1 
ATOM   242  C CG  . ASN A 1 34  ? 8.133   -10.039 11.533  1.00 24.82 ? 34   ASN A CG  1 
ATOM   243  O OD1 . ASN A 1 34  ? 7.226   -10.703 12.014  1.00 25.84 ? 34   ASN A OD1 1 
ATOM   244  N ND2 . ASN A 1 34  ? 9.362   -10.509 11.390  1.00 24.10 ? 34   ASN A ND2 1 
ATOM   245  N N   . THR A 1 35  ? 5.528   -8.689  13.684  1.00 26.00 ? 35   THR A N   1 
ATOM   246  C CA  . THR A 1 35  ? 5.324   -8.731  15.128  1.00 27.65 ? 35   THR A CA  1 
ATOM   247  C C   . THR A 1 35  ? 5.869   -10.008 15.765  1.00 26.44 ? 35   THR A C   1 
ATOM   248  O O   . THR A 1 35  ? 5.819   -10.170 16.992  1.00 26.48 ? 35   THR A O   1 
ATOM   249  C CB  . THR A 1 35  ? 3.838   -8.721  15.458  1.00 28.17 ? 35   THR A CB  1 
ATOM   250  O OG1 . THR A 1 35  ? 3.241   -9.896  14.890  1.00 33.24 ? 35   THR A OG1 1 
ATOM   251  C CG2 . THR A 1 35  ? 3.175   -7.478  14.896  1.00 26.77 ? 35   THR A CG2 1 
ATOM   252  N N   . GLY A 1 36  ? 6.364   -10.921 14.938  1.00 28.52 ? 36   GLY A N   1 
ATOM   253  C CA  . GLY A 1 36  ? 6.792   -12.232 15.415  1.00 32.01 ? 36   GLY A CA  1 
ATOM   254  C C   . GLY A 1 36  ? 8.267   -12.529 15.234  1.00 27.44 ? 36   GLY A C   1 
ATOM   255  O O   . GLY A 1 36  ? 9.073   -11.626 15.003  1.00 28.46 ? 36   GLY A O   1 
ATOM   256  N N   . SER A 1 37  ? 8.624   -13.808 15.322  1.00 27.16 ? 37   SER A N   1 
ATOM   257  C CA  . SER A 1 37  ? 10.024  -14.206 15.339  1.00 25.28 ? 37   SER A CA  1 
ATOM   258  C C   . SER A 1 37  ? 10.580  -14.697 14.000  1.00 26.14 ? 37   SER A C   1 
ATOM   259  O O   . SER A 1 37  ? 11.771  -14.981 13.907  1.00 29.81 ? 37   SER A O   1 
ATOM   260  C CB  . SER A 1 37  ? 10.248  -15.271 16.419  1.00 31.35 ? 37   SER A CB  1 
ATOM   261  O OG  . SER A 1 37  ? 9.313   -16.319 16.248  1.00 30.68 ? 37   SER A OG  1 
ATOM   262  N N   . SER A 1 38  ? 9.732   -14.801 12.979  1.00 22.11 ? 38   SER A N   1 
ATOM   263  C CA  . SER A 1 38  ? 10.186  -15.109 11.623  1.00 25.56 ? 38   SER A CA  1 
ATOM   264  C C   . SER A 1 38  ? 10.872  -13.918 10.962  1.00 25.59 ? 38   SER A C   1 
ATOM   265  O O   . SER A 1 38  ? 10.826  -12.802 11.472  1.00 28.34 ? 38   SER A O   1 
ATOM   266  C CB  . SER A 1 38  ? 9.003   -15.518 10.757  1.00 28.04 ? 38   SER A CB  1 
ATOM   267  O OG  . SER A 1 38  ? 8.277   -16.580 11.350  1.00 31.63 ? 38   SER A OG  1 
ATOM   268  N N   . THR A 1 39  ? 11.501  -14.153 9.816   1.00 23.30 ? 39   THR A N   1 
ATOM   269  C CA  . THR A 1 39  ? 11.997  -13.061 8.998   1.00 26.10 ? 39   THR A CA  1 
ATOM   270  C C   . THR A 1 39  ? 11.296  -13.167 7.668   1.00 22.22 ? 39   THR A C   1 
ATOM   271  O O   . THR A 1 39  ? 10.937  -14.262 7.227   1.00 23.96 ? 39   THR A O   1 
ATOM   272  C CB  . THR A 1 39  ? 13.504  -13.155 8.734   1.00 27.96 ? 39   THR A CB  1 
ATOM   273  O OG1 . THR A 1 39  ? 13.752  -14.267 7.875   1.00 34.80 ? 39   THR A OG1 1 
ATOM   274  C CG2 . THR A 1 39  ? 14.290  -13.299 10.041  1.00 28.47 ? 39   THR A CG2 1 
ATOM   275  N N   . TYR A 1 40  ? 11.068  -12.022 7.037   1.00 24.19 ? 40   TYR A N   1 
ATOM   276  C CA  . TYR A 1 40  ? 10.363  -11.978 5.767   1.00 22.71 ? 40   TYR A CA  1 
ATOM   277  C C   . TYR A 1 40  ? 11.211  -11.247 4.713   1.00 22.63 ? 40   TYR A C   1 
ATOM   278  O O   . TYR A 1 40  ? 11.813  -10.216 4.993   1.00 23.39 ? 40   TYR A O   1 
ATOM   279  C CB  . TYR A 1 40  ? 9.015   -11.269 5.950   1.00 23.46 ? 40   TYR A CB  1 
ATOM   280  C CG  . TYR A 1 40  ? 8.010   -12.057 6.763   1.00 18.20 ? 40   TYR A CG  1 
ATOM   281  C CD1 . TYR A 1 40  ? 7.233   -13.036 6.164   1.00 20.43 ? 40   TYR A CD1 1 
ATOM   282  C CD2 . TYR A 1 40  ? 7.849   -11.833 8.118   1.00 22.61 ? 40   TYR A CD2 1 
ATOM   283  C CE1 . TYR A 1 40  ? 6.300   -13.766 6.894   1.00 21.84 ? 40   TYR A CE1 1 
ATOM   284  C CE2 . TYR A 1 40  ? 6.926   -12.556 8.856   1.00 25.73 ? 40   TYR A CE2 1 
ATOM   285  C CZ  . TYR A 1 40  ? 6.160   -13.524 8.236   1.00 22.44 ? 40   TYR A CZ  1 
ATOM   286  O OH  . TYR A 1 40  ? 5.248   -14.236 8.977   1.00 27.07 ? 40   TYR A OH  1 
ATOM   287  N N   . ASP A 1 41  ? 11.228  -11.791 3.502   1.00 21.98 ? 41   ASP A N   1 
ATOM   288  C CA  . ASP A 1 41  ? 11.970  -11.221 2.383   1.00 22.44 ? 41   ASP A CA  1 
ATOM   289  C C   . ASP A 1 41  ? 11.104  -10.171 1.692   1.00 22.57 ? 41   ASP A C   1 
ATOM   290  O O   . ASP A 1 41  ? 10.061  -10.503 1.122   1.00 21.19 ? 41   ASP A O   1 
ATOM   291  C CB  . ASP A 1 41  ? 12.296  -12.339 1.390   1.00 23.69 ? 41   ASP A CB  1 
ATOM   292  C CG  . ASP A 1 41  ? 13.179  -11.880 0.246   1.00 30.80 ? 41   ASP A CG  1 
ATOM   293  O OD1 . ASP A 1 41  ? 13.364  -10.654 0.073   1.00 33.99 ? 41   ASP A OD1 1 
ATOM   294  O OD2 . ASP A 1 41  ? 13.689  -12.758 -0.492  1.00 42.21 ? 41   ASP A OD2 1 
ATOM   295  N N   . LEU A 1 42  ? 11.537  -8.914  1.727   1.00 21.12 ? 42   LEU A N   1 
ATOM   296  C CA  . LEU A 1 42  ? 10.727  -7.841  1.167   1.00 21.31 ? 42   LEU A CA  1 
ATOM   297  C C   . LEU A 1 42  ? 10.478  -7.996  -0.326  1.00 22.81 ? 42   LEU A C   1 
ATOM   298  O O   . LEU A 1 42  ? 9.492   -7.475  -0.842  1.00 21.24 ? 42   LEU A O   1 
ATOM   299  C CB  . LEU A 1 42  ? 11.326  -6.471  1.456   1.00 22.19 ? 42   LEU A CB  1 
ATOM   300  C CG  . LEU A 1 42  ? 11.269  -6.025  2.912   1.00 21.69 ? 42   LEU A CG  1 
ATOM   301  C CD1 . LEU A 1 42  ? 11.953  -4.678  3.035   1.00 29.12 ? 42   LEU A CD1 1 
ATOM   302  C CD2 . LEU A 1 42  ? 9.811   -5.941  3.370   1.00 25.19 ? 42   LEU A CD2 1 
ATOM   303  N N   . SER A 1 43  ? 11.357  -8.711  -1.021  1.00 19.42 ? 43   SER A N   1 
ATOM   304  C CA  . SER A 1 43  ? 11.177  -8.897  -2.466  1.00 22.99 ? 43   SER A CA  1 
ATOM   305  C C   . SER A 1 43  ? 9.941   -9.740  -2.776  1.00 23.70 ? 43   SER A C   1 
ATOM   306  O O   . SER A 1 43  ? 9.490   -9.801  -3.927  1.00 23.29 ? 43   SER A O   1 
ATOM   307  C CB  . SER A 1 43  ? 12.417  -9.535  -3.094  1.00 26.35 ? 43   SER A CB  1 
ATOM   308  O OG  . SER A 1 43  ? 12.504  -10.913 -2.764  1.00 25.70 ? 43   SER A OG  1 
ATOM   309  N N   . LYS A 1 44  ? 9.388   -10.383 -1.749  1.00 21.04 ? 44   LYS A N   1 
ATOM   310  C CA  . LYS A 1 44  ? 8.199   -11.206 -1.924  1.00 22.09 ? 44   LYS A CA  1 
ATOM   311  C C   . LYS A 1 44  ? 6.921   -10.515 -1.483  1.00 21.06 ? 44   LYS A C   1 
ATOM   312  O O   . LYS A 1 44  ? 5.857   -11.106 -1.527  1.00 19.77 ? 44   LYS A O   1 
ATOM   313  C CB  . LYS A 1 44  ? 8.340   -12.532 -1.186  1.00 25.07 ? 44   LYS A CB  1 
ATOM   314  C CG  . LYS A 1 44  ? 9.458   -13.395 -1.724  1.00 27.29 ? 44   LYS A CG  1 
ATOM   315  C CD  . LYS A 1 44  ? 9.529   -14.701 -0.957  1.00 35.59 ? 44   LYS A CD  1 
ATOM   316  C CE  . LYS A 1 44  ? 10.483  -15.662 -1.638  1.00 44.37 ? 44   LYS A CE  1 
ATOM   317  N NZ  . LYS A 1 44  ? 11.804  -15.019 -1.804  1.00 41.02 ? 44   LYS A NZ  1 
ATOM   318  N N   . ILE A 1 45  ? 7.031   -9.263  -1.063  1.00 18.44 ? 45   ILE A N   1 
ATOM   319  C CA  . ILE A 1 45  ? 5.867   -8.507  -0.620  1.00 19.23 ? 45   ILE A CA  1 
ATOM   320  C C   . ILE A 1 45  ? 5.289   -7.678  -1.771  1.00 20.16 ? 45   ILE A C   1 
ATOM   321  O O   . ILE A 1 45  ? 6.022   -7.019  -2.503  1.00 20.49 ? 45   ILE A O   1 
ATOM   322  C CB  . ILE A 1 45  ? 6.246   -7.536  0.509   1.00 20.41 ? 45   ILE A CB  1 
ATOM   323  C CG1 . ILE A 1 45  ? 6.565   -8.285  1.816   1.00 21.66 ? 45   ILE A CG1 1 
ATOM   324  C CG2 . ILE A 1 45  ? 5.147   -6.494  0.717   1.00 18.95 ? 45   ILE A CG2 1 
ATOM   325  C CD1 . ILE A 1 45  ? 5.344   -8.767  2.575   1.00 18.26 ? 45   ILE A CD1 1 
ATOM   326  N N   . THR A 1 46  ? 3.970   -7.717  -1.926  1.00 17.74 ? 46   THR A N   1 
ATOM   327  C CA  . THR A 1 46  ? 3.276   -6.760  -2.779  1.00 18.58 ? 46   THR A CA  1 
ATOM   328  C C   . THR A 1 46  ? 2.158   -6.113  -1.989  1.00 21.98 ? 46   THR A C   1 
ATOM   329  O O   . THR A 1 46  ? 1.599   -6.714  -1.050  1.00 18.58 ? 46   THR A O   1 
ATOM   330  C CB  . THR A 1 46  ? 2.704   -7.419  -4.055  1.00 23.34 ? 46   THR A CB  1 
ATOM   331  O OG1 . THR A 1 46  ? 1.939   -8.574  -3.696  1.00 27.20 ? 46   THR A OG1 1 
ATOM   332  C CG2 . THR A 1 46  ? 3.831   -7.857  -4.940  1.00 26.40 ? 46   THR A CG2 1 
ATOM   333  N N   . ILE A 1 47  ? 1.848   -4.867  -2.343  1.00 20.41 ? 47   ILE A N   1 
ATOM   334  C CA  . ILE A 1 47  ? 0.776   -4.141  -1.687  1.00 18.23 ? 47   ILE A CA  1 
ATOM   335  C C   . ILE A 1 47  ? -0.160  -3.635  -2.760  1.00 17.98 ? 47   ILE A C   1 
ATOM   336  O O   . ILE A 1 47  ? 0.299   -3.162  -3.797  1.00 18.56 ? 47   ILE A O   1 
ATOM   337  C CB  . ILE A 1 47  ? 1.340   -2.974  -0.897  1.00 18.80 ? 47   ILE A CB  1 
ATOM   338  C CG1 . ILE A 1 47  ? 2.257   -3.512  0.197   1.00 17.23 ? 47   ILE A CG1 1 
ATOM   339  C CG2 . ILE A 1 47  ? 0.200   -2.145  -0.265  1.00 17.56 ? 47   ILE A CG2 1 
ATOM   340  C CD1 . ILE A 1 47  ? 3.077   -2.433  0.891   1.00 17.38 ? 47   ILE A CD1 1 
ATOM   341  N N   . ARG A 1 48  ? -1.467  -3.753  -2.537  1.00 16.65 ? 48   ARG A N   1 
ATOM   342  C CA  . ARG A 1 48  ? -2.412  -3.239  -3.529  1.00 17.23 ? 48   ARG A CA  1 
ATOM   343  C C   . ARG A 1 48  ? -3.321  -2.206  -2.914  1.00 15.26 ? 48   ARG A C   1 
ATOM   344  O O   . ARG A 1 48  ? -3.899  -2.419  -1.846  1.00 17.05 ? 48   ARG A O   1 
ATOM   345  C CB  . ARG A 1 48  ? -3.255  -4.361  -4.137  1.00 18.87 ? 48   ARG A CB  1 
ATOM   346  C CG  . ARG A 1 48  ? -2.427  -5.391  -4.890  1.00 18.55 ? 48   ARG A CG  1 
ATOM   347  C CD  . ARG A 1 48  ? -3.302  -6.509  -5.449  1.00 21.12 ? 48   ARG A CD  1 
ATOM   348  N NE  . ARG A 1 48  ? -2.520  -7.347  -6.345  1.00 23.91 ? 48   ARG A NE  1 
ATOM   349  C CZ  . ARG A 1 48  ? -3.011  -8.264  -7.171  1.00 31.44 ? 48   ARG A CZ  1 
ATOM   350  N NH1 . ARG A 1 48  ? -4.316  -8.480  -7.249  1.00 31.12 ? 48   ARG A NH1 1 
ATOM   351  N NH2 . ARG A 1 48  ? -2.183  -8.959  -7.938  1.00 33.13 ? 48   ARG A NH2 1 
ATOM   352  N N   . TYR A 1 49  ? -3.439  -1.083  -3.612  1.00 17.67 ? 49   TYR A N   1 
ATOM   353  C CA  . TYR A 1 49  ? -4.314  0.009   -3.238  1.00 16.27 ? 49   TYR A CA  1 
ATOM   354  C C   . TYR A 1 49  ? -5.314  0.083   -4.372  1.00 15.06 ? 49   TYR A C   1 
ATOM   355  O O   . TYR A 1 49  ? -4.934  0.297   -5.518  1.00 15.43 ? 49   TYR A O   1 
ATOM   356  C CB  . TYR A 1 49  ? -3.520  1.312   -3.187  1.00 17.18 ? 49   TYR A CB  1 
ATOM   357  C CG  . TYR A 1 49  ? -4.297  2.511   -2.685  1.00 18.42 ? 49   TYR A CG  1 
ATOM   358  C CD1 . TYR A 1 49  ? -4.193  2.926   -1.359  1.00 18.41 ? 49   TYR A CD1 1 
ATOM   359  C CD2 . TYR A 1 49  ? -5.115  3.246   -3.541  1.00 19.35 ? 49   TYR A CD2 1 
ATOM   360  C CE1 . TYR A 1 49  ? -4.891  4.037   -0.894  1.00 17.68 ? 49   TYR A CE1 1 
ATOM   361  C CE2 . TYR A 1 49  ? -5.820  4.359   -3.087  1.00 16.20 ? 49   TYR A CE2 1 
ATOM   362  C CZ  . TYR A 1 49  ? -5.704  4.748   -1.764  1.00 18.84 ? 49   TYR A CZ  1 
ATOM   363  O OH  . TYR A 1 49  ? -6.381  5.856   -1.283  1.00 21.72 ? 49   TYR A OH  1 
ATOM   364  N N   . PHE A 1 50  ? -6.583  -0.115  -4.038  1.00 17.37 ? 50   PHE A N   1 
ATOM   365  C CA  . PHE A 1 50  ? -7.635  -0.272  -5.041  1.00 19.08 ? 50   PHE A CA  1 
ATOM   366  C C   . PHE A 1 50  ? -8.359  1.042   -5.247  1.00 19.68 ? 50   PHE A C   1 
ATOM   367  O O   . PHE A 1 50  ? -8.638  1.759   -4.283  1.00 18.48 ? 50   PHE A O   1 
ATOM   368  C CB  . PHE A 1 50  ? -8.625  -1.327  -4.596  1.00 16.99 ? 50   PHE A CB  1 
ATOM   369  C CG  . PHE A 1 50  ? -7.981  -2.664  -4.316  1.00 19.11 ? 50   PHE A CG  1 
ATOM   370  C CD1 . PHE A 1 50  ? -7.786  -3.569  -5.345  1.00 20.07 ? 50   PHE A CD1 1 
ATOM   371  C CD2 . PHE A 1 50  ? -7.589  -2.998  -3.034  1.00 19.00 ? 50   PHE A CD2 1 
ATOM   372  C CE1 . PHE A 1 50  ? -7.195  -4.808  -5.105  1.00 20.18 ? 50   PHE A CE1 1 
ATOM   373  C CE2 . PHE A 1 50  ? -6.979  -4.242  -2.773  1.00 18.80 ? 50   PHE A CE2 1 
ATOM   374  C CZ  . PHE A 1 50  ? -6.796  -5.140  -3.822  1.00 20.21 ? 50   PHE A CZ  1 
ATOM   375  N N   . TYR A 1 51  ? -8.662  1.348   -6.502  1.00 18.68 ? 51   TYR A N   1 
ATOM   376  C CA  . TYR A 1 51  ? -9.216  2.657   -6.830  1.00 21.30 ? 51   TYR A CA  1 
ATOM   377  C C   . TYR A 1 51  ? -10.045 2.611   -8.105  1.00 21.61 ? 51   TYR A C   1 
ATOM   378  O O   . TYR A 1 51  ? -10.074 1.612   -8.814  1.00 20.05 ? 51   TYR A O   1 
ATOM   379  C CB  . TYR A 1 51  ? -8.097  3.700   -6.990  1.00 21.26 ? 51   TYR A CB  1 
ATOM   380  C CG  . TYR A 1 51  ? -7.253  3.500   -8.239  1.00 21.60 ? 51   TYR A CG  1 
ATOM   381  C CD1 . TYR A 1 51  ? -7.505  4.227   -9.388  1.00 20.14 ? 51   TYR A CD1 1 
ATOM   382  C CD2 . TYR A 1 51  ? -6.200  2.576   -8.262  1.00 22.03 ? 51   TYR A CD2 1 
ATOM   383  C CE1 . TYR A 1 51  ? -6.735  4.052   -10.535 1.00 21.80 ? 51   TYR A CE1 1 
ATOM   384  C CE2 . TYR A 1 51  ? -5.427  2.391   -9.404  1.00 18.08 ? 51   TYR A CE2 1 
ATOM   385  C CZ  . TYR A 1 51  ? -5.702  3.135   -10.533 1.00 25.50 ? 51   TYR A CZ  1 
ATOM   386  O OH  . TYR A 1 51  ? -4.953  2.969   -11.671 1.00 22.96 ? 51   TYR A OH  1 
ATOM   387  N N   . THR A 1 52  ? -10.699 3.727   -8.398  1.00 20.68 ? 52   THR A N   1 
ATOM   388  C CA  . THR A 1 52  ? -11.582 3.813   -9.545  1.00 23.37 ? 52   THR A CA  1 
ATOM   389  C C   . THR A 1 52  ? -11.018 4.826   -10.506 1.00 27.06 ? 52   THR A C   1 
ATOM   390  O O   . THR A 1 52  ? -10.690 5.954   -10.120 1.00 25.85 ? 52   THR A O   1 
ATOM   391  C CB  . THR A 1 52  ? -12.986 4.279   -9.145  1.00 25.16 ? 52   THR A CB  1 
ATOM   392  O OG1 . THR A 1 52  ? -13.617 3.274   -8.352  1.00 26.04 ? 52   THR A OG1 1 
ATOM   393  C CG2 . THR A 1 52  ? -13.828 4.559   -10.396 1.00 29.64 ? 52   THR A CG2 1 
ATOM   394  N N   . SER A 1 53  ? -10.875 4.421   -11.753 1.00 26.47 ? 53   SER A N   1 
ATOM   395  C CA  . SER A 1 53  ? -10.309 5.298   -12.753 1.00 31.82 ? 53   SER A CA  1 
ATOM   396  C C   . SER A 1 53  ? -11.388 6.102   -13.442 1.00 43.33 ? 53   SER A C   1 
ATOM   397  O O   . SER A 1 53  ? -12.177 5.571   -14.224 1.00 43.12 ? 53   SER A O   1 
ATOM   398  C CB  . SER A 1 53  ? -9.532  4.526   -13.810 1.00 37.84 ? 53   SER A CB  1 
ATOM   399  O OG  . SER A 1 53  ? -9.010  5.430   -14.769 1.00 38.18 ? 53   SER A OG  1 
ATOM   400  N N   . ASP A 1 54  ? -11.412 7.384   -13.106 1.00 47.15 ? 54   ASP A N   1 
ATOM   401  C CA  . ASP A 1 54  ? -12.142 8.393   -13.837 1.00 54.52 ? 54   ASP A CA  1 
ATOM   402  C C   . ASP A 1 54  ? -12.439 7.961   -15.274 1.00 56.34 ? 54   ASP A C   1 
ATOM   403  O O   . ASP A 1 54  ? -13.599 7.828   -15.679 1.00 55.89 ? 54   ASP A O   1 
ATOM   404  C CB  . ASP A 1 54  ? -11.285 9.664   -13.848 1.00 54.82 ? 54   ASP A CB  1 
ATOM   405  C CG  . ASP A 1 54  ? -9.787  9.358   -13.940 1.00 49.99 ? 54   ASP A CG  1 
ATOM   406  O OD1 . ASP A 1 54  ? -9.307  8.980   -15.035 1.00 51.08 ? 54   ASP A OD1 1 
ATOM   407  O OD2 . ASP A 1 54  ? -9.085  9.495   -12.920 1.00 47.63 ? 54   ASP A OD2 1 
ATOM   408  N N   . ASP A 1 55  ? -11.373 7.717   -16.032 1.00 50.90 ? 55   ASP A N   1 
ATOM   409  C CA  . ASP A 1 55  ? -11.474 7.623   -17.477 1.00 54.40 ? 55   ASP A CA  1 
ATOM   410  C C   . ASP A 1 55  ? -10.134 7.241   -18.102 1.00 54.33 ? 55   ASP A C   1 
ATOM   411  O O   . ASP A 1 55  ? -9.795  7.708   -19.191 1.00 52.65 ? 55   ASP A O   1 
ATOM   412  C CB  . ASP A 1 55  ? -11.888 8.985   -18.014 1.00 59.26 ? 55   ASP A CB  1 
ATOM   413  C CG  . ASP A 1 55  ? -11.086 10.111  -17.384 1.00 58.52 ? 55   ASP A CG  1 
ATOM   414  O OD1 . ASP A 1 55  ? -9.896  10.261  -17.742 1.00 59.33 ? 55   ASP A OD1 1 
ATOM   415  O OD2 . ASP A 1 55  ? -11.639 10.829  -16.521 1.00 59.10 ? 55   ASP A OD2 1 
ATOM   416  N N   . ASP A 1 56  ? -9.367  6.413   -17.401 1.00 46.21 ? 56   ASP A N   1 
ATOM   417  C CA  . ASP A 1 56  ? -8.087  5.939   -17.917 1.00 46.98 ? 56   ASP A CA  1 
ATOM   418  C C   . ASP A 1 56  ? -7.067  7.051   -18.213 1.00 47.65 ? 56   ASP A C   1 
ATOM   419  O O   . ASP A 1 56  ? -6.295  6.950   -19.166 1.00 43.77 ? 56   ASP A O   1 
ATOM   420  C CB  . ASP A 1 56  ? -8.297  5.069   -19.162 1.00 50.41 ? 56   ASP A CB  1 
ATOM   421  C CG  . ASP A 1 56  ? -8.534  3.603   -18.821 1.00 57.54 ? 56   ASP A CG  1 
ATOM   422  O OD1 . ASP A 1 56  ? -9.148  3.317   -17.767 1.00 55.37 ? 56   ASP A OD1 1 
ATOM   423  O OD2 . ASP A 1 56  ? -8.104  2.733   -19.612 1.00 59.97 ? 56   ASP A OD2 1 
ATOM   424  N N   . LYS A 1 57  ? -7.062  8.106   -17.402 1.00 43.89 ? 57   LYS A N   1 
ATOM   425  C CA  . LYS A 1 57  ? -6.008  9.109   -17.494 1.00 45.40 ? 57   LYS A CA  1 
ATOM   426  C C   . LYS A 1 57  ? -4.714  8.503   -16.969 1.00 38.55 ? 57   LYS A C   1 
ATOM   427  O O   . LYS A 1 57  ? -4.747  7.673   -16.065 1.00 39.85 ? 57   LYS A O   1 
ATOM   428  C CB  . LYS A 1 57  ? -6.363  10.347  -16.679 1.00 49.02 ? 57   LYS A CB  1 
ATOM   429  C CG  . LYS A 1 57  ? -7.125  11.395  -17.457 1.00 50.72 ? 57   LYS A CG  1 
ATOM   430  C CD  . LYS A 1 57  ? -7.522  12.549  -16.563 1.00 48.36 ? 57   LYS A CD  1 
ATOM   431  C CE  . LYS A 1 57  ? -8.262  13.616  -17.352 1.00 49.55 ? 57   LYS A CE  1 
ATOM   432  N NZ  . LYS A 1 57  ? -8.612  14.795  -16.512 1.00 48.77 ? 57   LYS A NZ  1 
ATOM   433  N N   . ALA A 1 58  ? -3.583  8.921   -17.527 1.00 40.06 ? 58   ALA A N   1 
ATOM   434  C CA  . ALA A 1 58  ? -2.287  8.380   -17.123 1.00 39.00 ? 58   ALA A CA  1 
ATOM   435  C C   . ALA A 1 58  ? -1.886  8.792   -15.703 1.00 38.18 ? 58   ALA A C   1 
ATOM   436  O O   . ALA A 1 58  ? -1.889  9.976   -15.355 1.00 36.36 ? 58   ALA A O   1 
ATOM   437  C CB  . ALA A 1 58  ? -1.198  8.783   -18.120 1.00 37.37 ? 58   ALA A CB  1 
ATOM   438  N N   . LEU A 1 59  ? -1.524  7.800   -14.895 1.00 35.06 ? 59   LEU A N   1 
ATOM   439  C CA  . LEU A 1 59  ? -1.089  8.055   -13.533 1.00 32.98 ? 59   LEU A CA  1 
ATOM   440  C C   . LEU A 1 59  ? 0.401   7.787   -13.362 1.00 29.17 ? 59   LEU A C   1 
ATOM   441  O O   . LEU A 1 59  ? 0.985   6.981   -14.086 1.00 32.15 ? 59   LEU A O   1 
ATOM   442  C CB  . LEU A 1 59  ? -1.883  7.200   -12.555 1.00 30.24 ? 59   LEU A CB  1 
ATOM   443  C CG  . LEU A 1 59  ? -3.402  7.354   -12.597 1.00 31.24 ? 59   LEU A CG  1 
ATOM   444  C CD1 . LEU A 1 59  ? -4.060  6.337   -11.671 1.00 27.88 ? 59   LEU A CD1 1 
ATOM   445  C CD2 . LEU A 1 59  ? -3.798  8.779   -12.217 1.00 30.07 ? 59   LEU A CD2 1 
ATOM   446  N N   . THR A 1 60  ? 1.005   8.472   -12.397 1.00 27.67 ? 60   THR A N   1 
ATOM   447  C CA  . THR A 1 60  ? 2.406   8.267   -12.080 1.00 28.82 ? 60   THR A CA  1 
ATOM   448  C C   . THR A 1 60  ? 2.558   7.999   -10.597 1.00 26.59 ? 60   THR A C   1 
ATOM   449  O O   . THR A 1 60  ? 1.953   8.680   -9.769  1.00 26.98 ? 60   THR A O   1 
ATOM   450  C CB  . THR A 1 60  ? 3.246   9.495   -12.439 1.00 32.08 ? 60   THR A CB  1 
ATOM   451  O OG1 . THR A 1 60  ? 3.163   9.725   -13.849 1.00 37.42 ? 60   THR A OG1 1 
ATOM   452  C CG2 . THR A 1 60  ? 4.706   9.282   -12.041 1.00 34.26 ? 60   THR A CG2 1 
ATOM   453  N N   . TYR A 1 61  ? 3.360   6.993   -10.265 1.00 24.56 ? 61   TYR A N   1 
ATOM   454  C CA  . TYR A 1 61  ? 3.667   6.711   -8.870  1.00 25.58 ? 61   TYR A CA  1 
ATOM   455  C C   . TYR A 1 61  ? 4.992   7.355   -8.499  1.00 28.10 ? 61   TYR A C   1 
ATOM   456  O O   . TYR A 1 61  ? 5.984   7.195   -9.211  1.00 29.04 ? 61   TYR A O   1 
ATOM   457  C CB  . TYR A 1 61  ? 3.740   5.202   -8.624  1.00 23.26 ? 61   TYR A CB  1 
ATOM   458  C CG  . TYR A 1 61  ? 4.069   4.850   -7.189  1.00 29.17 ? 61   TYR A CG  1 
ATOM   459  C CD1 . TYR A 1 61  ? 3.084   4.844   -6.215  1.00 24.32 ? 61   TYR A CD1 1 
ATOM   460  C CD2 . TYR A 1 61  ? 5.371   4.523   -6.810  1.00 25.82 ? 61   TYR A CD2 1 
ATOM   461  C CE1 . TYR A 1 61  ? 3.382   4.519   -4.890  1.00 25.31 ? 61   TYR A CE1 1 
ATOM   462  C CE2 . TYR A 1 61  ? 5.679   4.189   -5.490  1.00 27.76 ? 61   TYR A CE2 1 
ATOM   463  C CZ  . TYR A 1 61  ? 4.682   4.185   -4.540  1.00 27.98 ? 61   TYR A CZ  1 
ATOM   464  O OH  . TYR A 1 61  ? 4.972   3.867   -3.236  1.00 27.56 ? 61   TYR A OH  1 
ATOM   465  N N   . TYR A 1 62  ? 4.988   8.091   -7.395  1.00 25.33 ? 62   TYR A N   1 
ATOM   466  C CA  . TYR A 1 62  ? 6.170   8.769   -6.882  1.00 27.25 ? 62   TYR A CA  1 
ATOM   467  C C   . TYR A 1 62  ? 6.648   8.105   -5.598  1.00 28.51 ? 62   TYR A C   1 
ATOM   468  O O   . TYR A 1 62  ? 5.950   8.122   -4.582  1.00 26.10 ? 62   TYR A O   1 
ATOM   469  C CB  . TYR A 1 62  ? 5.864   10.245  -6.625  1.00 28.18 ? 62   TYR A CB  1 
ATOM   470  C CG  . TYR A 1 62  ? 5.572   11.000  -7.904  1.00 29.48 ? 62   TYR A CG  1 
ATOM   471  C CD1 . TYR A 1 62  ? 6.606   11.428  -8.730  1.00 33.40 ? 62   TYR A CD1 1 
ATOM   472  C CD2 . TYR A 1 62  ? 4.265   11.269  -8.291  1.00 31.87 ? 62   TYR A CD2 1 
ATOM   473  C CE1 . TYR A 1 62  ? 6.347   12.112  -9.910  1.00 37.34 ? 62   TYR A CE1 1 
ATOM   474  C CE2 . TYR A 1 62  ? 3.994   11.952  -9.464  1.00 37.69 ? 62   TYR A CE2 1 
ATOM   475  C CZ  . TYR A 1 62  ? 5.038   12.371  -10.271 1.00 40.05 ? 62   TYR A CZ  1 
ATOM   476  O OH  . TYR A 1 62  ? 4.762   13.045  -11.436 1.00 41.68 ? 62   TYR A OH  1 
ATOM   477  N N   . SER A 1 63  ? 7.834   7.510   -5.649  1.00 27.57 ? 63   SER A N   1 
ATOM   478  C CA  . SER A 1 63  ? 8.402   6.890   -4.454  1.00 28.10 ? 63   SER A CA  1 
ATOM   479  C C   . SER A 1 63  ? 9.228   7.904   -3.667  1.00 29.27 ? 63   SER A C   1 
ATOM   480  O O   . SER A 1 63  ? 10.387  8.161   -3.994  1.00 30.74 ? 63   SER A O   1 
ATOM   481  C CB  . SER A 1 63  ? 9.236   5.662   -4.825  1.00 28.04 ? 63   SER A CB  1 
ATOM   482  O OG  . SER A 1 63  ? 9.590   4.921   -3.670  1.00 26.28 ? 63   SER A OG  1 
ATOM   483  N N   . ASP A 1 64  ? 8.623   8.474   -2.633  1.00 28.80 ? 64   ASP A N   1 
ATOM   484  C CA  . ASP A 1 64  ? 9.256   9.526   -1.843  1.00 25.91 ? 64   ASP A CA  1 
ATOM   485  C C   . ASP A 1 64  ? 10.252  8.958   -0.838  1.00 35.26 ? 64   ASP A C   1 
ATOM   486  O O   . ASP A 1 64  ? 11.361  9.473   -0.688  1.00 34.73 ? 64   ASP A O   1 
ATOM   487  C CB  . ASP A 1 64  ? 8.207   10.331  -1.076  1.00 28.85 ? 64   ASP A CB  1 
ATOM   488  C CG  . ASP A 1 64  ? 7.280   11.127  -1.994  1.00 33.80 ? 64   ASP A CG  1 
ATOM   489  O OD1 . ASP A 1 64  ? 7.694   11.522  -3.107  1.00 33.72 ? 64   ASP A OD1 1 
ATOM   490  O OD2 . ASP A 1 64  ? 6.122   11.350  -1.590  1.00 34.81 ? 64   ASP A OD2 1 
ATOM   491  N N   . TYR A 1 65  ? 9.837   7.920   -0.119  1.00 26.76 ? 65   TYR A N   1 
ATOM   492  C CA  . TYR A 1 65  ? 10.683  7.342   0.913   1.00 28.48 ? 65   TYR A CA  1 
ATOM   493  C C   . TYR A 1 65  ? 10.405  5.858   1.129   1.00 27.57 ? 65   TYR A C   1 
ATOM   494  O O   . TYR A 1 65  ? 9.254   5.444   1.262   1.00 25.91 ? 65   TYR A O   1 
ATOM   495  C CB  . TYR A 1 65  ? 10.518  8.101   2.228   1.00 30.33 ? 65   TYR A CB  1 
ATOM   496  C CG  . TYR A 1 65  ? 11.339  7.512   3.357   1.00 29.58 ? 65   TYR A CG  1 
ATOM   497  C CD1 . TYR A 1 65  ? 12.723  7.512   3.294   1.00 29.73 ? 65   TYR A CD1 1 
ATOM   498  C CD2 . TYR A 1 65  ? 10.731  6.964   4.480   1.00 28.10 ? 65   TYR A CD2 1 
ATOM   499  C CE1 . TYR A 1 65  ? 13.490  6.980   4.313   1.00 28.77 ? 65   TYR A CE1 1 
ATOM   500  C CE2 . TYR A 1 65  ? 11.491  6.425   5.517   1.00 28.08 ? 65   TYR A CE2 1 
ATOM   501  C CZ  . TYR A 1 65  ? 12.873  6.443   5.419   1.00 27.95 ? 65   TYR A CZ  1 
ATOM   502  O OH  . TYR A 1 65  ? 13.660  5.920   6.421   1.00 31.57 ? 65   TYR A OH  1 
ATOM   503  N N   . VAL A 1 66  ? 11.464  5.058   1.138   1.00 24.75 ? 66   VAL A N   1 
ATOM   504  C CA  . VAL A 1 66  ? 11.338  3.650   1.484   1.00 23.60 ? 66   VAL A CA  1 
ATOM   505  C C   . VAL A 1 66  ? 12.494  3.325   2.409   1.00 28.61 ? 66   VAL A C   1 
ATOM   506  O O   . VAL A 1 66  ? 13.654  3.429   2.006   1.00 28.22 ? 66   VAL A O   1 
ATOM   507  C CB  . VAL A 1 66  ? 11.402  2.754   0.247   1.00 23.40 ? 66   VAL A CB  1 
ATOM   508  C CG1 . VAL A 1 66  ? 11.188  1.303   0.644   1.00 25.20 ? 66   VAL A CG1 1 
ATOM   509  C CG2 . VAL A 1 66  ? 10.371  3.201   -0.790  1.00 26.63 ? 66   VAL A CG2 1 
ATOM   510  N N   . SER A 1 67  ? 12.182  2.953   3.645   1.00 25.01 ? 67   SER A N   1 
ATOM   511  C CA  . SER A 1 67  ? 13.209  2.831   4.681   1.00 26.16 ? 67   SER A CA  1 
ATOM   512  C C   . SER A 1 67  ? 14.151  1.646   4.479   1.00 24.97 ? 67   SER A C   1 
ATOM   513  O O   . SER A 1 67  ? 15.271  1.650   4.988   1.00 26.97 ? 67   SER A O   1 
ATOM   514  C CB  . SER A 1 67  ? 12.577  2.775   6.070   1.00 26.89 ? 67   SER A CB  1 
ATOM   515  O OG  . SER A 1 67  ? 11.871  1.568   6.272   1.00 23.76 ? 67   SER A OG  1 
ATOM   516  N N   . ILE A 1 68  ? 13.700  0.630   3.752   1.00 22.41 ? 68   ILE A N   1 
ATOM   517  C CA  . ILE A 1 68  ? 14.543  -0.510  3.408   1.00 28.81 ? 68   ILE A CA  1 
ATOM   518  C C   . ILE A 1 68  ? 14.346  -0.844  1.946   1.00 30.21 ? 68   ILE A C   1 
ATOM   519  O O   . ILE A 1 68  ? 13.216  -1.059  1.513   1.00 28.52 ? 68   ILE A O   1 
ATOM   520  C CB  . ILE A 1 68  ? 14.172  -1.775  4.212   1.00 24.66 ? 68   ILE A CB  1 
ATOM   521  C CG1 . ILE A 1 68  ? 14.172  -1.497  5.713   1.00 27.06 ? 68   ILE A CG1 1 
ATOM   522  C CG2 . ILE A 1 68  ? 15.097  -2.938  3.842   1.00 28.98 ? 68   ILE A CG2 1 
ATOM   523  C CD1 . ILE A 1 68  ? 13.723  -2.703  6.533   1.00 24.78 ? 68   ILE A CD1 1 
ATOM   524  N N   . GLY A 1 69  ? 15.444  -0.894  1.192   1.00 23.57 ? 69   GLY A N   1 
ATOM   525  C CA  . GLY A 1 69  ? 15.406  -1.185  -0.230  1.00 21.20 ? 69   GLY A CA  1 
ATOM   526  C C   . GLY A 1 69  ? 14.747  -0.085  -1.048  1.00 24.66 ? 69   GLY A C   1 
ATOM   527  O O   . GLY A 1 69  ? 15.004  1.111   -0.841  1.00 29.00 ? 69   GLY A O   1 
ATOM   528  N N   . SER A 1 70  ? 13.876  -0.497  -1.966  1.00 26.58 ? 70   SER A N   1 
ATOM   529  C CA  . SER A 1 70  ? 13.182  0.425   -2.856  1.00 26.56 ? 70   SER A CA  1 
ATOM   530  C C   . SER A 1 70  ? 11.823  -0.137  -3.276  1.00 29.08 ? 70   SER A C   1 
ATOM   531  O O   . SER A 1 70  ? 11.565  -1.335  -3.155  1.00 23.43 ? 70   SER A O   1 
ATOM   532  C CB  . SER A 1 70  ? 14.019  0.696   -4.107  1.00 25.58 ? 70   SER A CB  1 
ATOM   533  O OG  . SER A 1 70  ? 14.178  -0.497  -4.851  1.00 28.77 ? 70   SER A OG  1 
ATOM   534  N N   . ALA A 1 71  ? 10.969  0.741   -3.786  1.00 24.32 ? 71   ALA A N   1 
ATOM   535  C CA  . ALA A 1 71  ? 9.622   0.362   -4.193  1.00 25.15 ? 71   ALA A CA  1 
ATOM   536  C C   . ALA A 1 71  ? 9.357   0.819   -5.614  1.00 24.03 ? 71   ALA A C   1 
ATOM   537  O O   . ALA A 1 71  ? 9.862   1.857   -6.040  1.00 27.23 ? 71   ALA A O   1 
ATOM   538  C CB  . ALA A 1 71  ? 8.613   0.998   -3.259  1.00 23.55 ? 71   ALA A CB  1 
ATOM   539  N N   . SER A 1 72  ? 8.551   0.052   -6.343  1.00 26.90 ? 72   SER A N   1 
ATOM   540  C CA  . SER A 1 72  ? 8.099   0.467   -7.670  1.00 26.21 ? 72   SER A CA  1 
ATOM   541  C C   . SER A 1 72  ? 6.632   0.091   -7.804  1.00 25.75 ? 72   SER A C   1 
ATOM   542  O O   . SER A 1 72  ? 6.122   -0.704  -7.026  1.00 22.08 ? 72   SER A O   1 
ATOM   543  C CB  . SER A 1 72  ? 8.918   -0.203  -8.766  1.00 26.52 ? 72   SER A CB  1 
ATOM   544  O OG  . SER A 1 72  ? 8.762   -1.602  -8.741  1.00 27.29 ? 72   SER A OG  1 
ATOM   545  N N   . ALA A 1 73  ? 5.945   0.659   -8.784  1.00 25.52 ? 73   ALA A N   1 
ATOM   546  C CA  . ALA A 1 73  ? 4.504   0.473   -8.857  1.00 20.45 ? 73   ALA A CA  1 
ATOM   547  C C   . ALA A 1 73  ? 4.038   0.256   -10.281 1.00 24.65 ? 73   ALA A C   1 
ATOM   548  O O   . ALA A 1 73  ? 4.638   0.760   -11.237 1.00 25.98 ? 73   ALA A O   1 
ATOM   549  C CB  . ALA A 1 73  ? 3.786   1.665   -8.253  1.00 23.81 ? 73   ALA A CB  1 
ATOM   550  N N   . THR A 1 74  ? 2.959   -0.503  -10.412 1.00 25.90 ? 74   THR A N   1 
ATOM   551  C CA  . THR A 1 74  ? 2.269   -0.657  -11.677 1.00 22.21 ? 74   THR A CA  1 
ATOM   552  C C   . THR A 1 74  ? 0.792   -0.366  -11.450 1.00 23.65 ? 74   THR A C   1 
ATOM   553  O O   . THR A 1 74  ? 0.298   -0.476  -10.337 1.00 21.42 ? 74   THR A O   1 
ATOM   554  C CB  . THR A 1 74  ? 2.424   -2.087  -12.231 1.00 21.89 ? 74   THR A CB  1 
ATOM   555  O OG1 . THR A 1 74  ? 1.886   -3.024  -11.294 1.00 22.80 ? 74   THR A OG1 1 
ATOM   556  C CG2 . THR A 1 74  ? 3.906   -2.412  -12.463 1.00 27.64 ? 74   THR A CG2 1 
ATOM   557  N N   . PHE A 1 75  ? 0.093   0.024   -12.511 1.00 24.25 ? 75   PHE A N   1 
ATOM   558  C CA  . PHE A 1 75  ? -1.331  0.260   -12.432 1.00 23.10 ? 75   PHE A CA  1 
ATOM   559  C C   . PHE A 1 75  ? -2.006  -0.797  -13.286 1.00 25.88 ? 75   PHE A C   1 
ATOM   560  O O   . PHE A 1 75  ? -1.571  -1.072  -14.411 1.00 24.03 ? 75   PHE A O   1 
ATOM   561  C CB  . PHE A 1 75  ? -1.644  1.669   -12.925 1.00 22.88 ? 75   PHE A CB  1 
ATOM   562  C CG  . PHE A 1 75  ? -0.922  2.740   -12.156 1.00 25.68 ? 75   PHE A CG  1 
ATOM   563  C CD1 . PHE A 1 75  ? -1.487  3.290   -11.021 1.00 26.22 ? 75   PHE A CD1 1 
ATOM   564  C CD2 . PHE A 1 75  ? 0.336   3.171   -12.548 1.00 27.38 ? 75   PHE A CD2 1 
ATOM   565  C CE1 . PHE A 1 75  ? -0.824  4.270   -10.288 1.00 25.43 ? 75   PHE A CE1 1 
ATOM   566  C CE2 . PHE A 1 75  ? 1.008   4.152   -11.819 1.00 27.22 ? 75   PHE A CE2 1 
ATOM   567  C CZ  . PHE A 1 75  ? 0.425   4.699   -10.691 1.00 27.76 ? 75   PHE A CZ  1 
ATOM   568  N N   . ASN A 1 76  ? -3.066  -1.385  -12.742 1.00 23.35 ? 76   ASN A N   1 
ATOM   569  C CA  . ASN A 1 76  ? -3.618  -2.626  -13.254 1.00 25.15 ? 76   ASN A CA  1 
ATOM   570  C C   . ASN A 1 76  ? -5.131  -2.629  -13.241 1.00 25.71 ? 76   ASN A C   1 
ATOM   571  O O   . ASN A 1 76  ? -5.744  -2.041  -12.358 1.00 24.32 ? 76   ASN A O   1 
ATOM   572  C CB  . ASN A 1 76  ? -3.166  -3.781  -12.368 1.00 25.52 ? 76   ASN A CB  1 
ATOM   573  C CG  . ASN A 1 76  ? -1.669  -3.819  -12.186 1.00 30.73 ? 76   ASN A CG  1 
ATOM   574  O OD1 . ASN A 1 76  ? -0.965  -4.459  -12.958 1.00 28.74 ? 76   ASN A OD1 1 
ATOM   575  N ND2 . ASN A 1 76  ? -1.172  -3.101  -11.181 1.00 25.65 ? 76   ASN A ND2 1 
ATOM   576  N N   . ASN A 1 77  ? -5.727  -3.320  -14.207 1.00 28.41 ? 77   ASN A N   1 
ATOM   577  C CA  . ASN A 1 77  ? -7.168  -3.531  -14.184 1.00 24.82 ? 77   ASN A CA  1 
ATOM   578  C C   . ASN A 1 77  ? -7.576  -4.532  -13.115 1.00 27.42 ? 77   ASN A C   1 
ATOM   579  O O   . ASN A 1 77  ? -6.928  -5.559  -12.932 1.00 31.21 ? 77   ASN A O   1 
ATOM   580  C CB  . ASN A 1 77  ? -7.652  -4.008  -15.552 1.00 32.54 ? 77   ASN A CB  1 
ATOM   581  C CG  . ASN A 1 77  ? -7.427  -2.977  -16.625 1.00 36.02 ? 77   ASN A CG  1 
ATOM   582  O OD1 . ASN A 1 77  ? -6.800  -3.250  -17.645 1.00 41.38 ? 77   ASN A OD1 1 
ATOM   583  N ND2 . ASN A 1 77  ? -7.921  -1.771  -16.393 1.00 34.58 ? 77   ASN A ND2 1 
ATOM   584  N N   . LEU A 1 78  ? -8.652  -4.227  -12.400 1.00 25.79 ? 78   LEU A N   1 
ATOM   585  C CA  . LEU A 1 78  ? -9.174  -5.133  -11.389 1.00 26.27 ? 78   LEU A CA  1 
ATOM   586  C C   . LEU A 1 78  ? -10.281 -5.979  -11.992 1.00 32.43 ? 78   LEU A C   1 
ATOM   587  O O   . LEU A 1 78  ? -11.136 -5.455  -12.699 1.00 31.23 ? 78   LEU A O   1 
ATOM   588  C CB  . LEU A 1 78  ? -9.758  -4.345  -10.219 1.00 24.34 ? 78   LEU A CB  1 
ATOM   589  C CG  . LEU A 1 78  ? -10.223 -5.225  -9.065  1.00 26.34 ? 78   LEU A CG  1 
ATOM   590  C CD1 . LEU A 1 78  ? -9.041  -5.925  -8.433  1.00 28.46 ? 78   LEU A CD1 1 
ATOM   591  C CD2 . LEU A 1 78  ? -10.991 -4.414  -8.030  1.00 26.40 ? 78   LEU A CD2 1 
ATOM   592  N N   . SER A 1 79  ? -10.273 -7.277  -11.707 1.00 28.09 ? 79   SER A N   1 
ATOM   593  C CA  . SER A 1 79  ? -11.397 -8.132  -12.097 1.00 36.12 ? 79   SER A CA  1 
ATOM   594  C C   . SER A 1 79  ? -11.658 -9.232  -11.075 1.00 42.61 ? 79   SER A C   1 
ATOM   595  O O   . SER A 1 79  ? -10.726 -9.891  -10.610 1.00 42.55 ? 79   SER A O   1 
ATOM   596  C CB  . SER A 1 79  ? -11.188 -8.732  -13.476 1.00 39.03 ? 79   SER A CB  1 
ATOM   597  O OG  . SER A 1 79  ? -10.142 -9.675  -13.430 1.00 47.54 ? 79   SER A OG  1 
ATOM   598  N N   . PRO A 1 80  ? -12.937 -9.418  -10.710 1.00 43.18 ? 80   PRO A N   1 
ATOM   599  C CA  . PRO A 1 80  ? -14.031 -8.645  -11.303 1.00 40.77 ? 80   PRO A CA  1 
ATOM   600  C C   . PRO A 1 80  ? -14.114 -7.248  -10.686 1.00 37.17 ? 80   PRO A C   1 
ATOM   601  O O   . PRO A 1 80  ? -13.603 -7.019  -9.591  1.00 38.93 ? 80   PRO A O   1 
ATOM   602  C CB  . PRO A 1 80  ? -15.261 -9.448  -10.897 1.00 39.38 ? 80   PRO A CB  1 
ATOM   603  C CG  . PRO A 1 80  ? -14.875 -10.053 -9.547  1.00 36.13 ? 80   PRO A CG  1 
ATOM   604  C CD  . PRO A 1 80  ? -13.364 -10.110 -9.481  1.00 44.44 ? 80   PRO A CD  1 
ATOM   605  N N   . VAL A 1 81  ? -14.772 -6.335  -11.383 1.00 35.95 ? 81   VAL A N   1 
ATOM   606  C CA  . VAL A 1 81  ? -14.905 -4.959  -10.918 1.00 35.39 ? 81   VAL A CA  1 
ATOM   607  C C   . VAL A 1 81  ? -15.739 -4.830  -9.633  1.00 34.28 ? 81   VAL A C   1 
ATOM   608  O O   . VAL A 1 81  ? -16.588 -5.666  -9.335  1.00 34.81 ? 81   VAL A O   1 
ATOM   609  C CB  . VAL A 1 81  ? -15.460 -4.089  -12.056 1.00 36.47 ? 81   VAL A CB  1 
ATOM   610  C CG1 . VAL A 1 81  ? -15.959 -2.751  -11.548 1.00 37.00 ? 81   VAL A CG1 1 
ATOM   611  C CG2 . VAL A 1 81  ? -14.389 -3.916  -13.139 1.00 39.10 ? 81   VAL A CG2 1 
ATOM   612  N N   . HIS A 1 82  ? -15.468 -3.784  -8.858  1.00 26.56 ? 82   HIS A N   1 
ATOM   613  C CA  . HIS A 1 82  ? -16.182 -3.526  -7.616  1.00 27.24 ? 82   HIS A CA  1 
ATOM   614  C C   . HIS A 1 82  ? -16.838 -2.164  -7.748  1.00 22.19 ? 82   HIS A C   1 
ATOM   615  O O   . HIS A 1 82  ? -16.390 -1.332  -8.530  1.00 22.09 ? 82   HIS A O   1 
ATOM   616  C CB  . HIS A 1 82  ? -15.178 -3.508  -6.462  1.00 25.84 ? 82   HIS A CB  1 
ATOM   617  C CG  . HIS A 1 82  ? -15.785 -3.357  -5.103  1.00 21.22 ? 82   HIS A CG  1 
ATOM   618  N ND1 . HIS A 1 82  ? -16.160 -2.133  -4.579  1.00 23.04 ? 82   HIS A ND1 1 
ATOM   619  C CD2 . HIS A 1 82  ? -16.027 -4.266  -4.129  1.00 26.35 ? 82   HIS A CD2 1 
ATOM   620  C CE1 . HIS A 1 82  ? -16.622 -2.306  -3.350  1.00 24.22 ? 82   HIS A CE1 1 
ATOM   621  N NE2 . HIS A 1 82  ? -16.543 -3.592  -3.055  1.00 24.29 ? 82   HIS A NE2 1 
ATOM   622  N N   . ALA A 1 83  ? -17.900 -1.944  -6.987  1.00 26.38 ? 83   ALA A N   1 
ATOM   623  C CA  . ALA A 1 83  ? -18.617 -0.675  -7.002  1.00 20.61 ? 83   ALA A CA  1 
ATOM   624  C C   . ALA A 1 83  ? -17.638 0.489   -6.782  1.00 26.29 ? 83   ALA A C   1 
ATOM   625  O O   . ALA A 1 83  ? -17.825 1.584   -7.311  1.00 23.20 ? 83   ALA A O   1 
ATOM   626  C CB  . ALA A 1 83  ? -19.692 -0.682  -5.913  1.00 22.40 ? 83   ALA A CB  1 
ATOM   627  N N   . LYS A 1 84  ? -16.589 0.237   -6.004  1.00 22.18 ? 84   LYS A N   1 
ATOM   628  C CA  . LYS A 1 84  ? -15.618 1.281   -5.661  1.00 21.51 ? 84   LYS A CA  1 
ATOM   629  C C   . LYS A 1 84  ? -14.201 1.072   -6.229  1.00 24.50 ? 84   LYS A C   1 
ATOM   630  O O   . LYS A 1 84  ? -13.252 1.732   -5.800  1.00 21.90 ? 84   LYS A O   1 
ATOM   631  C CB  . LYS A 1 84  ? -15.558 1.461   -4.144  1.00 23.24 ? 84   LYS A CB  1 
ATOM   632  C CG  . LYS A 1 84  ? -16.835 2.067   -3.559  1.00 23.51 ? 84   LYS A CG  1 
ATOM   633  C CD  . LYS A 1 84  ? -16.713 2.335   -2.082  1.00 24.51 ? 84   LYS A CD  1 
ATOM   634  C CE  . LYS A 1 84  ? -15.992 3.648   -1.820  1.00 25.61 ? 84   LYS A CE  1 
ATOM   635  N NZ  . LYS A 1 84  ? -15.809 3.899   -0.353  1.00 26.76 ? 84   LYS A NZ  1 
ATOM   636  N N   . ALA A 1 85  ? -14.048 0.186   -7.211  1.00 22.69 ? 85   ALA A N   1 
ATOM   637  C CA  . ALA A 1 85  ? -12.720 -0.037  -7.779  1.00 22.63 ? 85   ALA A CA  1 
ATOM   638  C C   . ALA A 1 85  ? -12.763 -0.768  -9.092  1.00 22.49 ? 85   ALA A C   1 
ATOM   639  O O   . ALA A 1 85  ? -13.346 -1.845  -9.183  1.00 25.57 ? 85   ALA A O   1 
ATOM   640  C CB  . ALA A 1 85  ? -11.837 -0.816  -6.796  1.00 19.29 ? 85   ALA A CB  1 
ATOM   641  N N   . ASN A 1 86  ? -12.122 -0.190  -10.099 1.00 23.44 ? 86   ASN A N   1 
ATOM   642  C CA  . ASN A 1 86  ? -11.909 -0.898  -11.359 1.00 26.71 ? 86   ASN A CA  1 
ATOM   643  C C   . ASN A 1 86  ? -10.420 -1.056  -11.683 1.00 26.36 ? 86   ASN A C   1 
ATOM   644  O O   . ASN A 1 86  ? -10.047 -1.584  -12.734 1.00 25.02 ? 86   ASN A O   1 
ATOM   645  C CB  . ASN A 1 86  ? -12.687 -0.248  -12.510 1.00 26.46 ? 86   ASN A CB  1 
ATOM   646  C CG  . ASN A 1 86  ? -12.249 1.190   -12.793 1.00 27.41 ? 86   ASN A CG  1 
ATOM   647  O OD1 . ASN A 1 86  ? -11.519 1.804   -12.020 1.00 26.40 ? 86   ASN A OD1 1 
ATOM   648  N ND2 . ASN A 1 86  ? -12.714 1.731   -13.911 1.00 29.21 ? 86   ASN A ND2 1 
ATOM   649  N N   . LYS A 1 87  ? -9.576  -0.591  -10.761 1.00 23.43 ? 87   LYS A N   1 
ATOM   650  C CA  . LYS A 1 87  ? -8.134  -0.684  -10.904 1.00 22.22 ? 87   LYS A CA  1 
ATOM   651  C C   . LYS A 1 87  ? -7.475  -0.921  -9.554  1.00 20.72 ? 87   LYS A C   1 
ATOM   652  O O   . LYS A 1 87  ? -8.108  -0.795  -8.506  1.00 20.23 ? 87   LYS A O   1 
ATOM   653  C CB  . LYS A 1 87  ? -7.551  0.616   -11.471 1.00 21.35 ? 87   LYS A CB  1 
ATOM   654  C CG  . LYS A 1 87  ? -8.220  1.162   -12.742 1.00 28.75 ? 87   LYS A CG  1 
ATOM   655  C CD  . LYS A 1 87  ? -7.545  0.681   -14.016 1.00 30.07 ? 87   LYS A CD  1 
ATOM   656  C CE  . LYS A 1 87  ? -8.148  1.375   -15.234 1.00 38.58 ? 87   LYS A CE  1 
ATOM   657  N NZ  . LYS A 1 87  ? -7.673  0.809   -16.532 1.00 39.20 ? 87   LYS A NZ  1 
ATOM   658  N N   . TYR A 1 88  ? -6.190  -1.259  -9.592  1.00 23.17 ? 88   TYR A N   1 
ATOM   659  C CA  . TYR A 1 88  ? -5.366  -1.215  -8.392  1.00 18.99 ? 88   TYR A CA  1 
ATOM   660  C C   . TYR A 1 88  ? -3.943  -0.813  -8.725  1.00 20.02 ? 88   TYR A C   1 
ATOM   661  O O   . TYR A 1 88  ? -3.442  -1.101  -9.812  1.00 19.94 ? 88   TYR A O   1 
ATOM   662  C CB  . TYR A 1 88  ? -5.372  -2.534  -7.629  1.00 19.75 ? 88   TYR A CB  1 
ATOM   663  C CG  . TYR A 1 88  ? -4.848  -3.710  -8.401  1.00 22.07 ? 88   TYR A CG  1 
ATOM   664  C CD1 . TYR A 1 88  ? -3.521  -4.138  -8.249  1.00 24.44 ? 88   TYR A CD1 1 
ATOM   665  C CD2 . TYR A 1 88  ? -5.661  -4.392  -9.289  1.00 23.07 ? 88   TYR A CD2 1 
ATOM   666  C CE1 . TYR A 1 88  ? -3.032  -5.239  -8.973  1.00 22.55 ? 88   TYR A CE1 1 
ATOM   667  C CE2 . TYR A 1 88  ? -5.193  -5.478  -10.001 1.00 29.60 ? 88   TYR A CE2 1 
ATOM   668  C CZ  . TYR A 1 88  ? -3.876  -5.895  -9.842  1.00 30.19 ? 88   TYR A CZ  1 
ATOM   669  O OH  . TYR A 1 88  ? -3.420  -6.968  -10.564 1.00 31.82 ? 88   TYR A OH  1 
ATOM   670  N N   . ILE A 1 89  ? -3.322  -0.099  -7.797  1.00 17.14 ? 89   ILE A N   1 
ATOM   671  C CA  . ILE A 1 89  ? -1.893  0.133   -7.849  1.00 20.08 ? 89   ILE A CA  1 
ATOM   672  C C   . ILE A 1 89  ? -1.283  -1.077  -7.149  1.00 17.43 ? 89   ILE A C   1 
ATOM   673  O O   . ILE A 1 89  ? -1.750  -1.462  -6.072  1.00 19.47 ? 89   ILE A O   1 
ATOM   674  C CB  . ILE A 1 89  ? -1.503  1.360   -7.031  1.00 20.56 ? 89   ILE A CB  1 
ATOM   675  C CG1 . ILE A 1 89  ? -2.349  2.565   -7.445  1.00 25.43 ? 89   ILE A CG1 1 
ATOM   676  C CG2 . ILE A 1 89  ? -0.006  1.661   -7.194  1.00 23.47 ? 89   ILE A CG2 1 
ATOM   677  C CD1 . ILE A 1 89  ? -2.439  3.604   -6.385  1.00 26.72 ? 89   ILE A CD1 1 
ATOM   678  N N   . GLU A 1 90  ? -0.237  -1.644  -7.737  1.00 19.74 ? 90   GLU A N   1 
ATOM   679  C CA  . GLU A 1 90  ? 0.525   -2.688  -7.060  1.00 18.51 ? 90   GLU A CA  1 
ATOM   680  C C   . GLU A 1 90  ? 1.924   -2.198  -6.793  1.00 19.77 ? 90   GLU A C   1 
ATOM   681  O O   . GLU A 1 90  ? 2.673   -1.892  -7.725  1.00 19.78 ? 90   GLU A O   1 
ATOM   682  C CB  . GLU A 1 90  ? 0.590   -3.977  -7.882  1.00 20.80 ? 90   GLU A CB  1 
ATOM   683  C CG  . GLU A 1 90  ? 1.364   -5.087  -7.168  1.00 22.32 ? 90   GLU A CG  1 
ATOM   684  C CD  . GLU A 1 90  ? 1.155   -6.445  -7.814  1.00 33.49 ? 90   GLU A CD  1 
ATOM   685  O OE1 . GLU A 1 90  ? 1.907   -6.778  -8.750  1.00 35.26 ? 90   GLU A OE1 1 
ATOM   686  O OE2 . GLU A 1 90  ? 0.236   -7.173  -7.387  1.00 34.31 ? 90   GLU A OE2 1 
ATOM   687  N N   . ILE A 1 91  ? 2.268   -2.145  -5.513  1.00 17.78 ? 91   ILE A N   1 
ATOM   688  C CA  . ILE A 1 91  ? 3.591   -1.716  -5.090  1.00 19.56 ? 91   ILE A CA  1 
ATOM   689  C C   . ILE A 1 91  ? 4.432   -2.942  -4.760  1.00 21.16 ? 91   ILE A C   1 
ATOM   690  O O   . ILE A 1 91  ? 4.007   -3.822  -4.009  1.00 19.04 ? 91   ILE A O   1 
ATOM   691  C CB  . ILE A 1 91  ? 3.477   -0.766  -3.890  1.00 19.34 ? 91   ILE A CB  1 
ATOM   692  C CG1 . ILE A 1 91  ? 2.704   0.493   -4.295  1.00 21.66 ? 91   ILE A CG1 1 
ATOM   693  C CG2 . ILE A 1 91  ? 4.854   -0.390  -3.342  1.00 23.07 ? 91   ILE A CG2 1 
ATOM   694  C CD1 . ILE A 1 91  ? 2.328   1.361   -3.129  1.00 23.21 ? 91   ILE A CD1 1 
ATOM   695  N N   . LYS A 1 92  ? 5.624   -3.009  -5.345  1.00 19.56 ? 92   LYS A N   1 
ATOM   696  C CA  . LYS A 1 92  ? 6.504   -4.139  -5.114  1.00 24.50 ? 92   LYS A CA  1 
ATOM   697  C C   . LYS A 1 92  ? 7.764   -3.626  -4.463  1.00 25.36 ? 92   LYS A C   1 
ATOM   698  O O   . LYS A 1 92  ? 8.298   -2.606  -4.875  1.00 24.06 ? 92   LYS A O   1 
ATOM   699  C CB  . LYS A 1 92  ? 6.871   -4.816  -6.431  1.00 30.53 ? 92   LYS A CB  1 
ATOM   700  C CG  . LYS A 1 92  ? 5.832   -5.771  -6.987  1.00 30.14 ? 92   LYS A CG  1 
ATOM   701  C CD  . LYS A 1 92  ? 6.448   -6.577  -8.127  1.00 40.76 ? 92   LYS A CD  1 
ATOM   702  C CE  . LYS A 1 92  ? 5.489   -7.626  -8.674  1.00 44.16 ? 92   LYS A CE  1 
ATOM   703  N NZ  . LYS A 1 92  ? 5.130   -8.626  -7.634  1.00 46.17 ? 92   LYS A NZ  1 
ATOM   704  N N   . LEU A 1 93  ? 8.224   -4.321  -3.431  1.00 24.13 ? 93   LEU A N   1 
ATOM   705  C CA  . LEU A 1 93  ? 9.465   -3.965  -2.766  1.00 27.47 ? 93   LEU A CA  1 
ATOM   706  C C   . LEU A 1 93  ? 10.551  -4.811  -3.396  1.00 27.36 ? 93   LEU A C   1 
ATOM   707  O O   . LEU A 1 93  ? 10.304  -5.952  -3.761  1.00 29.91 ? 93   LEU A O   1 
ATOM   708  C CB  . LEU A 1 93  ? 9.342   -4.230  -1.271  1.00 23.70 ? 93   LEU A CB  1 
ATOM   709  C CG  . LEU A 1 93  ? 8.219   -3.396  -0.646  1.00 27.95 ? 93   LEU A CG  1 
ATOM   710  C CD1 . LEU A 1 93  ? 8.043   -3.735  0.823   1.00 26.54 ? 93   LEU A CD1 1 
ATOM   711  C CD2 . LEU A 1 93  ? 8.508   -1.905  -0.829  1.00 32.21 ? 93   LEU A CD2 1 
ATOM   712  N N   . ALA A 1 94  ? 11.737  -4.241  -3.573  1.00 32.31 ? 94   ALA A N   1 
ATOM   713  C CA  . ALA A 1 94  ? 12.748  -4.894  -4.403  1.00 31.23 ? 94   ALA A CA  1 
ATOM   714  C C   . ALA A 1 94  ? 13.726  -5.752  -3.616  1.00 31.58 ? 94   ALA A C   1 
ATOM   715  O O   . ALA A 1 94  ? 14.153  -6.807  -4.088  1.00 34.94 ? 94   ALA A O   1 
ATOM   716  C CB  . ALA A 1 94  ? 13.501  -3.871  -5.256  1.00 28.26 ? 94   ALA A CB  1 
ATOM   717  N N   . SER A 1 95  ? 14.089  -5.304  -2.423  1.00 26.94 ? 95   SER A N   1 
ATOM   718  C CA  . SER A 1 95  ? 15.154  -5.973  -1.697  1.00 32.87 ? 95   SER A CA  1 
ATOM   719  C C   . SER A 1 95  ? 15.063  -5.804  -0.190  1.00 31.51 ? 95   SER A C   1 
ATOM   720  O O   . SER A 1 95  ? 14.274  -5.011  0.312   1.00 30.22 ? 95   SER A O   1 
ATOM   721  C CB  . SER A 1 95  ? 16.507  -5.438  -2.159  1.00 35.77 ? 95   SER A CB  1 
ATOM   722  O OG  . SER A 1 95  ? 16.696  -4.105  -1.710  1.00 38.60 ? 95   SER A OG  1 
ATOM   723  N N   . GLY A 1 96  ? 15.895  -6.547  0.532   1.00 29.37 ? 96   GLY A N   1 
ATOM   724  C CA  . GLY A 1 96  ? 15.981  -6.356  1.963   1.00 26.89 ? 96   GLY A CA  1 
ATOM   725  C C   . GLY A 1 96  ? 15.096  -7.316  2.729   1.00 23.57 ? 96   GLY A C   1 
ATOM   726  O O   . GLY A 1 96  ? 14.324  -8.096  2.160   1.00 21.69 ? 96   GLY A O   1 
ATOM   727  N N   . THR A 1 97  ? 15.205  -7.242  4.044   1.00 24.57 ? 97   THR A N   1 
ATOM   728  C CA  . THR A 1 97  ? 14.585  -8.221  4.906   1.00 25.05 ? 97   THR A CA  1 
ATOM   729  C C   . THR A 1 97  ? 13.872  -7.544  6.056   1.00 21.72 ? 97   THR A C   1 
ATOM   730  O O   . THR A 1 97  ? 14.386  -6.597  6.648   1.00 26.73 ? 97   THR A O   1 
ATOM   731  C CB  . THR A 1 97  ? 15.673  -9.151  5.488   1.00 30.79 ? 97   THR A CB  1 
ATOM   732  O OG1 . THR A 1 97  ? 16.289  -9.890  4.421   1.00 37.35 ? 97   THR A OG1 1 
ATOM   733  C CG2 . THR A 1 97  ? 15.083  -10.117 6.494   1.00 29.48 ? 97   THR A CG2 1 
ATOM   734  N N   . LEU A 1 98  ? 12.671  -8.015  6.353   1.00 22.06 ? 98   LEU A N   1 
ATOM   735  C CA  . LEU A 1 98  ? 12.034  -7.690  7.610   1.00 21.94 ? 98   LEU A CA  1 
ATOM   736  C C   . LEU A 1 98  ? 12.526  -8.691  8.638   1.00 23.26 ? 98   LEU A C   1 
ATOM   737  O O   . LEU A 1 98  ? 12.224  -9.882  8.535   1.00 23.78 ? 98   LEU A O   1 
ATOM   738  C CB  . LEU A 1 98  ? 10.519  -7.799  7.493   1.00 23.32 ? 98   LEU A CB  1 
ATOM   739  C CG  . LEU A 1 98  ? 9.771   -6.543  7.106   1.00 27.91 ? 98   LEU A CG  1 
ATOM   740  C CD1 . LEU A 1 98  ? 8.306   -6.720  7.498   1.00 23.08 ? 98   LEU A CD1 1 
ATOM   741  C CD2 . LEU A 1 98  ? 10.378  -5.311  7.782   1.00 29.37 ? 98   LEU A CD2 1 
ATOM   742  N N   . GLY A 1 99  ? 13.300  -8.211  9.600   1.00 24.09 ? 99   GLY A N   1 
ATOM   743  C CA  . GLY A 1 99  ? 13.860  -9.067  10.628  1.00 23.80 ? 99   GLY A CA  1 
ATOM   744  C C   . GLY A 1 99  ? 12.850  -9.419  11.700  1.00 27.40 ? 99   GLY A C   1 
ATOM   745  O O   . GLY A 1 99  ? 11.721  -8.919  11.703  1.00 22.80 ? 99   GLY A O   1 
ATOM   746  N N   . ALA A 1 100 ? 13.254  -10.296 12.615  1.00 26.57 ? 100  ALA A N   1 
ATOM   747  C CA  . ALA A 1 100 ? 12.409  -10.645 13.752  1.00 25.20 ? 100  ALA A CA  1 
ATOM   748  C C   . ALA A 1 100 ? 12.203  -9.451  14.672  1.00 24.87 ? 100  ALA A C   1 
ATOM   749  O O   . ALA A 1 100 ? 13.116  -8.666  14.901  1.00 23.94 ? 100  ALA A O   1 
ATOM   750  C CB  . ALA A 1 100 ? 13.034  -11.773 14.529  1.00 26.81 ? 100  ALA A CB  1 
ATOM   751  N N   . ALA A 1 101 ? 10.999  -9.346  15.222  1.00 24.27 ? 101  ALA A N   1 
ATOM   752  C CA  . ALA A 1 101 ? 10.701  -8.327  16.218  1.00 24.23 ? 101  ALA A CA  1 
ATOM   753  C C   . ALA A 1 101 ? 11.707  -8.421  17.367  1.00 27.54 ? 101  ALA A C   1 
ATOM   754  O O   . ALA A 1 101 ? 11.965  -9.506  17.893  1.00 26.16 ? 101  ALA A O   1 
ATOM   755  C CB  . ALA A 1 101 ? 9.267   -8.505  16.736  1.00 26.91 ? 101  ALA A CB  1 
ATOM   756  N N   . GLY A 1 102 ? 12.298  -7.283  17.720  1.00 27.51 ? 102  GLY A N   1 
ATOM   757  C CA  . GLY A 1 102 ? 13.241  -7.207  18.817  1.00 29.75 ? 102  GLY A CA  1 
ATOM   758  C C   . GLY A 1 102 ? 14.687  -7.499  18.447  1.00 32.59 ? 102  GLY A C   1 
ATOM   759  O O   . GLY A 1 102 ? 15.572  -7.374  19.287  1.00 33.86 ? 102  GLY A O   1 
ATOM   760  N N   . ALA A 1 103 ? 14.942  -7.883  17.201  1.00 29.49 ? 103  ALA A N   1 
ATOM   761  C CA  . ALA A 1 103 ? 16.317  -8.200  16.796  1.00 30.17 ? 103  ALA A CA  1 
ATOM   762  C C   . ALA A 1 103 ? 17.232  -6.968  16.808  1.00 31.17 ? 103  ALA A C   1 
ATOM   763  O O   . ALA A 1 103 ? 16.775  -5.841  16.638  1.00 30.33 ? 103  ALA A O   1 
ATOM   764  C CB  . ALA A 1 103 ? 16.341  -8.888  15.424  1.00 28.97 ? 103  ALA A CB  1 
ATOM   765  N N   . GLN A 1 104 ? 18.528  -7.180  17.004  1.00 31.64 ? 104  GLN A N   1 
ATOM   766  C CA  . GLN A 1 104 ? 19.455  -6.050  17.138  1.00 38.50 ? 104  GLN A CA  1 
ATOM   767  C C   . GLN A 1 104 ? 19.686  -5.274  15.844  1.00 36.91 ? 104  GLN A C   1 
ATOM   768  O O   . GLN A 1 104 ? 19.834  -5.865  14.775  1.00 36.88 ? 104  GLN A O   1 
ATOM   769  C CB  . GLN A 1 104 ? 20.813  -6.518  17.678  1.00 36.81 ? 104  GLN A CB  1 
ATOM   770  C CG  . GLN A 1 104 ? 20.741  -7.163  19.038  1.00 40.23 ? 104  GLN A CG  1 
ATOM   771  C CD  . GLN A 1 104 ? 19.997  -6.295  20.020  1.00 41.31 ? 104  GLN A CD  1 
ATOM   772  O OE1 . GLN A 1 104 ? 20.511  -5.267  20.469  1.00 45.29 ? 104  GLN A OE1 1 
ATOM   773  N NE2 . GLN A 1 104 ? 18.764  -6.685  20.346  1.00 37.50 ? 104  GLN A NE2 1 
ATOM   774  N N   . TRP A 1 105 ? 19.725  -3.949  15.959  1.00 37.96 ? 105  TRP A N   1 
ATOM   775  C CA  . TRP A 1 105 ? 20.196  -3.099  14.877  1.00 39.47 ? 105  TRP A CA  1 
ATOM   776  C C   . TRP A 1 105 ? 21.449  -3.743  14.309  1.00 44.44 ? 105  TRP A C   1 
ATOM   777  O O   . TRP A 1 105 ? 22.246  -4.294  15.065  1.00 45.81 ? 105  TRP A O   1 
ATOM   778  C CB  . TRP A 1 105 ? 20.522  -1.705  15.418  1.00 46.96 ? 105  TRP A CB  1 
ATOM   779  C CG  . TRP A 1 105 ? 20.835  -0.693  14.351  1.00 50.28 ? 105  TRP A CG  1 
ATOM   780  C CD1 . TRP A 1 105 ? 19.942  0.087   13.677  1.00 52.34 ? 105  TRP A CD1 1 
ATOM   781  C CD2 . TRP A 1 105 ? 22.129  -0.355  13.834  1.00 49.02 ? 105  TRP A CD2 1 
ATOM   782  N NE1 . TRP A 1 105 ? 20.598  0.889   12.774  1.00 54.14 ? 105  TRP A NE1 1 
ATOM   783  C CE2 . TRP A 1 105 ? 21.942  0.636   12.852  1.00 51.96 ? 105  TRP A CE2 1 
ATOM   784  C CE3 . TRP A 1 105 ? 23.427  -0.793  14.110  1.00 53.58 ? 105  TRP A CE3 1 
ATOM   785  C CZ2 . TRP A 1 105 ? 23.006  1.197   12.143  1.00 52.82 ? 105  TRP A CZ2 1 
ATOM   786  C CZ3 . TRP A 1 105 ? 24.483  -0.235  13.406  1.00 48.80 ? 105  TRP A CZ3 1 
ATOM   787  C CH2 . TRP A 1 105 ? 24.265  0.748   12.434  1.00 50.06 ? 105  TRP A CH2 1 
ATOM   788  N N   . PRO A 1 106 ? 21.635  -3.683  12.978  1.00 46.28 ? 106  PRO A N   1 
ATOM   789  C CA  . PRO A 1 106 ? 20.803  -2.931  12.035  1.00 45.41 ? 106  PRO A CA  1 
ATOM   790  C C   . PRO A 1 106 ? 19.649  -3.732  11.430  1.00 36.87 ? 106  PRO A C   1 
ATOM   791  O O   . PRO A 1 106 ? 19.027  -3.241  10.490  1.00 40.08 ? 106  PRO A O   1 
ATOM   792  C CB  . PRO A 1 106 ? 21.801  -2.547  10.939  1.00 45.12 ? 106  PRO A CB  1 
ATOM   793  C CG  . PRO A 1 106 ? 22.870  -3.640  10.991  1.00 43.72 ? 106  PRO A CG  1 
ATOM   794  C CD  . PRO A 1 106 ? 22.691  -4.428  12.274  1.00 43.28 ? 106  PRO A CD  1 
ATOM   795  N N   . SER A 1 107 ? 19.371  -4.931  11.936  1.00 31.54 ? 107  SER A N   1 
ATOM   796  C CA  . SER A 1 107 ? 18.155  -5.639  11.539  1.00 33.58 ? 107  SER A CA  1 
ATOM   797  C C   . SER A 1 107 ? 16.967  -4.759  11.902  1.00 30.61 ? 107  SER A C   1 
ATOM   798  O O   . SER A 1 107 ? 17.009  -4.059  12.909  1.00 30.16 ? 107  SER A O   1 
ATOM   799  C CB  . SER A 1 107 ? 18.052  -6.979  12.261  1.00 34.12 ? 107  SER A CB  1 
ATOM   800  O OG  . SER A 1 107 ? 16.799  -7.595  12.052  1.00 32.31 ? 107  SER A OG  1 
ATOM   801  N N   . GLN A 1 108 ? 15.925  -4.755  11.069  1.00 27.70 ? 108  GLN A N   1 
ATOM   802  C CA  . GLN A 1 108 ? 14.741  -3.946  11.345  1.00 28.82 ? 108  GLN A CA  1 
ATOM   803  C C   . GLN A 1 108 ? 13.478  -4.765  11.169  1.00 25.13 ? 108  GLN A C   1 
ATOM   804  O O   . GLN A 1 108 ? 13.382  -5.567  10.235  1.00 23.70 ? 108  GLN A O   1 
ATOM   805  C CB  . GLN A 1 108 ? 14.695  -2.721  10.438  1.00 29.59 ? 108  GLN A CB  1 
ATOM   806  C CG  . GLN A 1 108 ? 15.753  -1.689  10.766  1.00 35.33 ? 108  GLN A CG  1 
ATOM   807  C CD  . GLN A 1 108 ? 15.746  -0.544  9.791   1.00 40.32 ? 108  GLN A CD  1 
ATOM   808  O OE1 . GLN A 1 108 ? 14.992  0.415   9.950   1.00 44.41 ? 108  GLN A OE1 1 
ATOM   809  N NE2 . GLN A 1 108 ? 16.586  -0.634  8.764   1.00 41.40 ? 108  GLN A NE2 1 
ATOM   810  N N   . SER A 1 109 ? 12.514  -4.573  12.063  1.00 24.96 ? 109  SER A N   1 
ATOM   811  C CA  . SER A 1 109 ? 11.301  -5.389  12.031  1.00 22.29 ? 109  SER A CA  1 
ATOM   812  C C   . SER A 1 109 ? 10.142  -4.687  11.325  1.00 28.59 ? 109  SER A C   1 
ATOM   813  O O   . SER A 1 109 ? 9.029   -5.220  11.239  1.00 22.24 ? 109  SER A O   1 
ATOM   814  C CB  . SER A 1 109 ? 10.889  -5.805  13.440  1.00 23.38 ? 109  SER A CB  1 
ATOM   815  O OG  . SER A 1 109 ? 10.602  -4.686  14.244  1.00 25.86 ? 109  SER A OG  1 
ATOM   816  N N   . GLU A 1 110 ? 10.402  -3.487  10.820  1.00 23.23 ? 110  GLU A N   1 
ATOM   817  C CA  . GLU A 1 110 ? 9.387   -2.786  10.059  1.00 26.00 ? 110  GLU A CA  1 
ATOM   818  C C   . GLU A 1 110 ? 10.003  -1.974  8.934   1.00 23.46 ? 110  GLU A C   1 
ATOM   819  O O   . GLU A 1 110 ? 11.179  -1.598  8.976   1.00 22.49 ? 110  GLU A O   1 
ATOM   820  C CB  . GLU A 1 110 ? 8.558   -1.893  10.968  1.00 26.28 ? 110  GLU A CB  1 
ATOM   821  C CG  . GLU A 1 110 ? 9.369   -0.812  11.629  1.00 33.81 ? 110  GLU A CG  1 
ATOM   822  C CD  . GLU A 1 110 ? 8.508   0.185   12.371  1.00 43.06 ? 110  GLU A CD  1 
ATOM   823  O OE1 . GLU A 1 110 ? 8.452   1.353   11.928  1.00 42.58 ? 110  GLU A OE1 1 
ATOM   824  O OE2 . GLU A 1 110 ? 7.895   -0.198  13.397  1.00 43.08 ? 110  GLU A OE2 1 
ATOM   825  N N   . VAL A 1 111 ? 9.193   -1.704  7.925   1.00 20.20 ? 111  VAL A N   1 
ATOM   826  C CA  . VAL A 1 111 ? 9.636   -0.910  6.801   1.00 19.44 ? 111  VAL A CA  1 
ATOM   827  C C   . VAL A 1 111 ? 8.600   0.180   6.546   1.00 25.25 ? 111  VAL A C   1 
ATOM   828  O O   . VAL A 1 111 ? 7.395   -0.070  6.609   1.00 20.97 ? 111  VAL A O   1 
ATOM   829  C CB  . VAL A 1 111 ? 9.845   -1.768  5.550   1.00 17.31 ? 111  VAL A CB  1 
ATOM   830  C CG1 . VAL A 1 111 ? 8.546   -2.504  5.172   1.00 22.62 ? 111  VAL A CG1 1 
ATOM   831  C CG2 . VAL A 1 111 ? 10.342  -0.906  4.398   1.00 23.36 ? 111  VAL A CG2 1 
ATOM   832  N N   . THR A 1 112 ? 9.088   1.389   6.310   1.00 22.45 ? 112  THR A N   1 
ATOM   833  C CA  . THR A 1 112 ? 8.225   2.519   5.988   1.00 21.44 ? 112  THR A CA  1 
ATOM   834  C C   . THR A 1 112 ? 8.224   2.774   4.485   1.00 24.05 ? 112  THR A C   1 
ATOM   835  O O   . THR A 1 112 ? 9.278   2.845   3.858   1.00 22.16 ? 112  THR A O   1 
ATOM   836  C CB  . THR A 1 112 ? 8.695   3.774   6.725   1.00 26.21 ? 112  THR A CB  1 
ATOM   837  O OG1 . THR A 1 112 ? 8.550   3.563   8.137   1.00 30.98 ? 112  THR A OG1 1 
ATOM   838  C CG2 . THR A 1 112 ? 7.854   4.975   6.306   1.00 29.52 ? 112  THR A CG2 1 
ATOM   839  N N   . ILE A 1 113 ? 7.034   2.908   3.901   1.00 21.08 ? 113  ILE A N   1 
ATOM   840  C CA  . ILE A 1 113 ? 6.904   3.170   2.478   1.00 21.48 ? 113  ILE A CA  1 
ATOM   841  C C   . ILE A 1 113 ? 6.028   4.413   2.314   1.00 22.27 ? 113  ILE A C   1 
ATOM   842  O O   . ILE A 1 113 ? 4.891   4.446   2.801   1.00 24.38 ? 113  ILE A O   1 
ATOM   843  C CB  . ILE A 1 113 ? 6.232   1.979   1.778   1.00 23.04 ? 113  ILE A CB  1 
ATOM   844  C CG1 . ILE A 1 113 ? 7.032   0.697   2.047   1.00 29.08 ? 113  ILE A CG1 1 
ATOM   845  C CG2 . ILE A 1 113 ? 6.066   2.226   0.282   1.00 29.25 ? 113  ILE A CG2 1 
ATOM   846  C CD1 . ILE A 1 113 ? 6.233   -0.581  1.863   1.00 27.71 ? 113  ILE A CD1 1 
ATOM   847  N N   . GLN A 1 114 ? 6.560   5.434   1.651   1.00 20.56 ? 114  GLN A N   1 
ATOM   848  C CA  . GLN A 1 114 ? 5.813   6.662   1.410   1.00 21.99 ? 114  GLN A CA  1 
ATOM   849  C C   . GLN A 1 114 ? 5.761   6.920   -0.081  1.00 27.53 ? 114  GLN A C   1 
ATOM   850  O O   . GLN A 1 114 ? 6.786   7.057   -0.728  1.00 23.41 ? 114  GLN A O   1 
ATOM   851  C CB  . GLN A 1 114 ? 6.446   7.849   2.136   1.00 27.16 ? 114  GLN A CB  1 
ATOM   852  C CG  . GLN A 1 114 ? 6.579   7.630   3.623   1.00 31.20 ? 114  GLN A CG  1 
ATOM   853  C CD  . GLN A 1 114 ? 7.183   8.816   4.354   1.00 37.89 ? 114  GLN A CD  1 
ATOM   854  O OE1 . GLN A 1 114 ? 7.494   9.844   3.753   1.00 40.34 ? 114  GLN A OE1 1 
ATOM   855  N NE2 . GLN A 1 114 ? 7.348   8.675   5.665   1.00 36.39 ? 114  GLN A NE2 1 
ATOM   856  N N   . GLY A 1 115 ? 4.552   6.970   -0.626  1.00 25.03 ? 115  GLY A N   1 
ATOM   857  C CA  . GLY A 1 115 ? 4.392   7.120   -2.054  1.00 24.72 ? 115  GLY A CA  1 
ATOM   858  C C   . GLY A 1 115 ? 3.222   8.038   -2.349  1.00 26.61 ? 115  GLY A C   1 
ATOM   859  O O   . GLY A 1 115 ? 2.364   8.272   -1.492  1.00 24.22 ? 115  GLY A O   1 
ATOM   860  N N   . ARG A 1 116 ? 3.191   8.552   -3.567  1.00 25.21 ? 116  ARG A N   1 
ATOM   861  C CA  . ARG A 1 116 ? 2.075   9.370   -4.004  1.00 26.69 ? 116  ARG A CA  1 
ATOM   862  C C   . ARG A 1 116 ? 1.689   8.940   -5.394  1.00 24.07 ? 116  ARG A C   1 
ATOM   863  O O   . ARG A 1 116 ? 2.534   8.495   -6.173  1.00 26.19 ? 116  ARG A O   1 
ATOM   864  C CB  . ARG A 1 116 ? 2.460   10.843  -4.030  1.00 27.31 ? 116  ARG A CB  1 
ATOM   865  C CG  . ARG A 1 116 ? 2.535   11.489  -2.667  1.00 30.65 ? 116  ARG A CG  1 
ATOM   866  C CD  . ARG A 1 116 ? 3.167   12.860  -2.785  1.00 30.51 ? 116  ARG A CD  1 
ATOM   867  N NE  . ARG A 1 116 ? 4.542   12.773  -3.271  1.00 28.93 ? 116  ARG A NE  1 
ATOM   868  C CZ  . ARG A 1 116 ? 4.983   13.342  -4.386  1.00 32.06 ? 116  ARG A CZ  1 
ATOM   869  N NH1 . ARG A 1 116 ? 4.161   14.053  -5.145  1.00 31.21 ? 116  ARG A NH1 1 
ATOM   870  N NH2 . ARG A 1 116 ? 6.250   13.208  -4.733  1.00 31.63 ? 116  ARG A NH2 1 
ATOM   871  N N   . VAL A 1 117 ? 0.407   9.076   -5.708  1.00 24.07 ? 117  VAL A N   1 
ATOM   872  C CA  . VAL A 1 117 ? -0.051  8.862   -7.071  1.00 23.57 ? 117  VAL A CA  1 
ATOM   873  C C   . VAL A 1 117 ? -0.759  10.120  -7.588  1.00 28.88 ? 117  VAL A C   1 
ATOM   874  O O   . VAL A 1 117 ? -1.642  10.680  -6.923  1.00 29.01 ? 117  VAL A O   1 
ATOM   875  C CB  . VAL A 1 117 ? -0.953  7.641   -7.184  1.00 25.46 ? 117  VAL A CB  1 
ATOM   876  C CG1 . VAL A 1 117 ? -1.532  7.539   -8.586  1.00 27.83 ? 117  VAL A CG1 1 
ATOM   877  C CG2 . VAL A 1 117 ? -0.151  6.385   -6.846  1.00 23.50 ? 117  VAL A CG2 1 
ATOM   878  N N   . ALA A 1 118 ? -0.339  10.570  -8.764  1.00 28.12 ? 118  ALA A N   1 
ATOM   879  C CA  . ALA A 1 118 ? -0.882  11.781  -9.374  1.00 29.16 ? 118  ALA A CA  1 
ATOM   880  C C   . ALA A 1 118 ? -1.067  11.611  -10.883 1.00 35.55 ? 118  ALA A C   1 
ATOM   881  O O   . ALA A 1 118 ? -0.465  10.732  -11.496 1.00 31.20 ? 118  ALA A O   1 
ATOM   882  C CB  . ALA A 1 118 ? 0.018   12.967  -9.084  1.00 31.70 ? 118  ALA A CB  1 
ATOM   883  N N   . LYS A 1 119 ? -1.912  12.449  -11.474 1.00 34.84 ? 119  LYS A N   1 
ATOM   884  C CA  . LYS A 1 119 ? -2.058  12.474  -12.924 1.00 39.26 ? 119  LYS A CA  1 
ATOM   885  C C   . LYS A 1 119 ? -1.026  13.447  -13.463 1.00 42.77 ? 119  LYS A C   1 
ATOM   886  O O   . LYS A 1 119 ? -0.386  14.153  -12.690 1.00 45.49 ? 119  LYS A O   1 
ATOM   887  C CB  . LYS A 1 119 ? -3.459  12.936  -13.305 1.00 38.29 ? 119  LYS A CB  1 
ATOM   888  C CG  . LYS A 1 119 ? -4.550  12.228  -12.542 1.00 35.69 ? 119  LYS A CG  1 
ATOM   889  C CD  . LYS A 1 119 ? -5.919  12.619  -13.048 1.00 40.35 ? 119  LYS A CD  1 
ATOM   890  C CE  . LYS A 1 119 ? -6.992  12.181  -12.071 1.00 39.10 ? 119  LYS A CE  1 
ATOM   891  N NZ  . LYS A 1 119 ? -8.314  12.757  -12.423 1.00 41.06 ? 119  LYS A NZ  1 
ATOM   892  N N   . ALA A 1 120 ? -0.847  13.502  -14.775 1.00 43.06 ? 120  ALA A N   1 
ATOM   893  C CA  . ALA A 1 120 ? 0.113   14.458  -15.327 1.00 48.13 ? 120  ALA A CA  1 
ATOM   894  C C   . ALA A 1 120 ? -0.532  15.805  -15.669 1.00 51.12 ? 120  ALA A C   1 
ATOM   895  O O   . ALA A 1 120 ? 0.140   16.837  -15.696 1.00 53.09 ? 120  ALA A O   1 
ATOM   896  C CB  . ALA A 1 120 ? 0.814   13.879  -16.544 1.00 37.96 ? 120  ALA A CB  1 
ATOM   897  N N   . ASP A 1 121 ? -1.838  15.794  -15.898 1.00 46.14 ? 121  ASP A N   1 
ATOM   898  C CA  . ASP A 1 121 ? -2.517  16.947  -16.474 1.00 46.35 ? 121  ASP A CA  1 
ATOM   899  C C   . ASP A 1 121 ? -3.005  18.010  -15.483 1.00 51.26 ? 121  ASP A C   1 
ATOM   900  O O   . ASP A 1 121 ? -3.896  18.800  -15.819 1.00 47.60 ? 121  ASP A O   1 
ATOM   901  C CB  . ASP A 1 121 ? -3.679  16.474  -17.354 1.00 45.68 ? 121  ASP A CB  1 
ATOM   902  C CG  . ASP A 1 121 ? -4.758  15.760  -16.568 1.00 47.82 ? 121  ASP A CG  1 
ATOM   903  O OD1 . ASP A 1 121 ? -4.584  15.585  -15.343 1.00 43.81 ? 121  ASP A OD1 1 
ATOM   904  O OD2 . ASP A 1 121 ? -5.780  15.366  -17.179 1.00 43.14 ? 121  ASP A OD2 1 
ATOM   905  N N   . TRP A 1 122 ? -2.427  18.038  -14.281 1.00 48.62 ? 122  TRP A N   1 
ATOM   906  C CA  . TRP A 1 122 ? -2.796  19.034  -13.268 1.00 48.66 ? 122  TRP A CA  1 
ATOM   907  C C   . TRP A 1 122 ? -4.110  18.710  -12.566 1.00 47.30 ? 122  TRP A C   1 
ATOM   908  O O   . TRP A 1 122 ? -4.519  19.437  -11.646 1.00 47.32 ? 122  TRP A O   1 
ATOM   909  C CB  . TRP A 1 122 ? -2.971  20.433  -13.884 1.00 53.39 ? 122  TRP A CB  1 
ATOM   910  C CG  . TRP A 1 122 ? -1.728  21.134  -14.316 1.00 58.87 ? 122  TRP A CG  1 
ATOM   911  C CD1 . TRP A 1 122 ? -1.430  21.570  -15.579 1.00 62.84 ? 122  TRP A CD1 1 
ATOM   912  C CD2 . TRP A 1 122 ? -0.621  21.511  -13.489 1.00 62.53 ? 122  TRP A CD2 1 
ATOM   913  N NE1 . TRP A 1 122 ? -0.201  22.186  -15.587 1.00 70.24 ? 122  TRP A NE1 1 
ATOM   914  C CE2 . TRP A 1 122 ? 0.319   22.159  -14.316 1.00 69.44 ? 122  TRP A CE2 1 
ATOM   915  C CE3 . TRP A 1 122 ? -0.328  21.356  -12.129 1.00 61.40 ? 122  TRP A CE3 1 
ATOM   916  C CZ2 . TRP A 1 122 ? 1.529   22.652  -13.831 1.00 73.02 ? 122  TRP A CZ2 1 
ATOM   917  C CZ3 . TRP A 1 122 ? 0.872   21.844  -11.648 1.00 63.39 ? 122  TRP A CZ3 1 
ATOM   918  C CH2 . TRP A 1 122 ? 1.786   22.485  -12.496 1.00 71.27 ? 122  TRP A CH2 1 
ATOM   919  N N   . THR A 1 123 ? -4.801  17.664  -13.013 1.00 40.98 ? 123  THR A N   1 
ATOM   920  C CA  . THR A 1 123 ? -6.144  17.423  -12.498 1.00 35.90 ? 123  THR A CA  1 
ATOM   921  C C   . THR A 1 123 ? -6.124  16.691  -11.168 1.00 37.24 ? 123  THR A C   1 
ATOM   922  O O   . THR A 1 123 ? -5.158  16.010  -10.826 1.00 33.95 ? 123  THR A O   1 
ATOM   923  C CB  . THR A 1 123 ? -7.076  16.734  -13.517 1.00 41.88 ? 123  THR A CB  1 
ATOM   924  O OG1 . THR A 1 123 ? -6.519  15.476  -13.915 1.00 37.87 ? 123  THR A OG1 1 
ATOM   925  C CG2 . THR A 1 123 ? -7.260  17.618  -14.748 1.00 44.35 ? 123  THR A CG2 1 
ATOM   926  N N   . ASN A 1 124 ? -7.196  16.868  -10.412 1.00 34.89 ? 124  ASN A N   1 
ATOM   927  C CA  . ASN A 1 124 ? -7.283  16.325  -9.074  1.00 35.27 ? 124  ASN A CA  1 
ATOM   928  C C   . ASN A 1 124 ? -7.985  14.987  -9.059  1.00 36.53 ? 124  ASN A C   1 
ATOM   929  O O   . ASN A 1 124 ? -8.553  14.550  -10.063 1.00 32.56 ? 124  ASN A O   1 
ATOM   930  C CB  . ASN A 1 124 ? -8.011  17.308  -8.156  1.00 34.26 ? 124  ASN A CB  1 
ATOM   931  C CG  . ASN A 1 124 ? -7.344  18.661  -8.130  1.00 35.01 ? 124  ASN A CG  1 
ATOM   932  O OD1 . ASN A 1 124 ? -6.136  18.754  -7.949  1.00 37.50 ? 124  ASN A OD1 1 
ATOM   933  N ND2 . ASN A 1 124 ? -8.117  19.714  -8.348  1.00 28.72 ? 124  ASN A ND2 1 
ATOM   934  N N   . VAL A 1 125 ? -7.951  14.355  -7.895  1.00 32.92 ? 125  VAL A N   1 
ATOM   935  C CA  . VAL A 1 125 ? -8.531  13.049  -7.713  1.00 32.12 ? 125  VAL A CA  1 
ATOM   936  C C   . VAL A 1 125 ? -9.720  13.150  -6.774  1.00 33.05 ? 125  VAL A C   1 
ATOM   937  O O   . VAL A 1 125 ? -9.683  13.889  -5.792  1.00 29.83 ? 125  VAL A O   1 
ATOM   938  C CB  . VAL A 1 125 ? -7.486  12.087  -7.115  1.00 34.22 ? 125  VAL A CB  1 
ATOM   939  C CG1 . VAL A 1 125 ? -6.324  11.919  -8.072  1.00 30.25 ? 125  VAL A CG1 1 
ATOM   940  C CG2 . VAL A 1 125 ? -7.002  12.611  -5.767  1.00 34.56 ? 125  VAL A CG2 1 
ATOM   941  N N   . ASP A 1 126 ? -10.787 12.430  -7.092  1.00 32.24 ? 126  ASP A N   1 
ATOM   942  C CA  . ASP A 1 126 ? -11.894 12.267  -6.163  1.00 33.85 ? 126  ASP A CA  1 
ATOM   943  C C   . ASP A 1 126 ? -11.764 10.893  -5.519  1.00 37.16 ? 126  ASP A C   1 
ATOM   944  O O   . ASP A 1 126 ? -12.113 9.870   -6.115  1.00 35.99 ? 126  ASP A O   1 
ATOM   945  C CB  . ASP A 1 126 ? -13.236 12.376  -6.887  1.00 37.24 ? 126  ASP A CB  1 
ATOM   946  C CG  . ASP A 1 126 ? -14.411 11.982  -6.003  1.00 38.72 ? 126  ASP A CG  1 
ATOM   947  O OD1 . ASP A 1 126 ? -14.315 12.129  -4.766  1.00 43.63 ? 126  ASP A OD1 1 
ATOM   948  O OD2 . ASP A 1 126 ? -15.434 11.522  -6.547  1.00 49.41 ? 126  ASP A OD2 1 
ATOM   949  N N   . GLN A 1 127 ? -11.260 10.869  -4.296  1.00 32.67 ? 127  GLN A N   1 
ATOM   950  C CA  . GLN A 1 127 ? -10.949 9.611   -3.648  1.00 28.87 ? 127  GLN A CA  1 
ATOM   951  C C   . GLN A 1 127 ? -12.182 9.025   -2.991  1.00 31.79 ? 127  GLN A C   1 
ATOM   952  O O   . GLN A 1 127 ? -12.143 7.908   -2.488  1.00 27.15 ? 127  GLN A O   1 
ATOM   953  C CB  . GLN A 1 127 ? -9.862  9.837   -2.611  1.00 29.91 ? 127  GLN A CB  1 
ATOM   954  C CG  . GLN A 1 127 ? -8.714  10.667  -3.136  1.00 28.73 ? 127  GLN A CG  1 
ATOM   955  C CD  . GLN A 1 127 ? -7.537  10.664  -2.193  1.00 27.86 ? 127  GLN A CD  1 
ATOM   956  O OE1 . GLN A 1 127 ? -6.698  9.779   -2.254  1.00 23.98 ? 127  GLN A OE1 1 
ATOM   957  N NE2 . GLN A 1 127 ? -7.480  11.640  -1.302  1.00 27.47 ? 127  GLN A NE2 1 
ATOM   958  N N   . SER A 1 128 ? -13.288 9.772   -2.996  1.00 34.43 ? 128  SER A N   1 
ATOM   959  C CA  . SER A 1 128 ? -14.510 9.265   -2.372  1.00 35.24 ? 128  SER A CA  1 
ATOM   960  C C   . SER A 1 128 ? -14.947 8.017   -3.110  1.00 32.27 ? 128  SER A C   1 
ATOM   961  O O   . SER A 1 128 ? -15.649 7.181   -2.551  1.00 30.76 ? 128  SER A O   1 
ATOM   962  C CB  . SER A 1 128 ? -15.638 10.305  -2.374  1.00 37.03 ? 128  SER A CB  1 
ATOM   963  O OG  . SER A 1 128 ? -16.137 10.521  -3.682  1.00 37.78 ? 128  SER A OG  1 
ATOM   964  N N   . ASN A 1 129 ? -14.521 7.900   -4.365  1.00 25.72 ? 129  ASN A N   1 
ATOM   965  C CA  . ASN A 1 129 ? -14.819 6.716   -5.168  1.00 29.65 ? 129  ASN A CA  1 
ATOM   966  C C   . ASN A 1 129 ? -13.733 5.644   -5.189  1.00 25.40 ? 129  ASN A C   1 
ATOM   967  O O   . ASN A 1 129 ? -13.801 4.710   -5.982  1.00 27.72 ? 129  ASN A O   1 
ATOM   968  C CB  . ASN A 1 129 ? -15.114 7.112   -6.609  1.00 31.80 ? 129  ASN A CB  1 
ATOM   969  C CG  . ASN A 1 129 ? -16.531 7.561   -6.789  1.00 44.41 ? 129  ASN A CG  1 
ATOM   970  O OD1 . ASN A 1 129 ? -17.462 6.877   -6.352  1.00 46.26 ? 129  ASN A OD1 1 
ATOM   971  N ND2 . ASN A 1 129 ? -16.715 8.730   -7.404  1.00 44.71 ? 129  ASN A ND2 1 
ATOM   972  N N   . ASP A 1 130 ? -12.724 5.779   -4.342  1.00 26.18 ? 130  ASP A N   1 
ATOM   973  C CA  . ASP A 1 130 ? -11.656 4.783   -4.337  1.00 23.09 ? 130  ASP A CA  1 
ATOM   974  C C   . ASP A 1 130 ? -11.832 3.852   -3.154  1.00 19.49 ? 130  ASP A C   1 
ATOM   975  O O   . ASP A 1 130 ? -11.860 4.295   -2.005  1.00 20.50 ? 130  ASP A O   1 
ATOM   976  C CB  . ASP A 1 130 ? -10.284 5.449   -4.264  1.00 20.82 ? 130  ASP A CB  1 
ATOM   977  C CG  . ASP A 1 130 ? -9.957  6.247   -5.498  1.00 24.15 ? 130  ASP A CG  1 
ATOM   978  O OD1 . ASP A 1 130 ? -10.504 5.952   -6.586  1.00 23.77 ? 130  ASP A OD1 1 
ATOM   979  O OD2 . ASP A 1 130 ? -9.128  7.162   -5.384  1.00 23.03 ? 130  ASP A OD2 1 
ATOM   980  N N   . TYR A 1 131 ? -11.937 2.557   -3.445  1.00 19.12 ? 131  TYR A N   1 
ATOM   981  C CA  . TYR A 1 131 ? -12.104 1.527   -2.420  1.00 20.27 ? 131  TYR A CA  1 
ATOM   982  C C   . TYR A 1 131 ? -11.122 1.666   -1.249  1.00 17.76 ? 131  TYR A C   1 
ATOM   983  O O   . TYR A 1 131 ? -11.503 1.571   -0.070  1.00 17.52 ? 131  TYR A O   1 
ATOM   984  C CB  . TYR A 1 131 ? -11.938 0.150   -3.083  1.00 18.98 ? 131  TYR A CB  1 
ATOM   985  C CG  . TYR A 1 131 ? -12.074 -1.038  -2.145  1.00 21.50 ? 131  TYR A CG  1 
ATOM   986  C CD1 . TYR A 1 131 ? -13.310 -1.617  -1.906  1.00 17.71 ? 131  TYR A CD1 1 
ATOM   987  C CD2 . TYR A 1 131 ? -10.972 -1.582  -1.510  1.00 19.13 ? 131  TYR A CD2 1 
ATOM   988  C CE1 . TYR A 1 131 ? -13.450 -2.693  -1.062  1.00 20.84 ? 131  TYR A CE1 1 
ATOM   989  C CE2 . TYR A 1 131 ? -11.104 -2.665  -0.663  1.00 18.24 ? 131  TYR A CE2 1 
ATOM   990  C CZ  . TYR A 1 131 ? -12.353 -3.213  -0.441  1.00 21.91 ? 131  TYR A CZ  1 
ATOM   991  O OH  . TYR A 1 131 ? -12.498 -4.279  0.410   1.00 21.55 ? 131  TYR A OH  1 
ATOM   992  N N   . SER A 1 132 ? -9.852  1.877   -1.566  1.00 16.40 ? 132  SER A N   1 
ATOM   993  C CA  . SER A 1 132 ? -8.821  1.869   -0.531  1.00 19.78 ? 132  SER A CA  1 
ATOM   994  C C   . SER A 1 132 ? -8.714  3.181   0.244   1.00 19.92 ? 132  SER A C   1 
ATOM   995  O O   . SER A 1 132 ? -8.022  3.254   1.262   1.00 20.30 ? 132  SER A O   1 
ATOM   996  C CB  . SER A 1 132 ? -7.463  1.466   -1.118  1.00 17.32 ? 132  SER A CB  1 
ATOM   997  O OG  . SER A 1 132 ? -7.453  0.088   -1.495  1.00 19.19 ? 132  SER A OG  1 
ATOM   998  N N   . TYR A 1 133 ? -9.393  4.226   -0.229  1.00 18.09 ? 133  TYR A N   1 
ATOM   999  C CA  . TYR A 1 133 ? -9.321  5.502   0.500   1.00 19.47 ? 133  TYR A CA  1 
ATOM   1000 C C   . TYR A 1 133 ? -10.128 5.422   1.794   1.00 18.41 ? 133  TYR A C   1 
ATOM   1001 O O   . TYR A 1 133 ? -11.342 5.195   1.763   1.00 22.14 ? 133  TYR A O   1 
ATOM   1002 C CB  . TYR A 1 133 ? -9.827  6.668   -0.347  1.00 18.17 ? 133  TYR A CB  1 
ATOM   1003 C CG  . TYR A 1 133 ? -9.855  7.986   0.417   1.00 23.28 ? 133  TYR A CG  1 
ATOM   1004 C CD1 . TYR A 1 133 ? -8.674  8.629   0.782   1.00 22.78 ? 133  TYR A CD1 1 
ATOM   1005 C CD2 . TYR A 1 133 ? -11.064 8.576   0.781   1.00 24.31 ? 133  TYR A CD2 1 
ATOM   1006 C CE1 . TYR A 1 133 ? -8.700  9.852   1.499   1.00 23.20 ? 133  TYR A CE1 1 
ATOM   1007 C CE2 . TYR A 1 133 ? -11.104 9.783   1.487   1.00 23.44 ? 133  TYR A CE2 1 
ATOM   1008 C CZ  . TYR A 1 133 ? -9.927  10.414  1.842   1.00 26.92 ? 133  TYR A CZ  1 
ATOM   1009 O OH  . TYR A 1 133 ? -9.974  11.606  2.540   1.00 29.28 ? 133  TYR A OH  1 
ATOM   1010 N N   . PRO A 1 134 ? -9.467  5.629   2.933   1.00 20.44 ? 134  PRO A N   1 
ATOM   1011 C CA  . PRO A 1 134 ? -10.129 5.407   4.223   1.00 24.80 ? 134  PRO A CA  1 
ATOM   1012 C C   . PRO A 1 134 ? -10.672 6.676   4.869   1.00 25.52 ? 134  PRO A C   1 
ATOM   1013 O O   . PRO A 1 134 ? -11.127 6.624   6.022   1.00 30.61 ? 134  PRO A O   1 
ATOM   1014 C CB  . PRO A 1 134 ? -8.990  4.881   5.087   1.00 23.01 ? 134  PRO A CB  1 
ATOM   1015 C CG  . PRO A 1 134 ? -7.771  5.644   4.563   1.00 26.80 ? 134  PRO A CG  1 
ATOM   1016 C CD  . PRO A 1 134 ? -8.054  6.020   3.111   1.00 21.56 ? 134  PRO A CD  1 
ATOM   1017 N N   . GLY A 1 135 ? -10.631 7.792   4.159   1.00 24.75 ? 135  GLY A N   1 
ATOM   1018 C CA  . GLY A 1 135 ? -10.952 9.064   4.776   1.00 26.97 ? 135  GLY A CA  1 
ATOM   1019 C C   . GLY A 1 135 ? -9.650  9.671   5.254   1.00 31.52 ? 135  GLY A C   1 
ATOM   1020 O O   . GLY A 1 135 ? -8.577  9.133   4.959   1.00 25.49 ? 135  GLY A O   1 
ATOM   1021 N N   . SER A 1 136 ? -9.731  10.789  5.973   1.00 31.41 ? 136  SER A N   1 
ATOM   1022 C CA  . SER A 1 136 ? -8.536  11.476  6.453   1.00 30.57 ? 136  SER A CA  1 
ATOM   1023 C C   . SER A 1 136 ? -7.859  10.681  7.553   1.00 29.08 ? 136  SER A C   1 
ATOM   1024 O O   . SER A 1 136 ? -8.471  10.388  8.578   1.00 32.77 ? 136  SER A O   1 
ATOM   1025 C CB  . SER A 1 136 ? -8.887  12.867  6.979   1.00 34.22 ? 136  SER A CB  1 
ATOM   1026 O OG  . SER A 1 136 ? -9.485  13.645  5.961   1.00 38.53 ? 136  SER A OG  1 
ATOM   1027 N N   . MET A 1 137 ? -6.597  10.329  7.339   1.00 30.22 ? 137  MET A N   1 
ATOM   1028 C CA  . MET A 1 137 ? -5.800  9.657   8.364   1.00 33.74 ? 137  MET A CA  1 
ATOM   1029 C C   . MET A 1 137 ? -4.445  10.340  8.453   1.00 35.20 ? 137  MET A C   1 
ATOM   1030 O O   . MET A 1 137 ? -3.534  10.045  7.682   1.00 30.58 ? 137  MET A O   1 
ATOM   1031 C CB  . MET A 1 137 ? -5.599  8.171   8.051   1.00 31.76 ? 137  MET A CB  1 
ATOM   1032 C CG  . MET A 1 137 ? -6.839  7.313   8.158   1.00 31.97 ? 137  MET A CG  1 
ATOM   1033 S SD  . MET A 1 137 ? -6.472  5.555   7.931   1.00 32.76 ? 137  MET A SD  1 
ATOM   1034 C CE  . MET A 1 137 ? -5.493  5.226   9.374   1.00 30.32 ? 137  MET A CE  1 
ATOM   1035 N N   . SER A 1 138 ? -4.328  11.275  9.387   1.00 40.06 ? 138  SER A N   1 
ATOM   1036 C CA  . SER A 1 138 ? -3.084  11.992  9.585   1.00 41.06 ? 138  SER A CA  1 
ATOM   1037 C C   . SER A 1 138 ? -2.089  11.094  10.304  1.00 39.78 ? 138  SER A C   1 
ATOM   1038 O O   . SER A 1 138 ? -0.906  11.078  9.974   1.00 48.64 ? 138  SER A O   1 
ATOM   1039 C CB  . SER A 1 138 ? -3.334  13.271  10.391  1.00 44.92 ? 138  SER A CB  1 
ATOM   1040 O OG  . SER A 1 138 ? -4.015  12.970  11.600  1.00 52.79 ? 138  SER A OG  1 
ATOM   1041 N N   . GLN A 1 139 ? -2.567  10.345  11.289  1.00 40.76 ? 139  GLN A N   1 
ATOM   1042 C CA  . GLN A 1 139 ? -1.691  9.455   12.040  1.00 43.15 ? 139  GLN A CA  1 
ATOM   1043 C C   . GLN A 1 139 ? -1.809  8.010   11.559  1.00 36.55 ? 139  GLN A C   1 
ATOM   1044 O O   . GLN A 1 139 ? -2.860  7.604   11.081  1.00 34.53 ? 139  GLN A O   1 
ATOM   1045 C CB  . GLN A 1 139 ? -2.002  9.549   13.533  1.00 48.03 ? 139  GLN A CB  1 
ATOM   1046 C CG  . GLN A 1 139 ? -1.876  10.964  14.091  1.00 52.24 ? 139  GLN A CG  1 
ATOM   1047 C CD  . GLN A 1 139 ? -1.471  10.984  15.554  1.00 61.49 ? 139  GLN A CD  1 
ATOM   1048 O OE1 . GLN A 1 139 ? -2.276  11.315  16.430  1.00 63.58 ? 139  GLN A OE1 1 
ATOM   1049 N NE2 . GLN A 1 139 ? -0.214  10.635  15.826  1.00 58.37 ? 139  GLN A NE2 1 
ATOM   1050 N N   . PHE A 1 140 ? -0.735  7.235   11.684  1.00 34.66 ? 140  PHE A N   1 
ATOM   1051 C CA  . PHE A 1 140 ? -0.776  5.827   11.291  1.00 29.75 ? 140  PHE A CA  1 
ATOM   1052 C C   . PHE A 1 140 ? -1.856  5.077   12.044  1.00 34.54 ? 140  PHE A C   1 
ATOM   1053 O O   . PHE A 1 140 ? -1.857  5.033   13.277  1.00 32.33 ? 140  PHE A O   1 
ATOM   1054 C CB  . PHE A 1 140 ? 0.566   5.119   11.517  1.00 30.09 ? 140  PHE A CB  1 
ATOM   1055 C CG  . PHE A 1 140 ? 1.618   5.480   10.518  1.00 30.36 ? 140  PHE A CG  1 
ATOM   1056 C CD1 . PHE A 1 140 ? 1.514   5.071   9.203   1.00 25.84 ? 140  PHE A CD1 1 
ATOM   1057 C CD2 . PHE A 1 140 ? 2.725   6.219   10.897  1.00 38.52 ? 140  PHE A CD2 1 
ATOM   1058 C CE1 . PHE A 1 140 ? 2.483   5.396   8.281   1.00 27.37 ? 140  PHE A CE1 1 
ATOM   1059 C CE2 . PHE A 1 140 ? 3.701   6.557   9.974   1.00 35.08 ? 140  PHE A CE2 1 
ATOM   1060 C CZ  . PHE A 1 140 ? 3.585   6.141   8.669   1.00 33.71 ? 140  PHE A CZ  1 
ATOM   1061 N N   . GLY A 1 141 ? -2.772  4.477   11.291  1.00 28.03 ? 141  GLY A N   1 
ATOM   1062 C CA  . GLY A 1 141 ? -3.847  3.707   11.875  1.00 27.72 ? 141  GLY A CA  1 
ATOM   1063 C C   . GLY A 1 141 ? -4.104  2.500   11.010  1.00 27.71 ? 141  GLY A C   1 
ATOM   1064 O O   . GLY A 1 141 ? -3.379  2.258   10.049  1.00 25.46 ? 141  GLY A O   1 
ATOM   1065 N N   . GLU A 1 142 ? -5.133  1.741   11.362  1.00 28.76 ? 142  GLU A N   1 
ATOM   1066 C CA  . GLU A 1 142 ? -5.540  0.585   10.589  1.00 25.21 ? 142  GLU A CA  1 
ATOM   1067 C C   . GLU A 1 142 ? -6.322  1.034   9.350   1.00 30.49 ? 142  GLU A C   1 
ATOM   1068 O O   . GLU A 1 142 ? -7.335  1.714   9.466   1.00 30.01 ? 142  GLU A O   1 
ATOM   1069 C CB  . GLU A 1 142 ? -6.408  -0.312  11.467  1.00 35.14 ? 142  GLU A CB  1 
ATOM   1070 C CG  . GLU A 1 142 ? -7.019  -1.518  10.771  1.00 37.61 ? 142  GLU A CG  1 
ATOM   1071 C CD  . GLU A 1 142 ? -7.886  -2.348  11.718  1.00 47.66 ? 142  GLU A CD  1 
ATOM   1072 O OE1 . GLU A 1 142 ? -9.040  -1.938  11.986  1.00 47.20 ? 142  GLU A OE1 1 
ATOM   1073 O OE2 . GLU A 1 142 ? -7.407  -3.397  12.208  1.00 46.50 ? 142  GLU A OE2 1 
ATOM   1074 N N   . ASN A 1 143 ? -5.834  0.674   8.166   1.00 24.85 ? 143  ASN A N   1 
ATOM   1075 C CA  . ASN A 1 143 ? -6.629  0.773   6.948   1.00 22.14 ? 143  ASN A CA  1 
ATOM   1076 C C   . ASN A 1 143 ? -6.707  -0.611  6.337   1.00 22.90 ? 143  ASN A C   1 
ATOM   1077 O O   . ASN A 1 143 ? -5.828  -1.001  5.574   1.00 23.03 ? 143  ASN A O   1 
ATOM   1078 C CB  . ASN A 1 143 ? -6.033  1.756   5.948   1.00 20.74 ? 143  ASN A CB  1 
ATOM   1079 C CG  . ASN A 1 143 ? -6.866  1.863   4.661   1.00 23.51 ? 143  ASN A CG  1 
ATOM   1080 O OD1 . ASN A 1 143 ? -7.923  1.231   4.527   1.00 23.11 ? 143  ASN A OD1 1 
ATOM   1081 N ND2 . ASN A 1 143 ? -6.399  2.677   3.725   1.00 16.37 ? 143  ASN A ND2 1 
ATOM   1082 N N   . LYS A 1 144 ? -7.763  -1.344  6.689   1.00 20.56 ? 144  LYS A N   1 
ATOM   1083 C CA  . LYS A 1 144 ? -7.968  -2.717  6.217   1.00 25.09 ? 144  LYS A CA  1 
ATOM   1084 C C   . LYS A 1 144 ? -8.358  -2.827  4.748   1.00 23.99 ? 144  LYS A C   1 
ATOM   1085 O O   . LYS A 1 144 ? -8.471  -3.933  4.219   1.00 22.98 ? 144  LYS A O   1 
ATOM   1086 C CB  . LYS A 1 144 ? -9.027  -3.418  7.072   1.00 28.50 ? 144  LYS A CB  1 
ATOM   1087 C CG  . LYS A 1 144 ? -8.639  -3.623  8.521   1.00 37.94 ? 144  LYS A CG  1 
ATOM   1088 C CD  . LYS A 1 144 ? -7.536  -4.665  8.662   1.00 39.14 ? 144  LYS A CD  1 
ATOM   1089 C CE  . LYS A 1 144 ? -7.875  -5.672  9.756   1.00 45.71 ? 144  LYS A CE  1 
ATOM   1090 N NZ  . LYS A 1 144 ? -6.717  -6.570  10.062  1.00 45.60 ? 144  LYS A NZ  1 
ATOM   1091 N N   . LEU A 1 145 ? -8.544  -1.693  4.077   1.00 19.66 ? 145  LEU A N   1 
ATOM   1092 C CA  . LEU A 1 145 ? -8.961  -1.703  2.676   1.00 20.09 ? 145  LEU A CA  1 
ATOM   1093 C C   . LEU A 1 145 ? -7.759  -1.720  1.723   1.00 18.91 ? 145  LEU A C   1 
ATOM   1094 O O   . LEU A 1 145 ? -7.923  -1.679  0.498   1.00 17.71 ? 145  LEU A O   1 
ATOM   1095 C CB  . LEU A 1 145 ? -9.869  -0.495  2.379   1.00 19.91 ? 145  LEU A CB  1 
ATOM   1096 C CG  . LEU A 1 145 ? -11.098 -0.336  3.290   1.00 28.00 ? 145  LEU A CG  1 
ATOM   1097 C CD1 . LEU A 1 145 ? -11.741 1.028   3.065   1.00 27.89 ? 145  LEU A CD1 1 
ATOM   1098 C CD2 . LEU A 1 145 ? -12.098 -1.444  3.029   1.00 25.03 ? 145  LEU A CD2 1 
ATOM   1099 N N   . VAL A 1 146 ? -6.559  -1.803  2.289   1.00 17.60 ? 146  VAL A N   1 
ATOM   1100 C CA  . VAL A 1 146 ? -5.342  -1.976  1.487   1.00 15.29 ? 146  VAL A CA  1 
ATOM   1101 C C   . VAL A 1 146 ? -4.874  -3.395  1.735   1.00 17.73 ? 146  VAL A C   1 
ATOM   1102 O O   . VAL A 1 146 ? -4.853  -3.842  2.889   1.00 21.03 ? 146  VAL A O   1 
ATOM   1103 C CB  . VAL A 1 146 ? -4.222  -1.018  1.928   1.00 18.59 ? 146  VAL A CB  1 
ATOM   1104 C CG1 . VAL A 1 146 ? -2.910  -1.362  1.224   1.00 19.20 ? 146  VAL A CG1 1 
ATOM   1105 C CG2 . VAL A 1 146 ? -4.626  0.438   1.635   1.00 20.74 ? 146  VAL A CG2 1 
ATOM   1106 N N   . ALA A 1 147 ? -4.515  -4.111  0.681   1.00 16.00 ? 147  ALA A N   1 
ATOM   1107 C CA  . ALA A 1 147 ? -4.148  -5.526  0.841   1.00 18.14 ? 147  ALA A CA  1 
ATOM   1108 C C   . ALA A 1 147 ? -2.646  -5.735  0.720   1.00 17.39 ? 147  ALA A C   1 
ATOM   1109 O O   . ALA A 1 147 ? -1.989  -5.106  -0.113  1.00 17.93 ? 147  ALA A O   1 
ATOM   1110 C CB  . ALA A 1 147 ? -4.860  -6.389  -0.182  1.00 16.57 ? 147  ALA A CB  1 
ATOM   1111 N N   . VAL A 1 148 ? -2.126  -6.657  1.531   1.00 17.38 ? 148  VAL A N   1 
ATOM   1112 C CA  . VAL A 1 148 ? -0.719  -7.034  1.470   1.00 18.23 ? 148  VAL A CA  1 
ATOM   1113 C C   . VAL A 1 148 ? -0.604  -8.534  1.186   1.00 20.05 ? 148  VAL A C   1 
ATOM   1114 O O   . VAL A 1 148 ? -1.331  -9.337  1.774   1.00 20.42 ? 148  VAL A O   1 
ATOM   1115 C CB  . VAL A 1 148 ? -0.039  -6.770  2.794   1.00 15.23 ? 148  VAL A CB  1 
ATOM   1116 C CG1 . VAL A 1 148 ? 1.473   -7.060  2.671   1.00 17.57 ? 148  VAL A CG1 1 
ATOM   1117 C CG2 . VAL A 1 148 ? -0.292  -5.331  3.256   1.00 18.61 ? 148  VAL A CG2 1 
ATOM   1118 N N   . TYR A 1 149 ? 0.296   -8.893  0.280   1.00 18.80 ? 149  TYR A N   1 
ATOM   1119 C CA  . TYR A 1 149 ? 0.495   -10.288 -0.101  1.00 17.64 ? 149  TYR A CA  1 
ATOM   1120 C C   . TYR A 1 149 ? 1.941   -10.696 0.131   1.00 20.29 ? 149  TYR A C   1 
ATOM   1121 O O   . TYR A 1 149 ? 2.850   -9.888  -0.023  1.00 21.05 ? 149  TYR A O   1 
ATOM   1122 C CB  . TYR A 1 149 ? 0.156   -10.485 -1.566  1.00 21.42 ? 149  TYR A CB  1 
ATOM   1123 C CG  . TYR A 1 149 ? -1.250  -10.042 -1.903  1.00 21.38 ? 149  TYR A CG  1 
ATOM   1124 C CD1 . TYR A 1 149 ? -2.268  -10.969 -2.065  1.00 26.16 ? 149  TYR A CD1 1 
ATOM   1125 C CD2 . TYR A 1 149 ? -1.557  -8.694  -2.030  1.00 22.74 ? 149  TYR A CD2 1 
ATOM   1126 C CE1 . TYR A 1 149 ? -3.554  -10.565 -2.378  1.00 26.05 ? 149  TYR A CE1 1 
ATOM   1127 C CE2 . TYR A 1 149 ? -2.834  -8.282  -2.330  1.00 24.39 ? 149  TYR A CE2 1 
ATOM   1128 C CZ  . TYR A 1 149 ? -3.824  -9.217  -2.503  1.00 27.90 ? 149  TYR A CZ  1 
ATOM   1129 O OH  . TYR A 1 149 ? -5.088  -8.789  -2.804  1.00 33.95 ? 149  TYR A OH  1 
ATOM   1130 N N   . TYR A 1 150 ? 2.145   -11.961 0.480   1.00 20.77 ? 150  TYR A N   1 
ATOM   1131 C CA  . TYR A 1 150 ? 3.489   -12.492 0.587   1.00 21.90 ? 150  TYR A CA  1 
ATOM   1132 C C   . TYR A 1 150 ? 3.580   -13.692 -0.339  1.00 25.26 ? 150  TYR A C   1 
ATOM   1133 O O   . TYR A 1 150 ? 2.854   -14.668 -0.171  1.00 26.86 ? 150  TYR A O   1 
ATOM   1134 C CB  . TYR A 1 150 ? 3.805   -12.872 2.024   1.00 22.63 ? 150  TYR A CB  1 
ATOM   1135 C CG  . TYR A 1 150 ? 5.270   -13.154 2.233   1.00 23.75 ? 150  TYR A CG  1 
ATOM   1136 C CD1 . TYR A 1 150 ? 6.184   -12.116 2.327   1.00 23.24 ? 150  TYR A CD1 1 
ATOM   1137 C CD2 . TYR A 1 150 ? 5.739   -14.458 2.313   1.00 28.90 ? 150  TYR A CD2 1 
ATOM   1138 C CE1 . TYR A 1 150 ? 7.524   -12.363 2.512   1.00 24.99 ? 150  TYR A CE1 1 
ATOM   1139 C CE2 . TYR A 1 150 ? 7.084   -14.716 2.496   1.00 27.11 ? 150  TYR A CE2 1 
ATOM   1140 C CZ  . TYR A 1 150 ? 7.965   -13.671 2.600   1.00 24.68 ? 150  TYR A CZ  1 
ATOM   1141 O OH  . TYR A 1 150 ? 9.313   -13.927 2.779   1.00 32.67 ? 150  TYR A OH  1 
ATOM   1142 N N   . ASN A 1 151 ? 4.440   -13.594 -1.348  1.00 23.73 ? 151  ASN A N   1 
ATOM   1143 C CA  . ASN A 1 151 ? 4.454   -14.576 -2.415  1.00 28.75 ? 151  ASN A CA  1 
ATOM   1144 C C   . ASN A 1 151 ? 3.092   -14.789 -3.059  1.00 35.43 ? 151  ASN A C   1 
ATOM   1145 O O   . ASN A 1 151 ? 2.754   -15.905 -3.464  1.00 36.48 ? 151  ASN A O   1 
ATOM   1146 C CB  . ASN A 1 151 ? 4.972   -15.911 -1.889  1.00 34.06 ? 151  ASN A CB  1 
ATOM   1147 C CG  . ASN A 1 151 ? 6.357   -16.207 -2.367  1.00 36.72 ? 151  ASN A CG  1 
ATOM   1148 O OD1 . ASN A 1 151 ? 6.987   -15.373 -3.017  1.00 40.46 ? 151  ASN A OD1 1 
ATOM   1149 N ND2 . ASN A 1 151 ? 6.850   -17.394 -2.050  1.00 42.61 ? 151  ASN A ND2 1 
ATOM   1150 N N   . GLY A 1 152 ? 2.298   -13.730 -3.138  1.00 30.84 ? 152  GLY A N   1 
ATOM   1151 C CA  . GLY A 1 152 ? 1.007   -13.830 -3.785  1.00 31.51 ? 152  GLY A CA  1 
ATOM   1152 C C   . GLY A 1 152 ? -0.128  -14.285 -2.885  1.00 30.78 ? 152  GLY A C   1 
ATOM   1153 O O   . GLY A 1 152 ? -1.280  -14.316 -3.318  1.00 32.43 ? 152  GLY A O   1 
ATOM   1154 N N   . ALA A 1 153 ? 0.180   -14.634 -1.639  1.00 27.53 ? 153  ALA A N   1 
ATOM   1155 C CA  . ALA A 1 153 ? -0.851  -15.024 -0.691  1.00 26.99 ? 153  ALA A CA  1 
ATOM   1156 C C   . ALA A 1 153 ? -1.240  -13.859 0.214   1.00 25.83 ? 153  ALA A C   1 
ATOM   1157 O O   . ALA A 1 153 ? -0.386  -13.203 0.806   1.00 22.15 ? 153  ALA A O   1 
ATOM   1158 C CB  . ALA A 1 153 ? -0.388  -16.199 0.145   1.00 30.06 ? 153  ALA A CB  1 
ATOM   1159 N N   . LEU A 1 154 ? -2.542  -13.624 0.338   1.00 24.69 ? 154  LEU A N   1 
ATOM   1160 C CA  . LEU A 1 154 ? -3.052  -12.560 1.204   1.00 24.97 ? 154  LEU A CA  1 
ATOM   1161 C C   . LEU A 1 154 ? -2.656  -12.713 2.665   1.00 24.79 ? 154  LEU A C   1 
ATOM   1162 O O   . LEU A 1 154 ? -2.992  -13.703 3.314   1.00 26.70 ? 154  LEU A O   1 
ATOM   1163 C CB  . LEU A 1 154 ? -4.577  -12.499 1.095   1.00 26.62 ? 154  LEU A CB  1 
ATOM   1164 C CG  . LEU A 1 154 ? -5.289  -11.389 1.864   1.00 28.93 ? 154  LEU A CG  1 
ATOM   1165 C CD1 . LEU A 1 154 ? -4.806  -10.017 1.393   1.00 23.42 ? 154  LEU A CD1 1 
ATOM   1166 C CD2 . LEU A 1 154 ? -6.799  -11.521 1.689   1.00 28.92 ? 154  LEU A CD2 1 
ATOM   1167 N N   . VAL A 1 155 ? -1.966  -11.714 3.201   1.00 21.44 ? 155  VAL A N   1 
ATOM   1168 C CA  . VAL A 1 155 ? -1.570  -11.730 4.605   1.00 24.07 ? 155  VAL A CA  1 
ATOM   1169 C C   . VAL A 1 155 ? -2.219  -10.615 5.424   1.00 25.67 ? 155  VAL A C   1 
ATOM   1170 O O   . VAL A 1 155 ? -2.222  -10.667 6.658   1.00 21.93 ? 155  VAL A O   1 
ATOM   1171 C CB  . VAL A 1 155 ? -0.019  -11.656 4.781   1.00 20.77 ? 155  VAL A CB  1 
ATOM   1172 C CG1 . VAL A 1 155 ? 0.662   -12.922 4.252   1.00 23.66 ? 155  VAL A CG1 1 
ATOM   1173 C CG2 . VAL A 1 155 ? 0.534   -10.414 4.082   1.00 20.18 ? 155  VAL A CG2 1 
ATOM   1174 N N   . TYR A 1 156 ? -2.770  -9.599  4.757   1.00 21.34 ? 156  TYR A N   1 
ATOM   1175 C CA  . TYR A 1 156 ? -3.382  -8.487  5.494   1.00 22.35 ? 156  TYR A CA  1 
ATOM   1176 C C   . TYR A 1 156 ? -4.381  -7.754  4.614   1.00 20.15 ? 156  TYR A C   1 
ATOM   1177 O O   . TYR A 1 156 ? -4.148  -7.578  3.417   1.00 17.28 ? 156  TYR A O   1 
ATOM   1178 C CB  . TYR A 1 156 ? -2.336  -7.490  6.007   1.00 22.22 ? 156  TYR A CB  1 
ATOM   1179 C CG  . TYR A 1 156 ? -2.954  -6.285  6.710   1.00 21.30 ? 156  TYR A CG  1 
ATOM   1180 C CD1 . TYR A 1 156 ? -3.052  -6.249  8.087   1.00 25.82 ? 156  TYR A CD1 1 
ATOM   1181 C CD2 . TYR A 1 156 ? -3.432  -5.192  5.990   1.00 23.00 ? 156  TYR A CD2 1 
ATOM   1182 C CE1 . TYR A 1 156 ? -3.615  -5.170  8.746   1.00 29.52 ? 156  TYR A CE1 1 
ATOM   1183 C CE2 . TYR A 1 156 ? -4.013  -4.105  6.637   1.00 28.13 ? 156  TYR A CE2 1 
ATOM   1184 C CZ  . TYR A 1 156 ? -4.104  -4.104  8.022   1.00 27.80 ? 156  TYR A CZ  1 
ATOM   1185 O OH  . TYR A 1 156 ? -4.658  -3.037  8.702   1.00 32.24 ? 156  TYR A OH  1 
ATOM   1186 N N   . GLY A 1 157 ? -5.487  -7.337  5.214   1.00 20.36 ? 157  GLY A N   1 
ATOM   1187 C CA  . GLY A 1 157 ? -6.421  -6.458  4.534   1.00 22.17 ? 157  GLY A CA  1 
ATOM   1188 C C   . GLY A 1 157 ? -7.503  -7.212  3.799   1.00 26.07 ? 157  GLY A C   1 
ATOM   1189 O O   . GLY A 1 157 ? -7.489  -8.440  3.741   1.00 23.69 ? 157  GLY A O   1 
ATOM   1190 N N   . THR A 1 158 ? -8.428  -6.453  3.216   1.00 23.08 ? 158  THR A N   1 
ATOM   1191 C CA  . THR A 1 158 ? -9.610  -6.985  2.553   1.00 24.88 ? 158  THR A CA  1 
ATOM   1192 C C   . THR A 1 158 ? -9.731  -6.447  1.140   1.00 23.26 ? 158  THR A C   1 
ATOM   1193 O O   . THR A 1 158 ? -10.185 -5.322  0.947   1.00 24.89 ? 158  THR A O   1 
ATOM   1194 C CB  . THR A 1 158 ? -10.881 -6.538  3.308   1.00 31.38 ? 158  THR A CB  1 
ATOM   1195 O OG1 . THR A 1 158 ? -10.746 -6.856  4.697   1.00 29.89 ? 158  THR A OG1 1 
ATOM   1196 C CG2 . THR A 1 158 ? -12.137 -7.202  2.726   1.00 29.44 ? 158  THR A CG2 1 
ATOM   1197 N N   . PRO A 1 159 ? -9.312  -7.242  0.149   1.00 21.73 ? 159  PRO A N   1 
ATOM   1198 C CA  . PRO A 1 159 ? -9.439  -6.920  -1.269  1.00 22.20 ? 159  PRO A CA  1 
ATOM   1199 C C   . PRO A 1 159 ? -10.922 -6.730  -1.593  1.00 22.82 ? 159  PRO A C   1 
ATOM   1200 O O   . PRO A 1 159 ? -11.759 -7.313  -0.907  1.00 25.86 ? 159  PRO A O   1 
ATOM   1201 C CB  . PRO A 1 159 ? -8.931  -8.191  -1.961  1.00 26.55 ? 159  PRO A CB  1 
ATOM   1202 C CG  . PRO A 1 159 ? -8.087  -8.870  -0.963  1.00 28.49 ? 159  PRO A CG  1 
ATOM   1203 C CD  . PRO A 1 159 ? -8.710  -8.570  0.358   1.00 27.18 ? 159  PRO A CD  1 
ATOM   1204 N N   . PRO A 1 160 ? -11.237 -5.909  -2.602  1.00 22.74 ? 160  PRO A N   1 
ATOM   1205 C CA  . PRO A 1 160 ? -12.628 -5.713  -3.038  1.00 26.55 ? 160  PRO A CA  1 
ATOM   1206 C C   . PRO A 1 160 ? -13.276 -7.027  -3.462  1.00 35.22 ? 160  PRO A C   1 
ATOM   1207 O O   . PRO A 1 160 ? -12.610 -7.913  -4.006  1.00 34.77 ? 160  PRO A O   1 
ATOM   1208 C CB  . PRO A 1 160 ? -12.488 -4.798  -4.263  1.00 25.83 ? 160  PRO A CB  1 
ATOM   1209 C CG  . PRO A 1 160 ? -11.171 -4.118  -4.105  1.00 26.30 ? 160  PRO A CG  1 
ATOM   1210 C CD  . PRO A 1 160 ? -10.286 -5.133  -3.412  1.00 21.29 ? 160  PRO A CD  1 
ATOM   1211 O OXT . PRO A 1 160 ? -14.486 -7.236  -3.282  1.00 41.17 ? 160  PRO A OXT 1 
HETATM 1212 N N   . NO3 B 2 .   ? -3.953  -11.529 -9.255  1.00 47.55 ? 1161 NO3 A N   1 
HETATM 1213 O O1  . NO3 B 2 .   ? -3.157  -12.576 -8.778  1.00 54.57 ? 1161 NO3 A O1  1 
HETATM 1214 O O2  . NO3 B 2 .   ? -3.486  -10.719 -10.301 1.00 50.62 ? 1161 NO3 A O2  1 
HETATM 1215 O O3  . NO3 B 2 .   ? -5.211  -11.300 -8.682  1.00 50.14 ? 1161 NO3 A O3  1 
HETATM 1216 O O   . HOH C 3 .   ? -4.784  -15.337 8.996   1.00 44.08 ? 2001 HOH A O   1 
HETATM 1217 O O   . HOH C 3 .   ? -1.691  -14.758 12.212  1.00 43.66 ? 2002 HOH A O   1 
HETATM 1218 O O   . HOH C 3 .   ? 7.198   -13.350 12.390  1.00 28.23 ? 2003 HOH A O   1 
HETATM 1219 O O   . HOH C 3 .   ? 2.561   -16.508 12.597  1.00 41.92 ? 2004 HOH A O   1 
HETATM 1220 O O   . HOH C 3 .   ? 5.657   -15.702 12.037  1.00 38.59 ? 2005 HOH A O   1 
HETATM 1221 O O   . HOH C 3 .   ? -2.272  -9.264  9.211   1.00 31.29 ? 2006 HOH A O   1 
HETATM 1222 O O   . HOH C 3 .   ? -3.425  -0.719  7.298   1.00 25.94 ? 2007 HOH A O   1 
HETATM 1223 O O   . HOH C 3 .   ? -3.174  -1.673  11.494  1.00 36.97 ? 2008 HOH A O   1 
HETATM 1224 O O   . HOH C 3 .   ? 5.275   -11.493 -5.248  1.00 38.68 ? 2009 HOH A O   1 
HETATM 1225 O O   . HOH C 3 .   ? -7.056  16.871  0.836   1.00 35.63 ? 2010 HOH A O   1 
HETATM 1226 O O   . HOH C 3 .   ? -13.274 14.621  2.731   1.00 36.11 ? 2011 HOH A O   1 
HETATM 1227 O O   . HOH C 3 .   ? -12.790 16.920  0.177   1.00 37.75 ? 2012 HOH A O   1 
HETATM 1228 O O   . HOH C 3 .   ? -9.107  19.464  -0.825  1.00 43.62 ? 2013 HOH A O   1 
HETATM 1229 O O   . HOH C 3 .   ? -9.213  18.204  -5.148  1.00 32.15 ? 2014 HOH A O   1 
HETATM 1230 O O   . HOH C 3 .   ? -4.861  16.770  0.077   1.00 39.74 ? 2015 HOH A O   1 
HETATM 1231 O O   . HOH C 3 .   ? -5.002  18.915  -2.237  1.00 39.73 ? 2016 HOH A O   1 
HETATM 1232 O O   . HOH C 3 .   ? -3.250  14.146  -9.538  1.00 40.74 ? 2017 HOH A O   1 
HETATM 1233 O O   . HOH C 3 .   ? 10.459  10.747  -8.559  1.00 53.40 ? 2018 HOH A O   1 
HETATM 1234 O O   . HOH C 3 .   ? 16.525  4.077   8.831   1.00 50.06 ? 2019 HOH A O   1 
HETATM 1235 O O   . HOH C 3 .   ? 11.007  -5.129  -7.761  1.00 39.27 ? 2020 HOH A O   1 
HETATM 1236 O O   . HOH C 3 .   ? 7.481   -4.480  -11.716 1.00 44.62 ? 2021 HOH A O   1 
HETATM 1237 O O   . HOH C 3 .   ? 2.842   10.109  0.861   1.00 32.43 ? 2022 HOH A O   1 
HETATM 1238 O O   . HOH C 3 .   ? 2.089   -2.407  -15.798 1.00 44.80 ? 2023 HOH A O   1 
HETATM 1239 O O   . HOH C 3 .   ? 3.152   1.776   -15.450 1.00 50.82 ? 2024 HOH A O   1 
HETATM 1240 O O   . HOH C 3 .   ? -5.638  -6.942  -17.534 1.00 47.09 ? 2025 HOH A O   1 
HETATM 1241 O O   . HOH C 3 .   ? 1.573   -1.608  15.814  1.00 37.45 ? 2026 HOH A O   1 
HETATM 1242 O O   . HOH C 3 .   ? 3.922   -4.413  15.601  1.00 43.62 ? 2027 HOH A O   1 
HETATM 1243 O O   . HOH C 3 .   ? -12.646 0.812   -18.223 1.00 48.66 ? 2028 HOH A O   1 
HETATM 1244 O O   . HOH C 3 .   ? 6.444   -5.710  16.473  1.00 40.40 ? 2029 HOH A O   1 
HETATM 1245 O O   . HOH C 3 .   ? 7.433   -5.286  15.014  1.00 36.89 ? 2030 HOH A O   1 
HETATM 1246 O O   . HOH C 3 .   ? 4.519   -6.645  -12.458 1.00 42.15 ? 2031 HOH A O   1 
HETATM 1247 O O   . HOH C 3 .   ? 5.785   -8.174  18.706  1.00 30.96 ? 2032 HOH A O   1 
HETATM 1248 O O   . HOH C 3 .   ? 19.337  -8.345  1.701   1.00 40.87 ? 2033 HOH A O   1 
HETATM 1249 O O   . HOH C 3 .   ? 13.752  -15.605 12.367  1.00 33.43 ? 2034 HOH A O   1 
HETATM 1250 O O   . HOH C 3 .   ? 7.615   -17.128 14.115  1.00 33.94 ? 2035 HOH A O   1 
HETATM 1251 O O   . HOH C 3 .   ? 6.359   -15.302 16.697  1.00 41.54 ? 2036 HOH A O   1 
HETATM 1252 O O   . HOH C 3 .   ? 13.847  -14.974 15.742  1.00 38.82 ? 2037 HOH A O   1 
HETATM 1253 O O   . HOH C 3 .   ? 18.571  -6.590  7.657   1.00 41.08 ? 2038 HOH A O   1 
HETATM 1254 O O   . HOH C 3 .   ? 8.321   -12.140 19.356  1.00 44.38 ? 2039 HOH A O   1 
HETATM 1255 O O   . HOH C 3 .   ? 13.013  -16.942 9.654   1.00 31.05 ? 2040 HOH A O   1 
HETATM 1256 O O   . HOH C 3 .   ? 14.610  -9.188  -0.443  1.00 36.86 ? 2041 HOH A O   1 
HETATM 1257 O O   . HOH C 3 .   ? 15.092  -12.552 -2.738  1.00 43.44 ? 2042 HOH A O   1 
HETATM 1258 O O   . HOH C 3 .   ? 6.977   -9.548  -5.468  1.00 40.47 ? 2043 HOH A O   1 
HETATM 1259 O O   . HOH C 3 .   ? 3.473   -10.908 -3.064  1.00 22.73 ? 2044 HOH A O   1 
HETATM 1260 O O   . HOH C 3 .   ? 7.908   -7.631  -4.090  1.00 35.56 ? 2045 HOH A O   1 
HETATM 1261 O O   . HOH C 3 .   ? -6.402  -7.927  -5.289  1.00 32.82 ? 2046 HOH A O   1 
HETATM 1262 O O   . HOH C 3 .   ? -5.135  7.370   0.694   1.00 20.17 ? 2047 HOH A O   1 
HETATM 1263 O O   . HOH C 3 .   ? -7.484  7.224   -3.111  1.00 20.94 ? 2048 HOH A O   1 
HETATM 1264 O O   . HOH C 3 .   ? -5.587  4.252   -14.066 1.00 33.92 ? 2049 HOH A O   1 
HETATM 1265 O O   . HOH C 3 .   ? -15.733 2.435   -9.643  1.00 37.28 ? 2050 HOH A O   1 
HETATM 1266 O O   . HOH C 3 .   ? -6.902  6.797   -13.883 1.00 37.92 ? 2051 HOH A O   1 
HETATM 1267 O O   . HOH C 3 .   ? -7.803  8.518   -10.037 1.00 39.22 ? 2052 HOH A O   1 
HETATM 1268 O O   . HOH C 3 .   ? -3.032  11.901  -16.717 1.00 49.08 ? 2053 HOH A O   1 
HETATM 1269 O O   . HOH C 3 .   ? 4.647   5.560   -12.409 1.00 32.33 ? 2054 HOH A O   1 
HETATM 1270 O O   . HOH C 3 .   ? 2.538   12.943  -12.756 1.00 44.42 ? 2055 HOH A O   1 
HETATM 1271 O O   . HOH C 3 .   ? 11.764  7.381   -7.276  1.00 49.68 ? 2056 HOH A O   1 
HETATM 1272 O O   . HOH C 3 .   ? 7.443   4.406   -2.120  1.00 23.89 ? 2057 HOH A O   1 
HETATM 1273 O O   . HOH C 3 .   ? 10.270  11.018  -5.908  1.00 46.99 ? 2058 HOH A O   1 
HETATM 1274 O O   . HOH C 3 .   ? 11.928  3.657   -3.926  1.00 22.29 ? 2059 HOH A O   1 
HETATM 1275 O O   . HOH C 3 .   ? 10.065  8.134   -7.635  1.00 42.51 ? 2060 HOH A O   1 
HETATM 1276 O O   . HOH C 3 .   ? 12.943  7.796   -4.066  1.00 48.33 ? 2061 HOH A O   1 
HETATM 1277 O O   . HOH C 3 .   ? 5.139   11.391  0.722   1.00 34.88 ? 2062 HOH A O   1 
HETATM 1278 O O   . HOH C 3 .   ? 16.487  5.751   5.987   1.00 45.29 ? 2063 HOH A O   1 
HETATM 1279 O O   . HOH C 3 .   ? 16.618  2.393   7.376   1.00 39.55 ? 2064 HOH A O   1 
HETATM 1280 O O   . HOH C 3 .   ? 17.862  0.131   5.123   1.00 36.62 ? 2065 HOH A O   1 
HETATM 1281 O O   . HOH C 3 .   ? 16.115  3.208   -2.389  1.00 34.85 ? 2066 HOH A O   1 
HETATM 1282 O O   . HOH C 3 .   ? 12.517  -0.982  -7.022  1.00 33.10 ? 2067 HOH A O   1 
HETATM 1283 O O   . HOH C 3 .   ? 16.197  -2.166  -4.039  1.00 37.34 ? 2068 HOH A O   1 
HETATM 1284 O O   . HOH C 3 .   ? 12.954  1.788   -7.552  1.00 38.98 ? 2069 HOH A O   1 
HETATM 1285 O O   . HOH C 3 .   ? 6.895   -2.776  -10.123 1.00 33.08 ? 2070 HOH A O   1 
HETATM 1286 O O   . HOH C 3 .   ? 10.389  -2.819  -6.797  1.00 29.85 ? 2071 HOH A O   1 
HETATM 1287 O O   . HOH C 3 .   ? 7.304   2.942   -10.237 1.00 33.40 ? 2072 HOH A O   1 
HETATM 1288 O O   . HOH C 3 .   ? 7.337   -0.915  -12.251 1.00 35.56 ? 2073 HOH A O   1 
HETATM 1289 O O   . HOH C 3 .   ? 1.718   0.529   -14.878 1.00 30.17 ? 2074 HOH A O   1 
HETATM 1290 O O   . HOH C 3 .   ? -2.137  -5.665  -14.998 1.00 43.05 ? 2075 HOH A O   1 
HETATM 1291 O O   . HOH C 3 .   ? -4.060  -4.567  -16.155 1.00 38.40 ? 2076 HOH A O   1 
HETATM 1292 O O   . HOH C 3 .   ? -4.834  -6.917  -13.999 1.00 38.85 ? 2077 HOH A O   1 
HETATM 1293 O O   . HOH C 3 .   ? -11.292 -4.622  -15.331 1.00 43.36 ? 2078 HOH A O   1 
HETATM 1294 O O   . HOH C 3 .   ? -7.697  -8.639  -10.516 1.00 37.80 ? 2079 HOH A O   1 
HETATM 1295 O O   . HOH C 3 .   ? -18.019 -7.697  -10.936 1.00 40.70 ? 2080 HOH A O   1 
HETATM 1296 O O   . HOH C 3 .   ? -15.776 0.254   -10.869 1.00 37.41 ? 2081 HOH A O   1 
HETATM 1297 O O   . HOH C 3 .   ? -19.538 2.018   -9.449  1.00 33.79 ? 2082 HOH A O   1 
HETATM 1298 O O   . HOH C 3 .   ? -13.076 -1.018  -16.292 1.00 44.03 ? 2083 HOH A O   1 
HETATM 1299 O O   . HOH C 3 .   ? -0.575  -7.602  -11.207 1.00 45.02 ? 2084 HOH A O   1 
HETATM 1300 O O   . HOH C 3 .   ? 4.633   -3.452  -8.758  1.00 34.65 ? 2085 HOH A O   1 
HETATM 1301 O O   . HOH C 3 .   ? 3.356   -5.077  -9.950  1.00 36.51 ? 2086 HOH A O   1 
HETATM 1302 O O   . HOH C 3 .   ? 10.337  -7.575  -6.093  1.00 39.76 ? 2087 HOH A O   1 
HETATM 1303 O O   . HOH C 3 .   ? 12.620  -3.152  -0.605  1.00 25.32 ? 2088 HOH A O   1 
HETATM 1304 O O   . HOH C 3 .   ? 17.610  -8.944  -0.389  1.00 46.05 ? 2089 HOH A O   1 
HETATM 1305 O O   . HOH C 3 .   ? 17.599  -5.966  4.693   1.00 33.31 ? 2090 HOH A O   1 
HETATM 1306 O O   . HOH C 3 .   ? 19.092  -8.840  3.854   1.00 41.41 ? 2091 HOH A O   1 
HETATM 1307 O O   . HOH C 3 .   ? 14.514  -6.946  13.359  1.00 29.80 ? 2092 HOH A O   1 
HETATM 1308 O O   . HOH C 3 .   ? 10.651  -12.084 17.786  1.00 27.51 ? 2093 HOH A O   1 
HETATM 1309 O O   . HOH C 3 .   ? 14.130  -11.044 18.988  1.00 37.51 ? 2094 HOH A O   1 
HETATM 1310 O O   . HOH C 3 .   ? 14.815  -5.082  15.148  1.00 36.31 ? 2095 HOH A O   1 
HETATM 1311 O O   . HOH C 3 .   ? 20.400  -8.375  14.115  1.00 43.72 ? 2096 HOH A O   1 
HETATM 1312 O O   . HOH C 3 .   ? 19.381  -9.857  17.434  1.00 43.28 ? 2097 HOH A O   1 
HETATM 1313 O O   . HOH C 3 .   ? 12.642  0.795   8.720   1.00 28.86 ? 2098 HOH A O   1 
HETATM 1314 O O   . HOH C 3 .   ? 13.165  0.413   12.344  1.00 39.62 ? 2099 HOH A O   1 
HETATM 1315 O O   . HOH C 3 .   ? 16.151  -5.925  8.622   1.00 30.28 ? 2100 HOH A O   1 
HETATM 1316 O O   . HOH C 3 .   ? 14.700  3.949   10.405  1.00 49.78 ? 2101 HOH A O   1 
HETATM 1317 O O   . HOH C 3 .   ? 8.220   -3.167  14.561  1.00 36.76 ? 2102 HOH A O   1 
HETATM 1318 O O   . HOH C 3 .   ? 13.018  -2.076  13.764  1.00 34.61 ? 2103 HOH A O   1 
HETATM 1319 O O   . HOH C 3 .   ? 11.957  -4.748  16.429  1.00 32.06 ? 2104 HOH A O   1 
HETATM 1320 O O   . HOH C 3 .   ? 11.548  2.558   12.247  1.00 50.57 ? 2105 HOH A O   1 
HETATM 1321 O O   . HOH C 3 .   ? 10.359  2.326   9.677   1.00 36.98 ? 2106 HOH A O   1 
HETATM 1322 O O   . HOH C 3 .   ? -6.593  21.287  -12.352 1.00 36.23 ? 2107 HOH A O   1 
HETATM 1323 O O   . HOH C 3 .   ? -1.109  24.485  -14.864 1.00 54.03 ? 2108 HOH A O   1 
HETATM 1324 O O   . HOH C 3 .   ? -4.438  20.193  -9.056  1.00 37.05 ? 2109 HOH A O   1 
HETATM 1325 O O   . HOH C 3 .   ? -4.924  10.100  -0.343  1.00 25.35 ? 2110 HOH A O   1 
HETATM 1326 O O   . HOH C 3 .   ? -8.480  8.259   -7.858  1.00 35.06 ? 2111 HOH A O   1 
HETATM 1327 O O   . HOH C 3 .   ? -11.482 7.973   -8.164  1.00 34.23 ? 2112 HOH A O   1 
HETATM 1328 O O   . HOH C 3 .   ? -13.561 5.660   -0.155  1.00 26.87 ? 2113 HOH A O   1 
HETATM 1329 O O   . HOH C 3 .   ? -14.146 1.387   0.507   1.00 29.77 ? 2114 HOH A O   1 
HETATM 1330 O O   . HOH C 3 .   ? -10.449 7.860   8.745   1.00 42.98 ? 2115 HOH A O   1 
HETATM 1331 O O   . HOH C 3 .   ? -12.377 11.441  6.966   1.00 41.39 ? 2116 HOH A O   1 
HETATM 1332 O O   . HOH C 3 .   ? -6.319  10.872  12.653  1.00 41.62 ? 2117 HOH A O   1 
HETATM 1333 O O   . HOH C 3 .   ? -5.297  8.296   11.822  1.00 42.03 ? 2118 HOH A O   1 
HETATM 1334 O O   . HOH C 3 .   ? 1.513   8.205   13.433  1.00 48.05 ? 2119 HOH A O   1 
HETATM 1335 O O   . HOH C 3 .   ? -5.082  -3.590  11.250  1.00 40.06 ? 2120 HOH A O   1 
HETATM 1336 O O   . HOH C 3 .   ? -10.631 -0.268  10.661  1.00 41.03 ? 2121 HOH A O   1 
HETATM 1337 O O   . HOH C 3 .   ? -6.313  -8.174  7.903   1.00 33.72 ? 2122 HOH A O   1 
HETATM 1338 O O   . HOH C 3 .   ? -10.184 0.072   7.984   1.00 30.24 ? 2123 HOH A O   1 
HETATM 1339 O O   . HOH C 3 .   ? -6.649  -10.282 -4.179  1.00 37.24 ? 2124 HOH A O   1 
HETATM 1340 O O   . HOH C 3 .   ? -7.092  -11.636 -2.767  1.00 36.14 ? 2125 HOH A O   1 
HETATM 1341 O O   . HOH C 3 .   ? 10.174  -16.339 2.288   1.00 33.11 ? 2126 HOH A O   1 
HETATM 1342 O O   . HOH C 3 .   ? -4.489  -15.737 -0.536  1.00 40.02 ? 2127 HOH A O   1 
HETATM 1343 O O   . HOH C 3 .   ? -1.593  -12.718 7.994   1.00 27.55 ? 2128 HOH A O   1 
HETATM 1344 O O   . HOH C 3 .   ? -9.330  -7.516  6.559   1.00 38.38 ? 2129 HOH A O   1 
HETATM 1345 O O   . HOH C 3 .   ? -12.192 -10.206 -0.171  1.00 44.84 ? 2130 HOH A O   1 
HETATM 1346 O O   . HOH C 3 .   ? -14.573 -6.723  -0.019  1.00 33.36 ? 2131 HOH A O   1 
HETATM 1347 O O   . HOH C 3 .   ? -12.294 -10.665 -2.798  1.00 44.13 ? 2132 HOH A O   1 
HETATM 1348 O O   . HOH C 3 .   ? -11.303 -8.002  -6.115  1.00 43.77 ? 2133 HOH A O   1 
HETATM 1349 O O   . HOH C 3 .   ? -16.028 -8.636  -3.922  1.00 47.90 ? 2134 HOH A O   1 
HETATM 1350 O O   . HOH C 3 .   ? -7.991  -9.757  -8.437  1.00 42.23 ? 2135 HOH A O   1 
# 
loop_
_pdbx_poly_seq_scheme.asym_id 
_pdbx_poly_seq_scheme.entity_id 
_pdbx_poly_seq_scheme.seq_id 
_pdbx_poly_seq_scheme.mon_id 
_pdbx_poly_seq_scheme.ndb_seq_num 
_pdbx_poly_seq_scheme.pdb_seq_num 
_pdbx_poly_seq_scheme.auth_seq_num 
_pdbx_poly_seq_scheme.pdb_mon_id 
_pdbx_poly_seq_scheme.auth_mon_id 
_pdbx_poly_seq_scheme.pdb_strand_id 
_pdbx_poly_seq_scheme.pdb_ins_code 
_pdbx_poly_seq_scheme.hetero 
A 1 1   MET 1   1   ?   ?   ?   A . n 
A 1 2   GLY 2   2   ?   ?   ?   A . n 
A 1 3   PRO 3   3   3   PRO PRO A . n 
A 1 4   VAL 4   4   4   VAL VAL A . n 
A 1 5   GLN 5   5   5   GLN GLN A . n 
A 1 6   VAL 6   6   6   VAL VAL A . n 
A 1 7   ASN 7   7   7   ASN ASN A . n 
A 1 8   SER 8   8   8   SER SER A . n 
A 1 9   ASP 9   9   9   ASP ASP A . n 
A 1 10  LEU 10  10  10  LEU LEU A . n 
A 1 11  LYS 11  11  11  LYS LYS A . n 
A 1 12  LEU 12  12  12  LEU LEU A . n 
A 1 13  LEU 13  13  13  LEU LEU A . n 
A 1 14  PHE 14  14  14  PHE PHE A . n 
A 1 15  SER 15  15  15  SER SER A . n 
A 1 16  ASN 16  16  16  ASN ASN A . n 
A 1 17  ASN 17  17  17  ASN ASN A . n 
A 1 18  GLY 18  18  18  GLY GLY A . n 
A 1 19  ALA 19  19  19  ALA ALA A . n 
A 1 20  ALA 20  20  20  ALA ALA A . n 
A 1 21  ALA 21  21  21  ALA ALA A . n 
A 1 22  SER 22  22  22  SER SER A . n 
A 1 23  SER 23  23  23  SER SER A . n 
A 1 24  ASN 24  24  24  ASN ASN A . n 
A 1 25  GLN 25  25  25  GLN GLN A . n 
A 1 26  ILE 26  26  26  ILE ILE A . n 
A 1 27  TYR 27  27  27  TYR TYR A . n 
A 1 28  MET 28  28  28  MET MET A . n 
A 1 29  ASN 29  29  29  ASN ASN A . n 
A 1 30  MET 30  30  30  MET MET A . n 
A 1 31  LYS 31  31  31  LYS LYS A . n 
A 1 32  LEU 32  32  32  LEU LEU A . n 
A 1 33  GLN 33  33  33  GLN GLN A . n 
A 1 34  ASN 34  34  34  ASN ASN A . n 
A 1 35  THR 35  35  35  THR THR A . n 
A 1 36  GLY 36  36  36  GLY GLY A . n 
A 1 37  SER 37  37  37  SER SER A . n 
A 1 38  SER 38  38  38  SER SER A . n 
A 1 39  THR 39  39  39  THR THR A . n 
A 1 40  TYR 40  40  40  TYR TYR A . n 
A 1 41  ASP 41  41  41  ASP ASP A . n 
A 1 42  LEU 42  42  42  LEU LEU A . n 
A 1 43  SER 43  43  43  SER SER A . n 
A 1 44  LYS 44  44  44  LYS LYS A . n 
A 1 45  ILE 45  45  45  ILE ILE A . n 
A 1 46  THR 46  46  46  THR THR A . n 
A 1 47  ILE 47  47  47  ILE ILE A . n 
A 1 48  ARG 48  48  48  ARG ARG A . n 
A 1 49  TYR 49  49  49  TYR TYR A . n 
A 1 50  PHE 50  50  50  PHE PHE A . n 
A 1 51  TYR 51  51  51  TYR TYR A . n 
A 1 52  THR 52  52  52  THR THR A . n 
A 1 53  SER 53  53  53  SER SER A . n 
A 1 54  ASP 54  54  54  ASP ASP A . n 
A 1 55  ASP 55  55  55  ASP ASP A . n 
A 1 56  ASP 56  56  56  ASP ASP A . n 
A 1 57  LYS 57  57  57  LYS LYS A . n 
A 1 58  ALA 58  58  58  ALA ALA A . n 
A 1 59  LEU 59  59  59  LEU LEU A . n 
A 1 60  THR 60  60  60  THR THR A . n 
A 1 61  TYR 61  61  61  TYR TYR A . n 
A 1 62  TYR 62  62  62  TYR TYR A . n 
A 1 63  SER 63  63  63  SER SER A . n 
A 1 64  ASP 64  64  64  ASP ASP A . n 
A 1 65  TYR 65  65  65  TYR TYR A . n 
A 1 66  VAL 66  66  66  VAL VAL A . n 
A 1 67  SER 67  67  67  SER SER A . n 
A 1 68  ILE 68  68  68  ILE ILE A . n 
A 1 69  GLY 69  69  69  GLY GLY A . n 
A 1 70  SER 70  70  70  SER SER A . n 
A 1 71  ALA 71  71  71  ALA ALA A . n 
A 1 72  SER 72  72  72  SER SER A . n 
A 1 73  ALA 73  73  73  ALA ALA A . n 
A 1 74  THR 74  74  74  THR THR A . n 
A 1 75  PHE 75  75  75  PHE PHE A . n 
A 1 76  ASN 76  76  76  ASN ASN A . n 
A 1 77  ASN 77  77  77  ASN ASN A . n 
A 1 78  LEU 78  78  78  LEU LEU A . n 
A 1 79  SER 79  79  79  SER SER A . n 
A 1 80  PRO 80  80  80  PRO PRO A . n 
A 1 81  VAL 81  81  81  VAL VAL A . n 
A 1 82  HIS 82  82  82  HIS HIS A . n 
A 1 83  ALA 83  83  83  ALA ALA A . n 
A 1 84  LYS 84  84  84  LYS LYS A . n 
A 1 85  ALA 85  85  85  ALA ALA A . n 
A 1 86  ASN 86  86  86  ASN ASN A . n 
A 1 87  LYS 87  87  87  LYS LYS A . n 
A 1 88  TYR 88  88  88  TYR TYR A . n 
A 1 89  ILE 89  89  89  ILE ILE A . n 
A 1 90  GLU 90  90  90  GLU GLU A . n 
A 1 91  ILE 91  91  91  ILE ILE A . n 
A 1 92  LYS 92  92  92  LYS LYS A . n 
A 1 93  LEU 93  93  93  LEU LEU A . n 
A 1 94  ALA 94  94  94  ALA ALA A . n 
A 1 95  SER 95  95  95  SER SER A . n 
A 1 96  GLY 96  96  96  GLY GLY A . n 
A 1 97  THR 97  97  97  THR THR A . n 
A 1 98  LEU 98  98  98  LEU LEU A . n 
A 1 99  GLY 99  99  99  GLY GLY A . n 
A 1 100 ALA 100 100 100 ALA ALA A . n 
A 1 101 ALA 101 101 101 ALA ALA A . n 
A 1 102 GLY 102 102 102 GLY GLY A . n 
A 1 103 ALA 103 103 103 ALA ALA A . n 
A 1 104 GLN 104 104 104 GLN GLN A . n 
A 1 105 TRP 105 105 105 TRP TRP A . n 
A 1 106 PRO 106 106 106 PRO PRO A . n 
A 1 107 SER 107 107 107 SER SER A . n 
A 1 108 GLN 108 108 108 GLN GLN A . n 
A 1 109 SER 109 109 109 SER SER A . n 
A 1 110 GLU 110 110 110 GLU GLU A . n 
A 1 111 VAL 111 111 111 VAL VAL A . n 
A 1 112 THR 112 112 112 THR THR A . n 
A 1 113 ILE 113 113 113 ILE ILE A . n 
A 1 114 GLN 114 114 114 GLN GLN A . n 
A 1 115 GLY 115 115 115 GLY GLY A . n 
A 1 116 ARG 116 116 116 ARG ARG A . n 
A 1 117 VAL 117 117 117 VAL VAL A . n 
A 1 118 ALA 118 118 118 ALA ALA A . n 
A 1 119 LYS 119 119 119 LYS LYS A . n 
A 1 120 ALA 120 120 120 ALA ALA A . n 
A 1 121 ASP 121 121 121 ASP ASP A . n 
A 1 122 TRP 122 122 122 TRP TRP A . n 
A 1 123 THR 123 123 123 THR THR A . n 
A 1 124 ASN 124 124 124 ASN ASN A . n 
A 1 125 VAL 125 125 125 VAL VAL A . n 
A 1 126 ASP 126 126 126 ASP ASP A . n 
A 1 127 GLN 127 127 127 GLN GLN A . n 
A 1 128 SER 128 128 128 SER SER A . n 
A 1 129 ASN 129 129 129 ASN ASN A . n 
A 1 130 ASP 130 130 130 ASP ASP A . n 
A 1 131 TYR 131 131 131 TYR TYR A . n 
A 1 132 SER 132 132 132 SER SER A . n 
A 1 133 TYR 133 133 133 TYR TYR A . n 
A 1 134 PRO 134 134 134 PRO PRO A . n 
A 1 135 GLY 135 135 135 GLY GLY A . n 
A 1 136 SER 136 136 136 SER SER A . n 
A 1 137 MET 137 137 137 MET MET A . n 
A 1 138 SER 138 138 138 SER SER A . n 
A 1 139 GLN 139 139 139 GLN GLN A . n 
A 1 140 PHE 140 140 140 PHE PHE A . n 
A 1 141 GLY 141 141 141 GLY GLY A . n 
A 1 142 GLU 142 142 142 GLU GLU A . n 
A 1 143 ASN 143 143 143 ASN ASN A . n 
A 1 144 LYS 144 144 144 LYS LYS A . n 
A 1 145 LEU 145 145 145 LEU LEU A . n 
A 1 146 VAL 146 146 146 VAL VAL A . n 
A 1 147 ALA 147 147 147 ALA ALA A . n 
A 1 148 VAL 148 148 148 VAL VAL A . n 
A 1 149 TYR 149 149 149 TYR TYR A . n 
A 1 150 TYR 150 150 150 TYR TYR A . n 
A 1 151 ASN 151 151 151 ASN ASN A . n 
A 1 152 GLY 152 152 152 GLY GLY A . n 
A 1 153 ALA 153 153 153 ALA ALA A . n 
A 1 154 LEU 154 154 154 LEU LEU A . n 
A 1 155 VAL 155 155 155 VAL VAL A . n 
A 1 156 TYR 156 156 156 TYR TYR A . n 
A 1 157 GLY 157 157 157 GLY GLY A . n 
A 1 158 THR 158 158 158 THR THR A . n 
A 1 159 PRO 159 159 159 PRO PRO A . n 
A 1 160 PRO 160 160 160 PRO PRO A . n 
# 
loop_
_pdbx_nonpoly_scheme.asym_id 
_pdbx_nonpoly_scheme.entity_id 
_pdbx_nonpoly_scheme.mon_id 
_pdbx_nonpoly_scheme.ndb_seq_num 
_pdbx_nonpoly_scheme.pdb_seq_num 
_pdbx_nonpoly_scheme.auth_seq_num 
_pdbx_nonpoly_scheme.pdb_mon_id 
_pdbx_nonpoly_scheme.auth_mon_id 
_pdbx_nonpoly_scheme.pdb_strand_id 
_pdbx_nonpoly_scheme.pdb_ins_code 
B 2 NO3 1   1161 1161 NO3 NO3 A . 
C 3 HOH 1   2001 2001 HOH HOH A . 
C 3 HOH 2   2002 2002 HOH HOH A . 
C 3 HOH 3   2003 2003 HOH HOH A . 
C 3 HOH 4   2004 2004 HOH HOH A . 
C 3 HOH 5   2005 2005 HOH HOH A . 
C 3 HOH 6   2006 2006 HOH HOH A . 
C 3 HOH 7   2007 2007 HOH HOH A . 
C 3 HOH 8   2008 2008 HOH HOH A . 
C 3 HOH 9   2009 2009 HOH HOH A . 
C 3 HOH 10  2010 2010 HOH HOH A . 
C 3 HOH 11  2011 2011 HOH HOH A . 
C 3 HOH 12  2012 2012 HOH HOH A . 
C 3 HOH 13  2013 2013 HOH HOH A . 
C 3 HOH 14  2014 2014 HOH HOH A . 
C 3 HOH 15  2015 2015 HOH HOH A . 
C 3 HOH 16  2016 2016 HOH HOH A . 
C 3 HOH 17  2017 2017 HOH HOH A . 
C 3 HOH 18  2018 2018 HOH HOH A . 
C 3 HOH 19  2019 2019 HOH HOH A . 
C 3 HOH 20  2020 2020 HOH HOH A . 
C 3 HOH 21  2021 2021 HOH HOH A . 
C 3 HOH 22  2022 2022 HOH HOH A . 
C 3 HOH 23  2023 2023 HOH HOH A . 
C 3 HOH 24  2024 2024 HOH HOH A . 
C 3 HOH 25  2025 2025 HOH HOH A . 
C 3 HOH 26  2026 2026 HOH HOH A . 
C 3 HOH 27  2027 2027 HOH HOH A . 
C 3 HOH 28  2028 2028 HOH HOH A . 
C 3 HOH 29  2029 2029 HOH HOH A . 
C 3 HOH 30  2030 2030 HOH HOH A . 
C 3 HOH 31  2031 2031 HOH HOH A . 
C 3 HOH 32  2032 2032 HOH HOH A . 
C 3 HOH 33  2033 2033 HOH HOH A . 
C 3 HOH 34  2034 2034 HOH HOH A . 
C 3 HOH 35  2035 2035 HOH HOH A . 
C 3 HOH 36  2036 2036 HOH HOH A . 
C 3 HOH 37  2037 2037 HOH HOH A . 
C 3 HOH 38  2038 2038 HOH HOH A . 
C 3 HOH 39  2039 2039 HOH HOH A . 
C 3 HOH 40  2040 2040 HOH HOH A . 
C 3 HOH 41  2041 2041 HOH HOH A . 
C 3 HOH 42  2042 2042 HOH HOH A . 
C 3 HOH 43  2043 2043 HOH HOH A . 
C 3 HOH 44  2044 2044 HOH HOH A . 
C 3 HOH 45  2045 2045 HOH HOH A . 
C 3 HOH 46  2046 2046 HOH HOH A . 
C 3 HOH 47  2047 2047 HOH HOH A . 
C 3 HOH 48  2048 2048 HOH HOH A . 
C 3 HOH 49  2049 2049 HOH HOH A . 
C 3 HOH 50  2050 2050 HOH HOH A . 
C 3 HOH 51  2051 2051 HOH HOH A . 
C 3 HOH 52  2052 2052 HOH HOH A . 
C 3 HOH 53  2053 2053 HOH HOH A . 
C 3 HOH 54  2054 2054 HOH HOH A . 
C 3 HOH 55  2055 2055 HOH HOH A . 
C 3 HOH 56  2056 2056 HOH HOH A . 
C 3 HOH 57  2057 2057 HOH HOH A . 
C 3 HOH 58  2058 2058 HOH HOH A . 
C 3 HOH 59  2059 2059 HOH HOH A . 
C 3 HOH 60  2060 2060 HOH HOH A . 
C 3 HOH 61  2061 2061 HOH HOH A . 
C 3 HOH 62  2062 2062 HOH HOH A . 
C 3 HOH 63  2063 2063 HOH HOH A . 
C 3 HOH 64  2064 2064 HOH HOH A . 
C 3 HOH 65  2065 2065 HOH HOH A . 
C 3 HOH 66  2066 2066 HOH HOH A . 
C 3 HOH 67  2067 2067 HOH HOH A . 
C 3 HOH 68  2068 2068 HOH HOH A . 
C 3 HOH 69  2069 2069 HOH HOH A . 
C 3 HOH 70  2070 2070 HOH HOH A . 
C 3 HOH 71  2071 2071 HOH HOH A . 
C 3 HOH 72  2072 2072 HOH HOH A . 
C 3 HOH 73  2073 2073 HOH HOH A . 
C 3 HOH 74  2074 2074 HOH HOH A . 
C 3 HOH 75  2075 2075 HOH HOH A . 
C 3 HOH 76  2076 2076 HOH HOH A . 
C 3 HOH 77  2077 2077 HOH HOH A . 
C 3 HOH 78  2078 2078 HOH HOH A . 
C 3 HOH 79  2079 2079 HOH HOH A . 
C 3 HOH 80  2080 2080 HOH HOH A . 
C 3 HOH 81  2081 2081 HOH HOH A . 
C 3 HOH 82  2082 2082 HOH HOH A . 
C 3 HOH 83  2083 2083 HOH HOH A . 
C 3 HOH 84  2084 2084 HOH HOH A . 
C 3 HOH 85  2085 2085 HOH HOH A . 
C 3 HOH 86  2086 2086 HOH HOH A . 
C 3 HOH 87  2087 2087 HOH HOH A . 
C 3 HOH 88  2088 2088 HOH HOH A . 
C 3 HOH 89  2089 2089 HOH HOH A . 
C 3 HOH 90  2090 2090 HOH HOH A . 
C 3 HOH 91  2091 2091 HOH HOH A . 
C 3 HOH 92  2092 2092 HOH HOH A . 
C 3 HOH 93  2093 2093 HOH HOH A . 
C 3 HOH 94  2094 2094 HOH HOH A . 
C 3 HOH 95  2095 2095 HOH HOH A . 
C 3 HOH 96  2096 2096 HOH HOH A . 
C 3 HOH 97  2097 2097 HOH HOH A . 
C 3 HOH 98  2098 2098 HOH HOH A . 
C 3 HOH 99  2099 2099 HOH HOH A . 
C 3 HOH 100 2100 2100 HOH HOH A . 
C 3 HOH 101 2101 2101 HOH HOH A . 
C 3 HOH 102 2102 2102 HOH HOH A . 
C 3 HOH 103 2103 2103 HOH HOH A . 
C 3 HOH 104 2104 2104 HOH HOH A . 
C 3 HOH 105 2105 2105 HOH HOH A . 
C 3 HOH 106 2106 2106 HOH HOH A . 
C 3 HOH 107 2107 2107 HOH HOH A . 
C 3 HOH 108 2108 2108 HOH HOH A . 
C 3 HOH 109 2109 2109 HOH HOH A . 
C 3 HOH 110 2110 2110 HOH HOH A . 
C 3 HOH 111 2111 2111 HOH HOH A . 
C 3 HOH 112 2112 2112 HOH HOH A . 
C 3 HOH 113 2113 2113 HOH HOH A . 
C 3 HOH 114 2114 2114 HOH HOH A . 
C 3 HOH 115 2115 2115 HOH HOH A . 
C 3 HOH 116 2116 2116 HOH HOH A . 
C 3 HOH 117 2117 2117 HOH HOH A . 
C 3 HOH 118 2118 2118 HOH HOH A . 
C 3 HOH 119 2119 2119 HOH HOH A . 
C 3 HOH 120 2120 2120 HOH HOH A . 
C 3 HOH 121 2121 2121 HOH HOH A . 
C 3 HOH 122 2122 2122 HOH HOH A . 
C 3 HOH 123 2123 2123 HOH HOH A . 
C 3 HOH 124 2124 2124 HOH HOH A . 
C 3 HOH 125 2125 2125 HOH HOH A . 
C 3 HOH 126 2126 2126 HOH HOH A . 
C 3 HOH 127 2127 2127 HOH HOH A . 
C 3 HOH 128 2128 2128 HOH HOH A . 
C 3 HOH 129 2129 2129 HOH HOH A . 
C 3 HOH 130 2130 2130 HOH HOH A . 
C 3 HOH 131 2131 2131 HOH HOH A . 
C 3 HOH 132 2132 2132 HOH HOH A . 
C 3 HOH 133 2133 2133 HOH HOH A . 
C 3 HOH 134 2134 2134 HOH HOH A . 
C 3 HOH 135 2135 2135 HOH HOH A . 
# 
_pdbx_struct_assembly.id                   1 
_pdbx_struct_assembly.details              author_and_software_defined_assembly 
_pdbx_struct_assembly.method_details       PISA 
_pdbx_struct_assembly.oligomeric_details   monomeric 
_pdbx_struct_assembly.oligomeric_count     1 
# 
_pdbx_struct_assembly_gen.assembly_id       1 
_pdbx_struct_assembly_gen.oper_expression   1 
_pdbx_struct_assembly_gen.asym_id_list      A,B,C 
# 
_pdbx_struct_oper_list.id                   1 
_pdbx_struct_oper_list.type                 'identity operation' 
_pdbx_struct_oper_list.name                 1_555 
_pdbx_struct_oper_list.symmetry_operation   x,y,z 
_pdbx_struct_oper_list.matrix[1][1]         1.0000000000 
_pdbx_struct_oper_list.matrix[1][2]         0.0000000000 
_pdbx_struct_oper_list.matrix[1][3]         0.0000000000 
_pdbx_struct_oper_list.vector[1]            0.0000000000 
_pdbx_struct_oper_list.matrix[2][1]         0.0000000000 
_pdbx_struct_oper_list.matrix[2][2]         1.0000000000 
_pdbx_struct_oper_list.matrix[2][3]         0.0000000000 
_pdbx_struct_oper_list.vector[2]            0.0000000000 
_pdbx_struct_oper_list.matrix[3][1]         0.0000000000 
_pdbx_struct_oper_list.matrix[3][2]         0.0000000000 
_pdbx_struct_oper_list.matrix[3][3]         1.0000000000 
_pdbx_struct_oper_list.vector[3]            0.0000000000 
# 
loop_
_pdbx_audit_revision_history.ordinal 
_pdbx_audit_revision_history.data_content_type 
_pdbx_audit_revision_history.major_revision 
_pdbx_audit_revision_history.minor_revision 
_pdbx_audit_revision_history.revision_date 
1 'Structure model' 1 0 2011-04-06 
2 'Structure model' 1 1 2012-03-28 
3 'Structure model' 1 2 2023-12-20 
# 
_pdbx_audit_revision_details.ordinal             1 
_pdbx_audit_revision_details.revision_ordinal    1 
_pdbx_audit_revision_details.data_content_type   'Structure model' 
_pdbx_audit_revision_details.provider            repository 
_pdbx_audit_revision_details.type                'Initial release' 
_pdbx_audit_revision_details.description         ? 
_pdbx_audit_revision_details.details             ? 
# 
loop_
_pdbx_audit_revision_group.ordinal 
_pdbx_audit_revision_group.revision_ordinal 
_pdbx_audit_revision_group.data_content_type 
_pdbx_audit_revision_group.group 
1 2 'Structure model' 'Database references'       
2 2 'Structure model' 'Version format compliance' 
3 3 'Structure model' 'Data collection'           
4 3 'Structure model' 'Database references'       
5 3 'Structure model' 'Derived calculations'      
6 3 'Structure model' Other                       
7 3 'Structure model' 'Refinement description'    
# 
loop_
_pdbx_audit_revision_category.ordinal 
_pdbx_audit_revision_category.revision_ordinal 
_pdbx_audit_revision_category.data_content_type 
_pdbx_audit_revision_category.category 
1 3 'Structure model' chem_comp_atom                
2 3 'Structure model' chem_comp_bond                
3 3 'Structure model' database_2                    
4 3 'Structure model' pdbx_database_status          
5 3 'Structure model' pdbx_initial_refinement_model 
6 3 'Structure model' struct_site                   
# 
loop_
_pdbx_audit_revision_item.ordinal 
_pdbx_audit_revision_item.revision_ordinal 
_pdbx_audit_revision_item.data_content_type 
_pdbx_audit_revision_item.item 
1 3 'Structure model' '_database_2.pdbx_DOI'                 
2 3 'Structure model' '_database_2.pdbx_database_accession'  
3 3 'Structure model' '_pdbx_database_status.status_code_sf' 
4 3 'Structure model' '_struct_site.pdbx_auth_asym_id'       
5 3 'Structure model' '_struct_site.pdbx_auth_comp_id'       
6 3 'Structure model' '_struct_site.pdbx_auth_seq_id'        
# 
loop_
_software.name 
_software.classification 
_software.version 
_software.citation_id 
_software.pdbx_ordinal 
PHENIX    refinement       '(PHENIX.REFINE)' ? 1 
DENZO     'data reduction' .                 ? 2 
SCALEPACK 'data scaling'   .                 ? 3 
PHASER    phasing          .                 ? 4 
# 
loop_
_pdbx_validate_close_contact.id 
_pdbx_validate_close_contact.PDB_model_num 
_pdbx_validate_close_contact.auth_atom_id_1 
_pdbx_validate_close_contact.auth_asym_id_1 
_pdbx_validate_close_contact.auth_comp_id_1 
_pdbx_validate_close_contact.auth_seq_id_1 
_pdbx_validate_close_contact.PDB_ins_code_1 
_pdbx_validate_close_contact.label_alt_id_1 
_pdbx_validate_close_contact.auth_atom_id_2 
_pdbx_validate_close_contact.auth_asym_id_2 
_pdbx_validate_close_contact.auth_comp_id_2 
_pdbx_validate_close_contact.auth_seq_id_2 
_pdbx_validate_close_contact.PDB_ins_code_2 
_pdbx_validate_close_contact.label_alt_id_2 
_pdbx_validate_close_contact.dist 
1 1 O   A HOH 2029 ? ? O A HOH 2030 ? ? 1.81 
2 1 O   A HOH 2056 ? ? O A HOH 2060 ? ? 1.89 
3 1 O   A HOH 2024 ? ? O A HOH 2074 ? ? 1.99 
4 1 OD1 A ASP 41   ? ? O A HOH 2041 ? ? 1.99 
5 1 O   A HOH 2124 ? ? O A HOH 2125 ? ? 2.01 
6 1 OXT A PRO 160  ? ? O A HOH 2134 ? ? 2.18 
# 
loop_
_pdbx_validate_symm_contact.id 
_pdbx_validate_symm_contact.PDB_model_num 
_pdbx_validate_symm_contact.auth_atom_id_1 
_pdbx_validate_symm_contact.auth_asym_id_1 
_pdbx_validate_symm_contact.auth_comp_id_1 
_pdbx_validate_symm_contact.auth_seq_id_1 
_pdbx_validate_symm_contact.PDB_ins_code_1 
_pdbx_validate_symm_contact.label_alt_id_1 
_pdbx_validate_symm_contact.site_symmetry_1 
_pdbx_validate_symm_contact.auth_atom_id_2 
_pdbx_validate_symm_contact.auth_asym_id_2 
_pdbx_validate_symm_contact.auth_comp_id_2 
_pdbx_validate_symm_contact.auth_seq_id_2 
_pdbx_validate_symm_contact.PDB_ins_code_2 
_pdbx_validate_symm_contact.label_alt_id_2 
_pdbx_validate_symm_contact.site_symmetry_2 
_pdbx_validate_symm_contact.dist 
1 1 O A HOH 2012 ? ? 1_555 O A HOH 2033 ? ? 4_564 1.99 
2 1 O A HOH 2012 ? ? 1_555 O A HOH 2091 ? ? 4_564 2.10 
# 
loop_
_pdbx_validate_torsion.id 
_pdbx_validate_torsion.PDB_model_num 
_pdbx_validate_torsion.auth_comp_id 
_pdbx_validate_torsion.auth_asym_id 
_pdbx_validate_torsion.auth_seq_id 
_pdbx_validate_torsion.PDB_ins_code 
_pdbx_validate_torsion.label_alt_id 
_pdbx_validate_torsion.phi 
_pdbx_validate_torsion.psi 
1 1 ASP A 54  ? ? -21.34  -60.82 
2 1 ASP A 55  ? ? -176.00 34.54  
3 1 TRP A 122 ? ? 77.53   -5.39  
# 
loop_
_pdbx_unobs_or_zero_occ_residues.id 
_pdbx_unobs_or_zero_occ_residues.PDB_model_num 
_pdbx_unobs_or_zero_occ_residues.polymer_flag 
_pdbx_unobs_or_zero_occ_residues.occupancy_flag 
_pdbx_unobs_or_zero_occ_residues.auth_asym_id 
_pdbx_unobs_or_zero_occ_residues.auth_comp_id 
_pdbx_unobs_or_zero_occ_residues.auth_seq_id 
_pdbx_unobs_or_zero_occ_residues.PDB_ins_code 
_pdbx_unobs_or_zero_occ_residues.label_asym_id 
_pdbx_unobs_or_zero_occ_residues.label_comp_id 
_pdbx_unobs_or_zero_occ_residues.label_seq_id 
1 1 Y 1 A MET 1 ? A MET 1 
2 1 Y 1 A GLY 2 ? A GLY 2 
# 
loop_
_chem_comp_atom.comp_id 
_chem_comp_atom.atom_id 
_chem_comp_atom.type_symbol 
_chem_comp_atom.pdbx_aromatic_flag 
_chem_comp_atom.pdbx_stereo_config 
_chem_comp_atom.pdbx_ordinal 
ALA N    N N N 1   
ALA CA   C N S 2   
ALA C    C N N 3   
ALA O    O N N 4   
ALA CB   C N N 5   
ALA OXT  O N N 6   
ALA H    H N N 7   
ALA H2   H N N 8   
ALA HA   H N N 9   
ALA HB1  H N N 10  
ALA HB2  H N N 11  
ALA HB3  H N N 12  
ALA HXT  H N N 13  
ARG N    N N N 14  
ARG CA   C N S 15  
ARG C    C N N 16  
ARG O    O N N 17  
ARG CB   C N N 18  
ARG CG   C N N 19  
ARG CD   C N N 20  
ARG NE   N N N 21  
ARG CZ   C N N 22  
ARG NH1  N N N 23  
ARG NH2  N N N 24  
ARG OXT  O N N 25  
ARG H    H N N 26  
ARG H2   H N N 27  
ARG HA   H N N 28  
ARG HB2  H N N 29  
ARG HB3  H N N 30  
ARG HG2  H N N 31  
ARG HG3  H N N 32  
ARG HD2  H N N 33  
ARG HD3  H N N 34  
ARG HE   H N N 35  
ARG HH11 H N N 36  
ARG HH12 H N N 37  
ARG HH21 H N N 38  
ARG HH22 H N N 39  
ARG HXT  H N N 40  
ASN N    N N N 41  
ASN CA   C N S 42  
ASN C    C N N 43  
ASN O    O N N 44  
ASN CB   C N N 45  
ASN CG   C N N 46  
ASN OD1  O N N 47  
ASN ND2  N N N 48  
ASN OXT  O N N 49  
ASN H    H N N 50  
ASN H2   H N N 51  
ASN HA   H N N 52  
ASN HB2  H N N 53  
ASN HB3  H N N 54  
ASN HD21 H N N 55  
ASN HD22 H N N 56  
ASN HXT  H N N 57  
ASP N    N N N 58  
ASP CA   C N S 59  
ASP C    C N N 60  
ASP O    O N N 61  
ASP CB   C N N 62  
ASP CG   C N N 63  
ASP OD1  O N N 64  
ASP OD2  O N N 65  
ASP OXT  O N N 66  
ASP H    H N N 67  
ASP H2   H N N 68  
ASP HA   H N N 69  
ASP HB2  H N N 70  
ASP HB3  H N N 71  
ASP HD2  H N N 72  
ASP HXT  H N N 73  
CYS N    N N N 74  
CYS CA   C N R 75  
CYS C    C N N 76  
CYS O    O N N 77  
CYS CB   C N N 78  
CYS SG   S N N 79  
CYS OXT  O N N 80  
CYS H    H N N 81  
CYS H2   H N N 82  
CYS HA   H N N 83  
CYS HB2  H N N 84  
CYS HB3  H N N 85  
CYS HG   H N N 86  
CYS HXT  H N N 87  
GLN N    N N N 88  
GLN CA   C N S 89  
GLN C    C N N 90  
GLN O    O N N 91  
GLN CB   C N N 92  
GLN CG   C N N 93  
GLN CD   C N N 94  
GLN OE1  O N N 95  
GLN NE2  N N N 96  
GLN OXT  O N N 97  
GLN H    H N N 98  
GLN H2   H N N 99  
GLN HA   H N N 100 
GLN HB2  H N N 101 
GLN HB3  H N N 102 
GLN HG2  H N N 103 
GLN HG3  H N N 104 
GLN HE21 H N N 105 
GLN HE22 H N N 106 
GLN HXT  H N N 107 
GLU N    N N N 108 
GLU CA   C N S 109 
GLU C    C N N 110 
GLU O    O N N 111 
GLU CB   C N N 112 
GLU CG   C N N 113 
GLU CD   C N N 114 
GLU OE1  O N N 115 
GLU OE2  O N N 116 
GLU OXT  O N N 117 
GLU H    H N N 118 
GLU H2   H N N 119 
GLU HA   H N N 120 
GLU HB2  H N N 121 
GLU HB3  H N N 122 
GLU HG2  H N N 123 
GLU HG3  H N N 124 
GLU HE2  H N N 125 
GLU HXT  H N N 126 
GLY N    N N N 127 
GLY CA   C N N 128 
GLY C    C N N 129 
GLY O    O N N 130 
GLY OXT  O N N 131 
GLY H    H N N 132 
GLY H2   H N N 133 
GLY HA2  H N N 134 
GLY HA3  H N N 135 
GLY HXT  H N N 136 
HIS N    N N N 137 
HIS CA   C N S 138 
HIS C    C N N 139 
HIS O    O N N 140 
HIS CB   C N N 141 
HIS CG   C Y N 142 
HIS ND1  N Y N 143 
HIS CD2  C Y N 144 
HIS CE1  C Y N 145 
HIS NE2  N Y N 146 
HIS OXT  O N N 147 
HIS H    H N N 148 
HIS H2   H N N 149 
HIS HA   H N N 150 
HIS HB2  H N N 151 
HIS HB3  H N N 152 
HIS HD1  H N N 153 
HIS HD2  H N N 154 
HIS HE1  H N N 155 
HIS HE2  H N N 156 
HIS HXT  H N N 157 
HOH O    O N N 158 
HOH H1   H N N 159 
HOH H2   H N N 160 
ILE N    N N N 161 
ILE CA   C N S 162 
ILE C    C N N 163 
ILE O    O N N 164 
ILE CB   C N S 165 
ILE CG1  C N N 166 
ILE CG2  C N N 167 
ILE CD1  C N N 168 
ILE OXT  O N N 169 
ILE H    H N N 170 
ILE H2   H N N 171 
ILE HA   H N N 172 
ILE HB   H N N 173 
ILE HG12 H N N 174 
ILE HG13 H N N 175 
ILE HG21 H N N 176 
ILE HG22 H N N 177 
ILE HG23 H N N 178 
ILE HD11 H N N 179 
ILE HD12 H N N 180 
ILE HD13 H N N 181 
ILE HXT  H N N 182 
LEU N    N N N 183 
LEU CA   C N S 184 
LEU C    C N N 185 
LEU O    O N N 186 
LEU CB   C N N 187 
LEU CG   C N N 188 
LEU CD1  C N N 189 
LEU CD2  C N N 190 
LEU OXT  O N N 191 
LEU H    H N N 192 
LEU H2   H N N 193 
LEU HA   H N N 194 
LEU HB2  H N N 195 
LEU HB3  H N N 196 
LEU HG   H N N 197 
LEU HD11 H N N 198 
LEU HD12 H N N 199 
LEU HD13 H N N 200 
LEU HD21 H N N 201 
LEU HD22 H N N 202 
LEU HD23 H N N 203 
LEU HXT  H N N 204 
LYS N    N N N 205 
LYS CA   C N S 206 
LYS C    C N N 207 
LYS O    O N N 208 
LYS CB   C N N 209 
LYS CG   C N N 210 
LYS CD   C N N 211 
LYS CE   C N N 212 
LYS NZ   N N N 213 
LYS OXT  O N N 214 
LYS H    H N N 215 
LYS H2   H N N 216 
LYS HA   H N N 217 
LYS HB2  H N N 218 
LYS HB3  H N N 219 
LYS HG2  H N N 220 
LYS HG3  H N N 221 
LYS HD2  H N N 222 
LYS HD3  H N N 223 
LYS HE2  H N N 224 
LYS HE3  H N N 225 
LYS HZ1  H N N 226 
LYS HZ2  H N N 227 
LYS HZ3  H N N 228 
LYS HXT  H N N 229 
MET N    N N N 230 
MET CA   C N S 231 
MET C    C N N 232 
MET O    O N N 233 
MET CB   C N N 234 
MET CG   C N N 235 
MET SD   S N N 236 
MET CE   C N N 237 
MET OXT  O N N 238 
MET H    H N N 239 
MET H2   H N N 240 
MET HA   H N N 241 
MET HB2  H N N 242 
MET HB3  H N N 243 
MET HG2  H N N 244 
MET HG3  H N N 245 
MET HE1  H N N 246 
MET HE2  H N N 247 
MET HE3  H N N 248 
MET HXT  H N N 249 
NO3 N    N N N 250 
NO3 O1   O N N 251 
NO3 O2   O N N 252 
NO3 O3   O N N 253 
PHE N    N N N 254 
PHE CA   C N S 255 
PHE C    C N N 256 
PHE O    O N N 257 
PHE CB   C N N 258 
PHE CG   C Y N 259 
PHE CD1  C Y N 260 
PHE CD2  C Y N 261 
PHE CE1  C Y N 262 
PHE CE2  C Y N 263 
PHE CZ   C Y N 264 
PHE OXT  O N N 265 
PHE H    H N N 266 
PHE H2   H N N 267 
PHE HA   H N N 268 
PHE HB2  H N N 269 
PHE HB3  H N N 270 
PHE HD1  H N N 271 
PHE HD2  H N N 272 
PHE HE1  H N N 273 
PHE HE2  H N N 274 
PHE HZ   H N N 275 
PHE HXT  H N N 276 
PRO N    N N N 277 
PRO CA   C N S 278 
PRO C    C N N 279 
PRO O    O N N 280 
PRO CB   C N N 281 
PRO CG   C N N 282 
PRO CD   C N N 283 
PRO OXT  O N N 284 
PRO H    H N N 285 
PRO HA   H N N 286 
PRO HB2  H N N 287 
PRO HB3  H N N 288 
PRO HG2  H N N 289 
PRO HG3  H N N 290 
PRO HD2  H N N 291 
PRO HD3  H N N 292 
PRO HXT  H N N 293 
SER N    N N N 294 
SER CA   C N S 295 
SER C    C N N 296 
SER O    O N N 297 
SER CB   C N N 298 
SER OG   O N N 299 
SER OXT  O N N 300 
SER H    H N N 301 
SER H2   H N N 302 
SER HA   H N N 303 
SER HB2  H N N 304 
SER HB3  H N N 305 
SER HG   H N N 306 
SER HXT  H N N 307 
THR N    N N N 308 
THR CA   C N S 309 
THR C    C N N 310 
THR O    O N N 311 
THR CB   C N R 312 
THR OG1  O N N 313 
THR CG2  C N N 314 
THR OXT  O N N 315 
THR H    H N N 316 
THR H2   H N N 317 
THR HA   H N N 318 
THR HB   H N N 319 
THR HG1  H N N 320 
THR HG21 H N N 321 
THR HG22 H N N 322 
THR HG23 H N N 323 
THR HXT  H N N 324 
TRP N    N N N 325 
TRP CA   C N S 326 
TRP C    C N N 327 
TRP O    O N N 328 
TRP CB   C N N 329 
TRP CG   C Y N 330 
TRP CD1  C Y N 331 
TRP CD2  C Y N 332 
TRP NE1  N Y N 333 
TRP CE2  C Y N 334 
TRP CE3  C Y N 335 
TRP CZ2  C Y N 336 
TRP CZ3  C Y N 337 
TRP CH2  C Y N 338 
TRP OXT  O N N 339 
TRP H    H N N 340 
TRP H2   H N N 341 
TRP HA   H N N 342 
TRP HB2  H N N 343 
TRP HB3  H N N 344 
TRP HD1  H N N 345 
TRP HE1  H N N 346 
TRP HE3  H N N 347 
TRP HZ2  H N N 348 
TRP HZ3  H N N 349 
TRP HH2  H N N 350 
TRP HXT  H N N 351 
TYR N    N N N 352 
TYR CA   C N S 353 
TYR C    C N N 354 
TYR O    O N N 355 
TYR CB   C N N 356 
TYR CG   C Y N 357 
TYR CD1  C Y N 358 
TYR CD2  C Y N 359 
TYR CE1  C Y N 360 
TYR CE2  C Y N 361 
TYR CZ   C Y N 362 
TYR OH   O N N 363 
TYR OXT  O N N 364 
TYR H    H N N 365 
TYR H2   H N N 366 
TYR HA   H N N 367 
TYR HB2  H N N 368 
TYR HB3  H N N 369 
TYR HD1  H N N 370 
TYR HD2  H N N 371 
TYR HE1  H N N 372 
TYR HE2  H N N 373 
TYR HH   H N N 374 
TYR HXT  H N N 375 
VAL N    N N N 376 
VAL CA   C N S 377 
VAL C    C N N 378 
VAL O    O N N 379 
VAL CB   C N N 380 
VAL CG1  C N N 381 
VAL CG2  C N N 382 
VAL OXT  O N N 383 
VAL H    H N N 384 
VAL H2   H N N 385 
VAL HA   H N N 386 
VAL HB   H N N 387 
VAL HG11 H N N 388 
VAL HG12 H N N 389 
VAL HG13 H N N 390 
VAL HG21 H N N 391 
VAL HG22 H N N 392 
VAL HG23 H N N 393 
VAL HXT  H N N 394 
# 
loop_
_chem_comp_bond.comp_id 
_chem_comp_bond.atom_id_1 
_chem_comp_bond.atom_id_2 
_chem_comp_bond.value_order 
_chem_comp_bond.pdbx_aromatic_flag 
_chem_comp_bond.pdbx_stereo_config 
_chem_comp_bond.pdbx_ordinal 
ALA N   CA   sing N N 1   
ALA N   H    sing N N 2   
ALA N   H2   sing N N 3   
ALA CA  C    sing N N 4   
ALA CA  CB   sing N N 5   
ALA CA  HA   sing N N 6   
ALA C   O    doub N N 7   
ALA C   OXT  sing N N 8   
ALA CB  HB1  sing N N 9   
ALA CB  HB2  sing N N 10  
ALA CB  HB3  sing N N 11  
ALA OXT HXT  sing N N 12  
ARG N   CA   sing N N 13  
ARG N   H    sing N N 14  
ARG N   H2   sing N N 15  
ARG CA  C    sing N N 16  
ARG CA  CB   sing N N 17  
ARG CA  HA   sing N N 18  
ARG C   O    doub N N 19  
ARG C   OXT  sing N N 20  
ARG CB  CG   sing N N 21  
ARG CB  HB2  sing N N 22  
ARG CB  HB3  sing N N 23  
ARG CG  CD   sing N N 24  
ARG CG  HG2  sing N N 25  
ARG CG  HG3  sing N N 26  
ARG CD  NE   sing N N 27  
ARG CD  HD2  sing N N 28  
ARG CD  HD3  sing N N 29  
ARG NE  CZ   sing N N 30  
ARG NE  HE   sing N N 31  
ARG CZ  NH1  sing N N 32  
ARG CZ  NH2  doub N N 33  
ARG NH1 HH11 sing N N 34  
ARG NH1 HH12 sing N N 35  
ARG NH2 HH21 sing N N 36  
ARG NH2 HH22 sing N N 37  
ARG OXT HXT  sing N N 38  
ASN N   CA   sing N N 39  
ASN N   H    sing N N 40  
ASN N   H2   sing N N 41  
ASN CA  C    sing N N 42  
ASN CA  CB   sing N N 43  
ASN CA  HA   sing N N 44  
ASN C   O    doub N N 45  
ASN C   OXT  sing N N 46  
ASN CB  CG   sing N N 47  
ASN CB  HB2  sing N N 48  
ASN CB  HB3  sing N N 49  
ASN CG  OD1  doub N N 50  
ASN CG  ND2  sing N N 51  
ASN ND2 HD21 sing N N 52  
ASN ND2 HD22 sing N N 53  
ASN OXT HXT  sing N N 54  
ASP N   CA   sing N N 55  
ASP N   H    sing N N 56  
ASP N   H2   sing N N 57  
ASP CA  C    sing N N 58  
ASP CA  CB   sing N N 59  
ASP CA  HA   sing N N 60  
ASP C   O    doub N N 61  
ASP C   OXT  sing N N 62  
ASP CB  CG   sing N N 63  
ASP CB  HB2  sing N N 64  
ASP CB  HB3  sing N N 65  
ASP CG  OD1  doub N N 66  
ASP CG  OD2  sing N N 67  
ASP OD2 HD2  sing N N 68  
ASP OXT HXT  sing N N 69  
CYS N   CA   sing N N 70  
CYS N   H    sing N N 71  
CYS N   H2   sing N N 72  
CYS CA  C    sing N N 73  
CYS CA  CB   sing N N 74  
CYS CA  HA   sing N N 75  
CYS C   O    doub N N 76  
CYS C   OXT  sing N N 77  
CYS CB  SG   sing N N 78  
CYS CB  HB2  sing N N 79  
CYS CB  HB3  sing N N 80  
CYS SG  HG   sing N N 81  
CYS OXT HXT  sing N N 82  
GLN N   CA   sing N N 83  
GLN N   H    sing N N 84  
GLN N   H2   sing N N 85  
GLN CA  C    sing N N 86  
GLN CA  CB   sing N N 87  
GLN CA  HA   sing N N 88  
GLN C   O    doub N N 89  
GLN C   OXT  sing N N 90  
GLN CB  CG   sing N N 91  
GLN CB  HB2  sing N N 92  
GLN CB  HB3  sing N N 93  
GLN CG  CD   sing N N 94  
GLN CG  HG2  sing N N 95  
GLN CG  HG3  sing N N 96  
GLN CD  OE1  doub N N 97  
GLN CD  NE2  sing N N 98  
GLN NE2 HE21 sing N N 99  
GLN NE2 HE22 sing N N 100 
GLN OXT HXT  sing N N 101 
GLU N   CA   sing N N 102 
GLU N   H    sing N N 103 
GLU N   H2   sing N N 104 
GLU CA  C    sing N N 105 
GLU CA  CB   sing N N 106 
GLU CA  HA   sing N N 107 
GLU C   O    doub N N 108 
GLU C   OXT  sing N N 109 
GLU CB  CG   sing N N 110 
GLU CB  HB2  sing N N 111 
GLU CB  HB3  sing N N 112 
GLU CG  CD   sing N N 113 
GLU CG  HG2  sing N N 114 
GLU CG  HG3  sing N N 115 
GLU CD  OE1  doub N N 116 
GLU CD  OE2  sing N N 117 
GLU OE2 HE2  sing N N 118 
GLU OXT HXT  sing N N 119 
GLY N   CA   sing N N 120 
GLY N   H    sing N N 121 
GLY N   H2   sing N N 122 
GLY CA  C    sing N N 123 
GLY CA  HA2  sing N N 124 
GLY CA  HA3  sing N N 125 
GLY C   O    doub N N 126 
GLY C   OXT  sing N N 127 
GLY OXT HXT  sing N N 128 
HIS N   CA   sing N N 129 
HIS N   H    sing N N 130 
HIS N   H2   sing N N 131 
HIS CA  C    sing N N 132 
HIS CA  CB   sing N N 133 
HIS CA  HA   sing N N 134 
HIS C   O    doub N N 135 
HIS C   OXT  sing N N 136 
HIS CB  CG   sing N N 137 
HIS CB  HB2  sing N N 138 
HIS CB  HB3  sing N N 139 
HIS CG  ND1  sing Y N 140 
HIS CG  CD2  doub Y N 141 
HIS ND1 CE1  doub Y N 142 
HIS ND1 HD1  sing N N 143 
HIS CD2 NE2  sing Y N 144 
HIS CD2 HD2  sing N N 145 
HIS CE1 NE2  sing Y N 146 
HIS CE1 HE1  sing N N 147 
HIS NE2 HE2  sing N N 148 
HIS OXT HXT  sing N N 149 
HOH O   H1   sing N N 150 
HOH O   H2   sing N N 151 
ILE N   CA   sing N N 152 
ILE N   H    sing N N 153 
ILE N   H2   sing N N 154 
ILE CA  C    sing N N 155 
ILE CA  CB   sing N N 156 
ILE CA  HA   sing N N 157 
ILE C   O    doub N N 158 
ILE C   OXT  sing N N 159 
ILE CB  CG1  sing N N 160 
ILE CB  CG2  sing N N 161 
ILE CB  HB   sing N N 162 
ILE CG1 CD1  sing N N 163 
ILE CG1 HG12 sing N N 164 
ILE CG1 HG13 sing N N 165 
ILE CG2 HG21 sing N N 166 
ILE CG2 HG22 sing N N 167 
ILE CG2 HG23 sing N N 168 
ILE CD1 HD11 sing N N 169 
ILE CD1 HD12 sing N N 170 
ILE CD1 HD13 sing N N 171 
ILE OXT HXT  sing N N 172 
LEU N   CA   sing N N 173 
LEU N   H    sing N N 174 
LEU N   H2   sing N N 175 
LEU CA  C    sing N N 176 
LEU CA  CB   sing N N 177 
LEU CA  HA   sing N N 178 
LEU C   O    doub N N 179 
LEU C   OXT  sing N N 180 
LEU CB  CG   sing N N 181 
LEU CB  HB2  sing N N 182 
LEU CB  HB3  sing N N 183 
LEU CG  CD1  sing N N 184 
LEU CG  CD2  sing N N 185 
LEU CG  HG   sing N N 186 
LEU CD1 HD11 sing N N 187 
LEU CD1 HD12 sing N N 188 
LEU CD1 HD13 sing N N 189 
LEU CD2 HD21 sing N N 190 
LEU CD2 HD22 sing N N 191 
LEU CD2 HD23 sing N N 192 
LEU OXT HXT  sing N N 193 
LYS N   CA   sing N N 194 
LYS N   H    sing N N 195 
LYS N   H2   sing N N 196 
LYS CA  C    sing N N 197 
LYS CA  CB   sing N N 198 
LYS CA  HA   sing N N 199 
LYS C   O    doub N N 200 
LYS C   OXT  sing N N 201 
LYS CB  CG   sing N N 202 
LYS CB  HB2  sing N N 203 
LYS CB  HB3  sing N N 204 
LYS CG  CD   sing N N 205 
LYS CG  HG2  sing N N 206 
LYS CG  HG3  sing N N 207 
LYS CD  CE   sing N N 208 
LYS CD  HD2  sing N N 209 
LYS CD  HD3  sing N N 210 
LYS CE  NZ   sing N N 211 
LYS CE  HE2  sing N N 212 
LYS CE  HE3  sing N N 213 
LYS NZ  HZ1  sing N N 214 
LYS NZ  HZ2  sing N N 215 
LYS NZ  HZ3  sing N N 216 
LYS OXT HXT  sing N N 217 
MET N   CA   sing N N 218 
MET N   H    sing N N 219 
MET N   H2   sing N N 220 
MET CA  C    sing N N 221 
MET CA  CB   sing N N 222 
MET CA  HA   sing N N 223 
MET C   O    doub N N 224 
MET C   OXT  sing N N 225 
MET CB  CG   sing N N 226 
MET CB  HB2  sing N N 227 
MET CB  HB3  sing N N 228 
MET CG  SD   sing N N 229 
MET CG  HG2  sing N N 230 
MET CG  HG3  sing N N 231 
MET SD  CE   sing N N 232 
MET CE  HE1  sing N N 233 
MET CE  HE2  sing N N 234 
MET CE  HE3  sing N N 235 
MET OXT HXT  sing N N 236 
NO3 N   O1   doub N N 237 
NO3 N   O2   sing N N 238 
NO3 N   O3   sing N N 239 
PHE N   CA   sing N N 240 
PHE N   H    sing N N 241 
PHE N   H2   sing N N 242 
PHE CA  C    sing N N 243 
PHE CA  CB   sing N N 244 
PHE CA  HA   sing N N 245 
PHE C   O    doub N N 246 
PHE C   OXT  sing N N 247 
PHE CB  CG   sing N N 248 
PHE CB  HB2  sing N N 249 
PHE CB  HB3  sing N N 250 
PHE CG  CD1  doub Y N 251 
PHE CG  CD2  sing Y N 252 
PHE CD1 CE1  sing Y N 253 
PHE CD1 HD1  sing N N 254 
PHE CD2 CE2  doub Y N 255 
PHE CD2 HD2  sing N N 256 
PHE CE1 CZ   doub Y N 257 
PHE CE1 HE1  sing N N 258 
PHE CE2 CZ   sing Y N 259 
PHE CE2 HE2  sing N N 260 
PHE CZ  HZ   sing N N 261 
PHE OXT HXT  sing N N 262 
PRO N   CA   sing N N 263 
PRO N   CD   sing N N 264 
PRO N   H    sing N N 265 
PRO CA  C    sing N N 266 
PRO CA  CB   sing N N 267 
PRO CA  HA   sing N N 268 
PRO C   O    doub N N 269 
PRO C   OXT  sing N N 270 
PRO CB  CG   sing N N 271 
PRO CB  HB2  sing N N 272 
PRO CB  HB3  sing N N 273 
PRO CG  CD   sing N N 274 
PRO CG  HG2  sing N N 275 
PRO CG  HG3  sing N N 276 
PRO CD  HD2  sing N N 277 
PRO CD  HD3  sing N N 278 
PRO OXT HXT  sing N N 279 
SER N   CA   sing N N 280 
SER N   H    sing N N 281 
SER N   H2   sing N N 282 
SER CA  C    sing N N 283 
SER CA  CB   sing N N 284 
SER CA  HA   sing N N 285 
SER C   O    doub N N 286 
SER C   OXT  sing N N 287 
SER CB  OG   sing N N 288 
SER CB  HB2  sing N N 289 
SER CB  HB3  sing N N 290 
SER OG  HG   sing N N 291 
SER OXT HXT  sing N N 292 
THR N   CA   sing N N 293 
THR N   H    sing N N 294 
THR N   H2   sing N N 295 
THR CA  C    sing N N 296 
THR CA  CB   sing N N 297 
THR CA  HA   sing N N 298 
THR C   O    doub N N 299 
THR C   OXT  sing N N 300 
THR CB  OG1  sing N N 301 
THR CB  CG2  sing N N 302 
THR CB  HB   sing N N 303 
THR OG1 HG1  sing N N 304 
THR CG2 HG21 sing N N 305 
THR CG2 HG22 sing N N 306 
THR CG2 HG23 sing N N 307 
THR OXT HXT  sing N N 308 
TRP N   CA   sing N N 309 
TRP N   H    sing N N 310 
TRP N   H2   sing N N 311 
TRP CA  C    sing N N 312 
TRP CA  CB   sing N N 313 
TRP CA  HA   sing N N 314 
TRP C   O    doub N N 315 
TRP C   OXT  sing N N 316 
TRP CB  CG   sing N N 317 
TRP CB  HB2  sing N N 318 
TRP CB  HB3  sing N N 319 
TRP CG  CD1  doub Y N 320 
TRP CG  CD2  sing Y N 321 
TRP CD1 NE1  sing Y N 322 
TRP CD1 HD1  sing N N 323 
TRP CD2 CE2  doub Y N 324 
TRP CD2 CE3  sing Y N 325 
TRP NE1 CE2  sing Y N 326 
TRP NE1 HE1  sing N N 327 
TRP CE2 CZ2  sing Y N 328 
TRP CE3 CZ3  doub Y N 329 
TRP CE3 HE3  sing N N 330 
TRP CZ2 CH2  doub Y N 331 
TRP CZ2 HZ2  sing N N 332 
TRP CZ3 CH2  sing Y N 333 
TRP CZ3 HZ3  sing N N 334 
TRP CH2 HH2  sing N N 335 
TRP OXT HXT  sing N N 336 
TYR N   CA   sing N N 337 
TYR N   H    sing N N 338 
TYR N   H2   sing N N 339 
TYR CA  C    sing N N 340 
TYR CA  CB   sing N N 341 
TYR CA  HA   sing N N 342 
TYR C   O    doub N N 343 
TYR C   OXT  sing N N 344 
TYR CB  CG   sing N N 345 
TYR CB  HB2  sing N N 346 
TYR CB  HB3  sing N N 347 
TYR CG  CD1  doub Y N 348 
TYR CG  CD2  sing Y N 349 
TYR CD1 CE1  sing Y N 350 
TYR CD1 HD1  sing N N 351 
TYR CD2 CE2  doub Y N 352 
TYR CD2 HD2  sing N N 353 
TYR CE1 CZ   doub Y N 354 
TYR CE1 HE1  sing N N 355 
TYR CE2 CZ   sing Y N 356 
TYR CE2 HE2  sing N N 357 
TYR CZ  OH   sing N N 358 
TYR OH  HH   sing N N 359 
TYR OXT HXT  sing N N 360 
VAL N   CA   sing N N 361 
VAL N   H    sing N N 362 
VAL N   H2   sing N N 363 
VAL CA  C    sing N N 364 
VAL CA  CB   sing N N 365 
VAL CA  HA   sing N N 366 
VAL C   O    doub N N 367 
VAL C   OXT  sing N N 368 
VAL CB  CG1  sing N N 369 
VAL CB  CG2  sing N N 370 
VAL CB  HB   sing N N 371 
VAL CG1 HG11 sing N N 372 
VAL CG1 HG12 sing N N 373 
VAL CG1 HG13 sing N N 374 
VAL CG2 HG21 sing N N 375 
VAL CG2 HG22 sing N N 376 
VAL CG2 HG23 sing N N 377 
VAL OXT HXT  sing N N 378 
# 
loop_
_pdbx_entity_nonpoly.entity_id 
_pdbx_entity_nonpoly.name 
_pdbx_entity_nonpoly.comp_id 
2 'NITRATE ION' NO3 
3 water         HOH 
# 
_pdbx_initial_refinement_model.id               1 
_pdbx_initial_refinement_model.entity_id_list   ? 
_pdbx_initial_refinement_model.type             'experimental model' 
_pdbx_initial_refinement_model.source_name      PDB 
_pdbx_initial_refinement_model.accession_code   1NBC 
_pdbx_initial_refinement_model.details          'PDB ENTRY 1NBC' 
# 
